data_8DIS
#
_entry.id   8DIS
#
_cell.length_a   1.00
_cell.length_b   1.00
_cell.length_c   1.00
_cell.angle_alpha   90.00
_cell.angle_beta   90.00
_cell.angle_gamma   90.00
#
_symmetry.space_group_name_H-M   'P 1'
#
loop_
_entity.id
_entity.type
_entity.pdbx_description
1 polymer 'Hemagglutinin HA1 chain'
2 polymer 'Hemagglutinin HA2 chain'
3 polymer 'CR6261 Fab heavy chain'
4 polymer 'CR6261 Fab light chain'
5 branched 2-acetamido-2-deoxy-beta-D-glucopyranose-(1-4)-2-acetamido-2-deoxy-beta-D-glucopyranose
6 branched beta-D-mannopyranose-(1-4)-2-acetamido-2-deoxy-beta-D-glucopyranose-(1-4)-2-acetamido-2-deoxy-beta-D-glucopyranose
7 non-polymer 2-acetamido-2-deoxy-beta-D-glucopyranose
8 water water
#
loop_
_entity_poly.entity_id
_entity_poly.type
_entity_poly.pdbx_seq_one_letter_code
_entity_poly.pdbx_strand_id
1 'polypeptide(L)'
;MVLVNQSHQGFNKEHTSKMVSAIVLYVLLAAAAHSAFAGSDTICIGYHANNSTDTVDTVLEKNVTVTHSVNLLEDSHNGK
LCRLKGIAPLQLGKCNIAGWILGNPECDSLLPASSWSYIVETPNSKNGICYPGDFIDYEELREQLSSVSSFERFEIFPKE
SSWPKHSTTKGVTAACSHAGKSSFYRNLLWLTKKEDSYPKLSNSYVNKKGKEVLVLWGVHHPSSSKEQQTLYQNENAYVS
VVSSNYNRRFIPEIAERPEVKDQAGRINYYWTLLEPGDTIIFEANGNLVAPWYAFALSRGFGSGIITSNASMHECNTKCQ
TPQGAINSSLPFQNIHPVTIGECPKYVKSAKLRMVTGLRNIPSI
;
D,E,F
2 'polypeptide(L)'
;GLFGAIAGFIEGGWTGMIDGWYGYHHQNEQGSGYAADQKSTQNAINGITNKVNSVIEKMNTQFTAVGKEFNNLEKRMENL
NKKVDDGFLDIWTYNAELLVLLENERTLDFHDSNVKNLYEKVKIQLKNNAKEIGNGCFEFYHKCDNECMESVRNGTYDYP
KYSKEFLVPRGSPGSGYIPEAPRDGQAYVRKDGEWVLLSTFLGHHHHHH
;
d,e,f
3 'polypeptide(L)'
;MEWSWVFLFFLSVTTGVHSEVQLVESGAEVKKPGSSVKVSCKASGGPFRSYAISWVRQAPGQGPEWMGGIIPIFGTTKYA
PKFQGRVTITADDFAGTVYMELSSLRSEDTAMYYCAKHMGYQVRETMDVWGKGTTVTVSSASTKGPSVFPLAPSSKSTSG
GTAALGCLVKDYFPEPVTVSWNSGALTSGVHTFPAVLQSSGLYSLSSVVTVPSSSLGTQTYICNVNHKPSNTKVDKRVEP
KSCDKHHHHHH
;
H,A,B
4 'polypeptide(L)'
;MEWSWVFLFFLSVTTGVHSQSVLTQPPSVSAAPGQKVTISCSGSSSNIGNDYVSWYQQLPGTAPKLLIYDNNKRPSGIPD
RFSGSKSGTSATLGITGLQTGDEANYYCATWDRRPTAYVVFGGGTKLTVLGAAAGQPKAAPSVTLFPPSSEELQANKATL
VCLISDFYPGAVTVAWKADSSPVKAGVETTTPSKQSNNKYAASSYLSLTPEQWKSHRSYSCQVTHEGSTVEKTVAPTECS
;
C,G,L
#
loop_
_chem_comp.id
_chem_comp.type
_chem_comp.name
_chem_comp.formula
BMA D-saccharide, beta linking beta-D-mannopyranose 'C6 H12 O6'
NAG D-saccharide, beta linking 2-acetamido-2-deoxy-beta-D-glucopyranose 'C8 H15 N O6'
#
# COMPACT_ATOMS: atom_id res chain seq x y z
N SER A 40 -25.31 -21.92 -48.05
CA SER A 40 -25.80 -20.77 -48.78
C SER A 40 -24.93 -19.54 -48.56
N ASP A 41 -23.64 -19.68 -48.87
CA ASP A 41 -22.71 -18.54 -48.84
C ASP A 41 -22.72 -17.86 -47.48
N THR A 42 -22.22 -18.55 -46.45
CA THR A 42 -22.37 -18.11 -45.08
C THR A 42 -21.04 -17.54 -44.58
N ILE A 43 -21.09 -16.71 -43.53
CA ILE A 43 -19.87 -16.20 -42.91
C ILE A 43 -20.11 -16.02 -41.42
N CYS A 44 -19.10 -16.37 -40.61
CA CYS A 44 -19.24 -16.38 -39.16
C CYS A 44 -18.03 -15.73 -38.50
N ILE A 45 -18.25 -15.21 -37.29
CA ILE A 45 -17.22 -14.58 -36.46
C ILE A 45 -16.94 -15.50 -35.27
N GLY A 46 -15.68 -15.56 -34.85
CA GLY A 46 -15.34 -16.42 -33.73
C GLY A 46 -13.99 -16.09 -33.14
N TYR A 47 -13.62 -16.88 -32.13
CA TYR A 47 -12.39 -16.67 -31.37
C TYR A 47 -11.66 -17.99 -31.18
N HIS A 48 -10.51 -17.90 -30.50
CA HIS A 48 -9.52 -18.98 -30.48
C HIS A 48 -9.69 -19.88 -29.26
N ALA A 49 -9.37 -21.16 -29.43
CA ALA A 49 -9.33 -22.12 -28.33
C ALA A 49 -8.20 -23.12 -28.57
N ASN A 50 -7.68 -23.68 -27.48
CA ASN A 50 -6.59 -24.66 -27.57
C ASN A 50 -6.82 -25.70 -26.47
N ASN A 51 -5.79 -26.48 -26.18
CA ASN A 51 -5.89 -27.59 -25.23
C ASN A 51 -5.20 -27.28 -23.90
N SER A 52 -4.99 -26.01 -23.60
CA SER A 52 -4.30 -25.64 -22.38
C SER A 52 -5.19 -25.90 -21.16
N THR A 53 -4.55 -26.11 -20.01
CA THR A 53 -5.24 -26.39 -18.76
C THR A 53 -4.68 -25.55 -17.63
N ASP A 54 -4.40 -24.28 -17.91
CA ASP A 54 -3.85 -23.36 -16.92
C ASP A 54 -4.94 -22.39 -16.46
N THR A 55 -5.10 -22.28 -15.14
CA THR A 55 -6.20 -21.57 -14.53
C THR A 55 -5.69 -20.35 -13.77
N VAL A 56 -6.56 -19.35 -13.65
CA VAL A 56 -6.27 -18.10 -12.96
C VAL A 56 -7.43 -17.77 -12.03
N ASP A 57 -7.22 -16.75 -11.20
CA ASP A 57 -8.20 -16.30 -10.24
C ASP A 57 -8.55 -14.83 -10.50
N THR A 58 -9.85 -14.53 -10.48
CA THR A 58 -10.34 -13.16 -10.53
C THR A 58 -11.13 -12.89 -9.25
N VAL A 59 -11.71 -11.68 -9.17
CA VAL A 59 -12.46 -11.31 -7.98
C VAL A 59 -13.78 -12.07 -7.90
N LEU A 60 -14.48 -12.21 -9.03
CA LEU A 60 -15.79 -12.83 -9.06
C LEU A 60 -15.76 -14.34 -9.28
N GLU A 61 -14.60 -14.92 -9.53
CA GLU A 61 -14.55 -16.35 -9.84
C GLU A 61 -13.14 -16.88 -9.62
N LYS A 62 -13.04 -18.17 -9.30
CA LYS A 62 -11.78 -18.85 -9.12
C LYS A 62 -11.64 -19.98 -10.14
N ASN A 63 -10.39 -20.25 -10.53
CA ASN A 63 -10.05 -21.37 -11.41
C ASN A 63 -10.67 -21.21 -12.80
N VAL A 64 -10.36 -20.11 -13.46
CA VAL A 64 -10.78 -19.89 -14.84
C VAL A 64 -9.67 -20.35 -15.77
N THR A 65 -9.99 -21.27 -16.67
CA THR A 65 -9.02 -21.79 -17.61
C THR A 65 -8.83 -20.81 -18.76
N VAL A 66 -7.58 -20.47 -19.06
CA VAL A 66 -7.27 -19.47 -20.07
C VAL A 66 -6.40 -20.10 -21.16
N THR A 67 -6.38 -19.45 -22.32
CA THR A 67 -5.59 -19.93 -23.45
C THR A 67 -4.10 -19.67 -23.27
N HIS A 68 -3.73 -18.50 -22.76
CA HIS A 68 -2.33 -18.14 -22.56
C HIS A 68 -2.19 -17.42 -21.22
N SER A 69 -1.06 -17.62 -20.56
CA SER A 69 -0.80 -16.99 -19.26
C SER A 69 0.70 -17.00 -19.00
N VAL A 70 1.10 -16.23 -18.00
CA VAL A 70 2.50 -16.17 -17.55
C VAL A 70 2.55 -16.35 -16.05
N ASN A 71 3.69 -16.84 -15.57
CA ASN A 71 3.92 -17.04 -14.14
C ASN A 71 4.91 -16.01 -13.63
N LEU A 72 4.58 -15.39 -12.49
CA LEU A 72 5.37 -14.29 -11.95
C LEU A 72 6.09 -14.63 -10.66
N LEU A 73 6.01 -15.86 -10.18
CA LEU A 73 6.58 -16.25 -8.90
C LEU A 73 7.56 -17.40 -9.08
N GLU A 74 8.70 -17.32 -8.38
CA GLU A 74 9.74 -18.34 -8.43
C GLU A 74 9.81 -19.06 -7.10
N ASP A 75 9.85 -20.40 -7.14
CA ASP A 75 9.94 -21.19 -5.92
C ASP A 75 10.93 -22.35 -6.07
N SER A 76 12.02 -22.15 -6.80
CA SER A 76 13.01 -23.20 -7.03
C SER A 76 14.41 -22.67 -6.75
N HIS A 77 15.20 -23.48 -6.03
CA HIS A 77 16.60 -23.18 -5.77
C HIS A 77 17.40 -24.46 -5.93
N ASN A 78 18.73 -24.32 -5.96
CA ASN A 78 19.61 -25.46 -6.19
C ASN A 78 20.06 -26.15 -4.90
N GLY A 79 19.94 -25.51 -3.75
CA GLY A 79 20.21 -26.15 -2.48
C GLY A 79 21.65 -26.15 -2.02
N LYS A 80 22.49 -25.27 -2.54
CA LYS A 80 23.89 -25.22 -2.13
C LYS A 80 24.37 -23.78 -2.09
N LEU A 81 25.44 -23.55 -1.34
CA LEU A 81 26.04 -22.23 -1.20
C LEU A 81 27.10 -22.06 -2.27
N CYS A 82 26.92 -21.08 -3.13
CA CYS A 82 27.73 -20.89 -4.32
C CYS A 82 28.60 -19.64 -4.18
N ARG A 83 29.34 -19.34 -5.24
CA ARG A 83 30.21 -18.18 -5.31
C ARG A 83 29.49 -17.02 -5.97
N LEU A 84 29.68 -15.82 -5.42
CA LEU A 84 28.99 -14.62 -5.88
C LEU A 84 29.91 -13.86 -6.84
N LYS A 85 29.65 -14.01 -8.13
CA LYS A 85 30.33 -13.25 -9.19
C LYS A 85 31.83 -13.52 -9.20
N GLY A 86 32.23 -14.76 -8.95
CA GLY A 86 33.62 -15.19 -9.07
C GLY A 86 34.33 -15.39 -7.76
N ILE A 87 33.88 -14.74 -6.70
CA ILE A 87 34.56 -14.82 -5.40
C ILE A 87 33.84 -15.82 -4.51
N ALA A 88 34.61 -16.72 -3.88
CA ALA A 88 34.06 -17.70 -2.96
C ALA A 88 33.80 -17.07 -1.59
N PRO A 89 32.79 -17.54 -0.87
CA PRO A 89 32.53 -17.03 0.48
C PRO A 89 33.55 -17.54 1.48
N LEU A 90 33.45 -17.01 2.69
CA LEU A 90 34.31 -17.41 3.80
C LEU A 90 33.45 -18.18 4.80
N GLN A 91 33.68 -19.48 4.90
CA GLN A 91 32.96 -20.34 5.85
C GLN A 91 33.80 -20.55 7.09
N LEU A 92 33.24 -20.22 8.25
CA LEU A 92 33.94 -20.31 9.52
C LEU A 92 33.92 -21.73 10.10
N GLY A 93 32.79 -22.42 9.98
CA GLY A 93 32.72 -23.80 10.41
C GLY A 93 32.48 -23.97 11.89
N LYS A 94 33.51 -24.34 12.64
CA LYS A 94 33.41 -24.55 14.07
C LYS A 94 33.49 -23.27 14.88
N CYS A 95 33.97 -22.18 14.29
CA CYS A 95 34.20 -20.94 15.01
C CYS A 95 33.15 -19.90 14.66
N ASN A 96 33.17 -18.81 15.43
CA ASN A 96 32.37 -17.62 15.18
C ASN A 96 33.31 -16.44 14.93
N ILE A 97 32.76 -15.23 14.89
CA ILE A 97 33.58 -14.05 14.64
C ILE A 97 34.62 -13.86 15.73
N ALA A 98 34.24 -14.04 17.00
CA ALA A 98 35.19 -13.86 18.09
C ALA A 98 36.35 -14.85 18.02
N GLY A 99 36.05 -16.12 17.75
CA GLY A 99 37.12 -17.10 17.62
C GLY A 99 37.98 -16.89 16.39
N TRP A 100 37.37 -16.49 15.27
CA TRP A 100 38.12 -16.22 14.05
C TRP A 100 39.08 -15.06 14.26
N ILE A 101 38.62 -13.99 14.90
CA ILE A 101 39.42 -12.78 15.02
C ILE A 101 40.41 -12.82 16.18
N LEU A 102 40.04 -13.44 17.31
CA LEU A 102 40.94 -13.52 18.46
C LEU A 102 42.08 -14.51 18.25
N GLY A 103 41.88 -15.54 17.43
CA GLY A 103 42.90 -16.53 17.19
C GLY A 103 42.76 -17.78 18.03
N ASN A 104 41.55 -18.32 18.08
CA ASN A 104 41.24 -19.52 18.86
C ASN A 104 42.09 -20.68 18.36
N PRO A 105 42.58 -21.55 19.26
CA PRO A 105 43.42 -22.67 18.82
C PRO A 105 42.71 -23.65 17.90
N GLU A 106 41.38 -23.65 17.85
CA GLU A 106 40.62 -24.55 16.98
C GLU A 106 40.26 -23.92 15.65
N CYS A 107 40.73 -22.71 15.38
CA CYS A 107 40.47 -22.00 14.13
C CYS A 107 41.79 -21.76 13.39
N ASP A 108 42.65 -22.77 13.38
CA ASP A 108 43.99 -22.63 12.81
C ASP A 108 44.01 -22.57 11.30
N SER A 109 42.90 -22.90 10.64
CA SER A 109 42.85 -22.97 9.18
C SER A 109 42.35 -21.70 8.52
N LEU A 110 41.87 -20.72 9.29
CA LEU A 110 41.34 -19.48 8.74
C LEU A 110 42.38 -18.38 8.64
N LEU A 111 43.63 -18.67 8.98
CA LEU A 111 44.72 -17.71 8.94
C LEU A 111 45.01 -17.16 7.55
N PRO A 112 45.10 -18.00 6.50
CA PRO A 112 45.40 -17.44 5.15
C PRO A 112 44.26 -16.67 4.50
N ALA A 113 43.08 -16.67 5.10
CA ALA A 113 41.93 -16.04 4.46
C ALA A 113 42.09 -14.52 4.46
N SER A 114 41.95 -13.92 3.28
CA SER A 114 42.09 -12.49 3.15
C SER A 114 41.10 -11.87 2.18
N SER A 115 40.15 -12.66 1.67
CA SER A 115 39.18 -12.13 0.71
C SER A 115 37.95 -13.03 0.71
N TRP A 116 36.78 -12.43 0.54
CA TRP A 116 35.53 -13.17 0.56
C TRP A 116 34.45 -12.32 -0.10
N SER A 117 33.29 -12.93 -0.33
CA SER A 117 32.10 -12.21 -0.77
C SER A 117 31.00 -12.16 0.29
N TYR A 118 30.92 -13.15 1.18
CA TYR A 118 30.04 -13.10 2.34
C TYR A 118 30.55 -14.11 3.35
N ILE A 119 30.08 -13.98 4.59
CA ILE A 119 30.51 -14.81 5.70
C ILE A 119 29.37 -15.76 6.07
N VAL A 120 29.70 -17.03 6.31
CA VAL A 120 28.73 -18.06 6.62
C VAL A 120 29.03 -18.62 8.00
N GLU A 121 28.01 -18.70 8.84
CA GLU A 121 28.08 -19.31 10.15
C GLU A 121 27.05 -20.42 10.27
N THR A 122 27.31 -21.36 11.18
CA THR A 122 26.42 -22.47 11.42
C THR A 122 25.92 -22.44 12.86
N PRO A 123 24.80 -23.07 13.17
CA PRO A 123 24.32 -23.12 14.56
C PRO A 123 25.19 -23.92 15.52
N ASN A 124 26.23 -24.58 15.03
CA ASN A 124 27.20 -25.29 15.88
C ASN A 124 28.52 -24.55 15.94
N SER A 125 28.49 -23.24 15.70
CA SER A 125 29.68 -22.39 15.78
C SER A 125 29.83 -21.94 17.23
N LYS A 126 30.54 -22.74 18.02
CA LYS A 126 30.62 -22.54 19.45
C LYS A 126 32.02 -22.28 19.97
N ASN A 127 33.03 -22.24 19.10
CA ASN A 127 34.40 -21.97 19.52
C ASN A 127 34.68 -20.48 19.39
N GLY A 128 34.43 -19.75 20.48
CA GLY A 128 34.67 -18.32 20.52
C GLY A 128 35.76 -17.95 21.50
N ILE A 129 35.37 -17.43 22.65
CA ILE A 129 36.29 -17.14 23.73
C ILE A 129 36.38 -18.36 24.63
N CYS A 130 37.61 -18.88 24.80
CA CYS A 130 37.80 -20.06 25.63
C CYS A 130 37.90 -19.69 27.10
N TYR A 131 38.59 -18.60 27.42
CA TYR A 131 38.66 -18.10 28.78
C TYR A 131 37.38 -17.32 29.10
N PRO A 132 36.68 -17.65 30.18
CA PRO A 132 35.40 -16.98 30.46
C PRO A 132 35.56 -15.49 30.68
N GLY A 133 34.56 -14.73 30.27
CA GLY A 133 34.57 -13.29 30.41
C GLY A 133 33.59 -12.65 29.45
N ASP A 134 33.67 -11.32 29.38
CA ASP A 134 32.73 -10.52 28.60
C ASP A 134 33.44 -9.88 27.42
N PHE A 135 32.79 -9.92 26.25
CA PHE A 135 33.26 -9.24 25.05
C PHE A 135 32.43 -7.97 24.89
N ILE A 136 33.05 -6.81 25.10
CA ILE A 136 32.33 -5.55 25.16
C ILE A 136 32.10 -5.03 23.76
N ASP A 137 30.85 -4.67 23.46
CA ASP A 137 30.43 -4.15 22.16
C ASP A 137 30.72 -5.15 21.04
N TYR A 138 30.14 -6.34 21.14
CA TYR A 138 30.39 -7.42 20.20
C TYR A 138 29.49 -7.35 18.97
N GLU A 139 28.21 -7.03 19.16
CA GLU A 139 27.28 -6.89 18.05
C GLU A 139 27.60 -5.69 17.17
N GLU A 140 28.12 -4.61 17.77
CA GLU A 140 28.62 -3.51 16.96
C GLU A 140 29.81 -3.92 16.11
N LEU A 141 30.69 -4.78 16.64
CA LEU A 141 31.79 -5.31 15.84
C LEU A 141 31.28 -6.17 14.69
N ARG A 142 30.26 -6.99 14.94
CA ARG A 142 29.67 -7.77 13.85
C ARG A 142 29.05 -6.86 12.79
N GLU A 143 28.38 -5.79 13.21
CA GLU A 143 27.82 -4.85 12.25
C GLU A 143 28.91 -4.15 11.44
N GLN A 144 30.04 -3.82 12.09
CA GLN A 144 31.16 -3.25 11.35
C GLN A 144 31.74 -4.23 10.34
N LEU A 145 31.88 -5.49 10.73
CA LEU A 145 32.45 -6.50 9.84
C LEU A 145 31.51 -6.94 8.75
N SER A 146 30.21 -6.68 8.87
CA SER A 146 29.26 -7.03 7.83
C SER A 146 29.35 -6.12 6.61
N SER A 147 30.38 -5.26 6.51
CA SER A 147 30.57 -4.42 5.34
C SER A 147 32.03 -4.39 4.91
N VAL A 148 32.79 -5.41 5.26
CA VAL A 148 34.21 -5.51 4.93
C VAL A 148 34.40 -6.68 3.97
N SER A 149 35.18 -6.44 2.91
CA SER A 149 35.42 -7.46 1.91
C SER A 149 36.83 -8.06 1.95
N SER A 150 37.79 -7.41 2.61
CA SER A 150 39.14 -7.93 2.71
C SER A 150 39.88 -7.17 3.79
N PHE A 151 40.98 -7.76 4.26
CA PHE A 151 41.88 -7.08 5.18
C PHE A 151 43.29 -7.64 5.01
N GLU A 152 44.25 -6.94 5.62
CA GLU A 152 45.63 -7.38 5.68
C GLU A 152 46.00 -7.56 7.14
N ARG A 153 46.43 -8.77 7.51
CA ARG A 153 46.82 -9.08 8.88
C ARG A 153 48.31 -8.82 9.03
N PHE A 154 48.68 -7.85 9.85
CA PHE A 154 50.08 -7.51 10.03
C PHE A 154 50.45 -7.51 11.51
N GLU A 155 51.75 -7.66 11.77
CA GLU A 155 52.27 -7.76 13.13
C GLU A 155 52.50 -6.35 13.67
N ILE A 156 51.61 -5.91 14.57
CA ILE A 156 51.68 -4.55 15.07
C ILE A 156 52.81 -4.38 16.09
N PHE A 157 52.97 -5.34 17.00
CA PHE A 157 54.09 -5.36 17.93
C PHE A 157 54.82 -6.69 17.80
N PRO A 158 56.00 -6.73 17.17
CA PRO A 158 56.71 -8.00 17.00
C PRO A 158 57.02 -8.65 18.34
N LYS A 159 56.85 -9.97 18.39
CA LYS A 159 57.03 -10.70 19.64
C LYS A 159 58.49 -10.76 20.06
N GLU A 160 59.40 -10.84 19.10
CA GLU A 160 60.80 -11.12 19.40
C GLU A 160 61.59 -9.90 19.86
N SER A 161 61.04 -8.69 19.72
CA SER A 161 61.81 -7.49 20.00
C SER A 161 61.06 -6.42 20.79
N SER A 162 59.80 -6.65 21.16
CA SER A 162 59.02 -5.61 21.81
C SER A 162 59.01 -5.72 23.33
N TRP A 163 59.21 -6.91 23.88
CA TRP A 163 59.07 -7.17 25.32
C TRP A 163 60.35 -7.81 25.85
N PRO A 164 61.41 -7.03 26.06
CA PRO A 164 62.65 -7.60 26.60
C PRO A 164 62.62 -7.87 28.09
N LYS A 165 61.76 -7.21 28.85
CA LYS A 165 61.77 -7.30 30.30
C LYS A 165 60.61 -8.09 30.88
N HIS A 166 59.79 -8.74 30.05
CA HIS A 166 58.68 -9.56 30.51
C HIS A 166 58.78 -10.92 29.86
N SER A 167 58.04 -11.88 30.42
CA SER A 167 58.04 -13.25 29.94
C SER A 167 56.96 -13.40 28.88
N THR A 168 57.36 -13.75 27.66
CA THR A 168 56.44 -13.84 26.54
C THR A 168 55.88 -15.23 26.30
N THR A 169 56.55 -16.28 26.76
CA THR A 169 56.02 -17.63 26.65
C THR A 169 55.92 -18.26 28.05
N LYS A 170 54.88 -17.88 28.78
CA LYS A 170 54.43 -18.65 29.93
C LYS A 170 52.92 -18.51 30.06
N GLY A 171 52.29 -17.80 29.14
CA GLY A 171 50.89 -17.46 29.25
C GLY A 171 49.96 -18.46 28.59
N VAL A 172 49.86 -19.65 29.18
CA VAL A 172 49.02 -20.72 28.65
C VAL A 172 48.03 -21.14 29.73
N THR A 173 46.87 -21.62 29.29
CA THR A 173 45.82 -22.03 30.22
C THR A 173 45.22 -23.34 29.74
N ALA A 174 44.55 -24.03 30.67
CA ALA A 174 43.87 -25.29 30.41
C ALA A 174 42.43 -25.09 29.94
N ALA A 175 41.91 -23.86 29.99
CA ALA A 175 40.62 -23.56 29.39
C ALA A 175 40.72 -23.40 27.89
N CYS A 176 41.94 -23.29 27.34
CA CYS A 176 42.20 -23.19 25.92
C CYS A 176 43.16 -24.34 25.58
N SER A 177 42.60 -25.51 25.30
CA SER A 177 43.37 -26.73 25.12
C SER A 177 43.48 -27.08 23.64
N HIS A 178 44.69 -27.35 23.20
CA HIS A 178 44.96 -27.78 21.82
C HIS A 178 45.82 -29.04 21.87
N ALA A 179 45.34 -30.11 21.24
CA ALA A 179 46.09 -31.36 21.12
C ALA A 179 46.51 -31.92 22.48
N GLY A 180 45.79 -31.56 23.54
CA GLY A 180 46.00 -32.15 24.83
C GLY A 180 46.84 -31.36 25.82
N LYS A 181 47.53 -30.30 25.39
CA LYS A 181 48.28 -29.48 26.33
C LYS A 181 47.69 -28.08 26.39
N SER A 182 48.06 -27.36 27.45
CA SER A 182 47.53 -26.03 27.70
C SER A 182 48.01 -25.06 26.61
N SER A 183 47.13 -24.12 26.24
CA SER A 183 47.42 -23.21 25.14
C SER A 183 46.72 -21.88 25.39
N PHE A 184 46.71 -21.03 24.37
CA PHE A 184 46.15 -19.68 24.45
C PHE A 184 45.89 -19.20 23.04
N TYR A 185 45.26 -18.03 22.93
CA TYR A 185 44.95 -17.41 21.65
C TYR A 185 46.21 -17.14 20.84
N ARG A 186 46.07 -16.96 19.53
CA ARG A 186 47.21 -16.78 18.64
C ARG A 186 47.48 -15.32 18.29
N ASN A 187 46.46 -14.47 18.26
CA ASN A 187 46.64 -13.07 17.91
C ASN A 187 46.88 -12.16 19.11
N LEU A 188 46.89 -12.72 20.32
CA LEU A 188 47.12 -11.97 21.54
C LEU A 188 48.36 -12.53 22.25
N LEU A 189 48.74 -11.89 23.36
CA LEU A 189 49.94 -12.31 24.08
C LEU A 189 49.75 -11.98 25.55
N TRP A 190 49.76 -13.00 26.40
CA TRP A 190 49.54 -12.84 27.85
C TRP A 190 50.90 -12.69 28.51
N LEU A 191 51.26 -11.47 28.88
CA LEU A 191 52.54 -11.18 29.51
C LEU A 191 52.50 -11.53 30.99
N THR A 192 53.68 -11.72 31.56
CA THR A 192 53.81 -12.20 32.94
C THR A 192 55.17 -11.76 33.46
N LYS A 193 55.26 -11.59 34.78
CA LYS A 193 56.48 -11.10 35.40
C LYS A 193 57.66 -12.02 35.11
N LYS A 194 58.86 -11.43 35.11
CA LYS A 194 60.10 -12.14 34.86
C LYS A 194 61.05 -11.89 36.02
N GLU A 195 61.39 -12.94 36.76
CA GLU A 195 62.30 -12.87 37.91
C GLU A 195 61.80 -11.89 38.96
N ASP A 196 60.54 -12.04 39.34
CA ASP A 196 59.90 -11.23 40.38
C ASP A 196 60.00 -9.73 40.06
N SER A 197 59.68 -9.39 38.82
CA SER A 197 59.76 -7.99 38.39
C SER A 197 58.79 -7.78 37.23
N TYR A 198 57.92 -6.78 37.36
CA TYR A 198 57.02 -6.35 36.30
C TYR A 198 57.17 -4.84 36.14
N PRO A 199 58.19 -4.39 35.41
CA PRO A 199 58.37 -2.95 35.21
C PRO A 199 57.23 -2.35 34.40
N LYS A 200 57.11 -1.02 34.52
CA LYS A 200 56.03 -0.30 33.85
C LYS A 200 56.16 -0.42 32.33
N LEU A 201 55.01 -0.54 31.67
CA LEU A 201 54.93 -0.76 30.24
C LEU A 201 54.54 0.55 29.55
N SER A 202 55.07 0.75 28.35
CA SER A 202 54.75 1.94 27.56
C SER A 202 55.03 1.64 26.10
N ASN A 203 53.99 1.60 25.27
CA ASN A 203 54.15 1.29 23.86
C ASN A 203 53.21 2.15 23.02
N SER A 204 53.60 2.40 21.78
CA SER A 204 52.84 3.26 20.89
C SER A 204 52.92 2.74 19.47
N TYR A 205 51.90 3.08 18.67
CA TYR A 205 51.87 2.70 17.26
C TYR A 205 51.17 3.78 16.45
N VAL A 206 51.75 4.12 15.30
CA VAL A 206 51.22 5.15 14.40
C VAL A 206 50.74 4.47 13.13
N ASN A 207 49.53 4.84 12.68
CA ASN A 207 48.91 4.23 11.51
C ASN A 207 49.49 4.86 10.26
N LYS A 208 50.29 4.10 9.51
CA LYS A 208 50.85 4.54 8.25
C LYS A 208 50.37 3.71 7.06
N LYS A 209 49.48 2.74 7.28
CA LYS A 209 49.01 1.88 6.21
C LYS A 209 48.08 2.58 5.23
N GLY A 210 47.60 3.78 5.56
CA GLY A 210 46.66 4.45 4.69
C GLY A 210 45.24 3.94 4.73
N LYS A 211 44.92 3.08 5.70
CA LYS A 211 43.60 2.49 5.83
C LYS A 211 43.22 2.43 7.30
N GLU A 212 41.99 1.99 7.57
CA GLU A 212 41.54 1.80 8.94
C GLU A 212 42.14 0.52 9.52
N VAL A 213 42.53 0.59 10.78
CA VAL A 213 43.21 -0.53 11.45
C VAL A 213 42.38 -0.95 12.66
N LEU A 214 42.04 -2.24 12.71
CA LEU A 214 41.32 -2.83 13.82
C LEU A 214 42.32 -3.46 14.78
N VAL A 215 42.26 -3.05 16.05
CA VAL A 215 43.13 -3.52 17.13
C VAL A 215 42.27 -4.10 18.24
N LEU A 216 42.80 -5.11 18.93
CA LEU A 216 42.07 -5.82 19.98
C LEU A 216 43.01 -6.10 21.15
N TRP A 217 42.46 -6.10 22.36
CA TRP A 217 43.24 -6.41 23.56
C TRP A 217 42.32 -6.97 24.64
N GLY A 218 42.91 -7.32 25.78
CA GLY A 218 42.15 -7.90 26.87
C GLY A 218 42.73 -7.52 28.22
N VAL A 219 41.90 -7.63 29.25
CA VAL A 219 42.25 -7.31 30.62
C VAL A 219 41.86 -8.49 31.51
N HIS A 220 42.77 -8.92 32.37
CA HIS A 220 42.59 -10.11 33.19
C HIS A 220 42.25 -9.74 34.63
N HIS A 221 41.18 -10.33 35.16
CA HIS A 221 40.77 -10.19 36.56
C HIS A 221 41.00 -11.50 37.28
N PRO A 222 42.03 -11.61 38.11
CA PRO A 222 42.27 -12.86 38.84
C PRO A 222 41.22 -13.14 39.91
N SER A 223 41.41 -14.21 40.67
CA SER A 223 40.44 -14.64 41.69
C SER A 223 40.85 -14.30 43.11
N SER A 224 42.15 -14.21 43.39
CA SER A 224 42.65 -13.91 44.72
C SER A 224 43.83 -12.97 44.60
N SER A 225 44.25 -12.40 45.73
CA SER A 225 45.46 -11.59 45.78
C SER A 225 46.73 -12.41 45.67
N LYS A 226 46.70 -13.68 46.09
CA LYS A 226 47.85 -14.55 45.89
C LYS A 226 48.10 -14.79 44.41
N GLU A 227 47.05 -15.03 43.63
CA GLU A 227 47.21 -15.21 42.19
C GLU A 227 47.75 -13.95 41.54
N GLN A 228 47.27 -12.79 41.97
CA GLN A 228 47.77 -11.53 41.45
C GLN A 228 49.26 -11.35 41.77
N GLN A 229 49.66 -11.69 43.00
CA GLN A 229 51.07 -11.59 43.37
C GLN A 229 51.95 -12.52 42.53
N THR A 230 51.51 -13.77 42.33
CA THR A 230 52.33 -14.71 41.56
C THR A 230 52.31 -14.42 40.08
N LEU A 231 51.32 -13.69 39.58
CA LEU A 231 51.29 -13.39 38.16
C LEU A 231 52.01 -12.09 37.82
N TYR A 232 51.81 -11.03 38.61
CA TYR A 232 52.26 -9.70 38.22
C TYR A 232 53.12 -8.99 39.26
N GLN A 233 53.21 -9.51 40.49
CA GLN A 233 54.12 -9.02 41.52
C GLN A 233 53.69 -7.66 42.08
N ASN A 234 52.69 -7.03 41.46
CA ASN A 234 52.16 -5.79 41.97
C ASN A 234 50.71 -5.97 42.42
N GLU A 235 50.40 -5.42 43.61
CA GLU A 235 49.06 -5.52 44.18
C GLU A 235 48.09 -4.47 43.65
N ASN A 236 48.55 -3.25 43.43
CA ASN A 236 47.71 -2.19 42.87
C ASN A 236 48.22 -1.90 41.47
N ALA A 237 47.48 -2.37 40.46
CA ALA A 237 47.85 -2.23 39.07
C ALA A 237 46.77 -1.48 38.31
N TYR A 238 47.13 -0.97 37.15
CA TYR A 238 46.18 -0.24 36.31
C TYR A 238 46.64 -0.37 34.86
N VAL A 239 45.70 -0.13 33.95
CA VAL A 239 45.97 -0.13 32.52
C VAL A 239 45.39 1.14 31.93
N SER A 240 46.13 1.80 31.05
CA SER A 240 45.67 2.98 30.35
C SER A 240 45.81 2.75 28.85
N VAL A 241 44.69 2.81 28.14
CA VAL A 241 44.68 2.68 26.68
C VAL A 241 44.13 3.96 26.10
N VAL A 242 44.92 4.61 25.23
CA VAL A 242 44.57 5.95 24.76
C VAL A 242 44.74 6.02 23.25
N SER A 243 43.72 6.56 22.56
CA SER A 243 43.84 6.95 21.17
C SER A 243 43.55 8.45 21.05
N SER A 244 43.42 8.96 19.83
CA SER A 244 43.06 10.36 19.63
C SER A 244 41.58 10.63 19.81
N ASN A 245 40.74 9.60 19.83
CA ASN A 245 39.33 9.76 20.15
C ASN A 245 38.87 8.68 21.12
N TYR A 246 39.81 7.92 21.69
CA TYR A 246 39.53 6.88 22.66
C TYR A 246 40.42 7.11 23.88
N ASN A 247 39.86 6.81 25.05
CA ASN A 247 40.58 7.01 26.30
C ASN A 247 39.95 6.20 27.42
N ARG A 248 40.72 5.30 28.05
CA ARG A 248 40.13 4.58 29.17
C ARG A 248 41.20 4.07 30.12
N ARG A 249 40.85 4.04 31.40
CA ARG A 249 41.65 3.45 32.46
C ARG A 249 40.92 2.26 33.05
N PHE A 250 41.65 1.18 33.27
CA PHE A 250 41.12 -0.08 33.77
C PHE A 250 41.81 -0.46 35.07
N ILE A 251 41.03 -0.96 36.02
CA ILE A 251 41.52 -1.43 37.31
C ILE A 251 40.97 -2.83 37.55
N PRO A 252 41.81 -3.78 37.97
CA PRO A 252 41.32 -5.15 38.19
C PRO A 252 40.32 -5.25 39.32
N GLU A 253 39.41 -6.21 39.19
CA GLU A 253 38.45 -6.58 40.24
C GLU A 253 38.81 -7.99 40.70
N ILE A 254 39.31 -8.10 41.93
CA ILE A 254 39.83 -9.36 42.45
C ILE A 254 38.73 -9.95 43.35
N ALA A 255 38.01 -10.93 42.80
CA ALA A 255 36.95 -11.60 43.53
C ALA A 255 36.84 -13.02 43.02
N GLU A 256 36.05 -13.83 43.71
CA GLU A 256 35.88 -15.24 43.39
C GLU A 256 34.48 -15.45 42.81
N ARG A 257 34.43 -16.04 41.62
CA ARG A 257 33.20 -16.24 40.88
C ARG A 257 32.93 -17.72 40.67
N PRO A 258 31.67 -18.09 40.39
CA PRO A 258 31.39 -19.49 40.04
C PRO A 258 32.22 -19.94 38.85
N GLU A 259 32.72 -21.16 38.92
CA GLU A 259 33.68 -21.64 37.94
C GLU A 259 33.01 -21.92 36.60
N VAL A 260 33.61 -21.40 35.53
CA VAL A 260 33.24 -21.71 34.17
C VAL A 260 34.48 -22.20 33.45
N LYS A 261 34.43 -23.45 32.95
CA LYS A 261 35.59 -24.10 32.35
C LYS A 261 36.77 -24.10 33.31
N ASP A 262 36.51 -24.38 34.59
CA ASP A 262 37.51 -24.60 35.64
C ASP A 262 38.15 -23.31 36.12
N GLN A 263 37.69 -22.16 35.62
CA GLN A 263 38.30 -20.87 35.94
C GLN A 263 37.39 -20.06 36.83
N ALA A 264 37.95 -19.50 37.91
CA ALA A 264 37.23 -18.60 38.79
C ALA A 264 37.58 -17.13 38.53
N GLY A 265 38.51 -16.84 37.63
CA GLY A 265 38.79 -15.50 37.19
C GLY A 265 38.12 -15.20 35.86
N ARG A 266 38.34 -13.99 35.37
CA ARG A 266 37.70 -13.56 34.13
C ARG A 266 38.68 -12.78 33.26
N ILE A 267 38.34 -12.65 31.99
CA ILE A 267 39.07 -11.82 31.04
C ILE A 267 38.06 -11.05 30.21
N ASN A 268 38.26 -9.73 30.10
CA ASN A 268 37.40 -8.86 29.31
C ASN A 268 38.11 -8.45 28.04
N TYR A 269 37.38 -8.43 26.91
CA TYR A 269 37.97 -8.19 25.60
C TYR A 269 37.46 -6.88 25.03
N TYR A 270 38.37 -6.08 24.48
CA TYR A 270 38.06 -4.77 23.93
C TYR A 270 38.67 -4.63 22.54
N TRP A 271 38.07 -3.76 21.74
CA TRP A 271 38.51 -3.51 20.37
C TRP A 271 38.40 -2.02 20.06
N THR A 272 39.16 -1.59 19.05
CA THR A 272 39.10 -0.19 18.60
C THR A 272 39.54 -0.10 17.15
N LEU A 273 39.17 1.01 16.52
CA LEU A 273 39.51 1.33 15.14
C LEU A 273 40.37 2.58 15.09
N LEU A 274 41.48 2.51 14.37
CA LEU A 274 42.40 3.62 14.17
C LEU A 274 42.31 4.13 12.74
N GLU A 275 42.27 5.45 12.62
CA GLU A 275 42.21 6.20 11.38
C GLU A 275 43.60 6.41 10.81
N PRO A 276 43.72 6.66 9.50
CA PRO A 276 45.05 6.87 8.91
C PRO A 276 45.72 8.10 9.49
N GLY A 277 46.97 7.94 9.92
CA GLY A 277 47.75 8.99 10.52
C GLY A 277 47.60 9.12 12.03
N ASP A 278 46.81 8.27 12.66
CA ASP A 278 46.52 8.36 14.07
C ASP A 278 47.41 7.44 14.89
N THR A 279 47.55 7.75 16.17
CA THR A 279 48.41 7.02 17.10
C THR A 279 47.56 6.34 18.17
N ILE A 280 48.10 5.25 18.72
CA ILE A 280 47.50 4.56 19.85
C ILE A 280 48.59 4.18 20.84
N ILE A 281 48.28 4.33 22.13
CA ILE A 281 49.25 4.14 23.20
C ILE A 281 48.68 3.17 24.24
N PHE A 282 49.54 2.25 24.68
CA PHE A 282 49.25 1.32 25.77
C PHE A 282 50.22 1.57 26.91
N GLU A 283 49.69 1.54 28.13
CA GLU A 283 50.52 1.66 29.32
C GLU A 283 49.94 0.76 30.40
N ALA A 284 50.79 0.08 31.17
CA ALA A 284 50.27 -0.87 32.13
C ALA A 284 51.29 -1.12 33.23
N ASN A 285 50.75 -1.46 34.42
CA ASN A 285 51.53 -2.02 35.51
C ASN A 285 51.21 -3.50 35.74
N GLY A 286 50.37 -4.09 34.92
CA GLY A 286 49.99 -5.48 35.07
C GLY A 286 48.64 -5.71 34.43
N ASN A 287 48.25 -6.99 34.42
CA ASN A 287 46.91 -7.45 34.03
C ASN A 287 46.59 -7.19 32.56
N LEU A 288 47.58 -6.96 31.71
CA LEU A 288 47.34 -6.61 30.31
C LEU A 288 47.70 -7.76 29.39
N VAL A 289 46.81 -8.05 28.45
CA VAL A 289 47.03 -9.04 27.40
C VAL A 289 47.21 -8.27 26.11
N ALA A 290 48.45 -8.16 25.66
CA ALA A 290 48.81 -7.25 24.57
C ALA A 290 48.44 -7.83 23.21
N PRO A 291 48.15 -6.97 22.23
CA PRO A 291 47.91 -7.48 20.87
C PRO A 291 49.18 -7.93 20.19
N TRP A 292 49.02 -8.83 19.22
CA TRP A 292 50.11 -9.30 18.39
C TRP A 292 49.88 -9.05 16.91
N TYR A 293 48.65 -9.24 16.42
CA TYR A 293 48.30 -8.99 15.03
C TYR A 293 47.14 -8.01 14.96
N ALA A 294 47.22 -7.09 14.00
CA ALA A 294 46.17 -6.11 13.75
C ALA A 294 45.73 -6.24 12.30
N PHE A 295 44.55 -5.68 12.01
CA PHE A 295 43.95 -5.88 10.69
C PHE A 295 43.72 -4.54 9.99
N ALA A 296 44.20 -4.42 8.75
CA ALA A 296 43.96 -3.24 7.94
C ALA A 296 42.83 -3.55 6.98
N LEU A 297 41.71 -2.84 7.12
CA LEU A 297 40.45 -3.21 6.50
C LEU A 297 40.22 -2.48 5.18
N SER A 298 39.49 -3.13 4.27
CA SER A 298 39.07 -2.53 3.00
C SER A 298 37.56 -2.69 2.89
N ARG A 299 36.84 -1.56 2.85
CA ARG A 299 35.39 -1.58 2.91
C ARG A 299 34.79 -1.86 1.54
N GLY A 300 33.59 -2.44 1.57
CA GLY A 300 32.79 -2.62 0.37
C GLY A 300 31.39 -3.10 0.70
N PHE A 301 30.38 -2.40 0.18
CA PHE A 301 29.00 -2.79 0.44
C PHE A 301 28.58 -3.92 -0.47
N GLY A 302 27.47 -4.58 -0.16
CA GLY A 302 27.04 -5.75 -0.89
C GLY A 302 27.47 -7.07 -0.28
N SER A 303 27.92 -7.07 0.97
CA SER A 303 28.31 -8.28 1.69
C SER A 303 27.36 -8.47 2.87
N GLY A 304 27.65 -9.49 3.68
CA GLY A 304 26.83 -9.75 4.86
C GLY A 304 27.29 -11.00 5.55
N ILE A 305 26.58 -11.33 6.63
CA ILE A 305 26.82 -12.53 7.41
C ILE A 305 25.51 -13.31 7.47
N ILE A 306 25.53 -14.55 7.03
CA ILE A 306 24.34 -15.40 7.04
C ILE A 306 24.62 -16.61 7.91
N THR A 307 23.54 -17.15 8.51
CA THR A 307 23.58 -18.37 9.29
C THR A 307 22.85 -19.45 8.49
N SER A 308 23.56 -20.53 8.16
CA SER A 308 23.00 -21.53 7.26
C SER A 308 23.65 -22.87 7.51
N ASN A 309 22.85 -23.93 7.40
CA ASN A 309 23.36 -25.31 7.45
C ASN A 309 23.58 -25.91 6.07
N ALA A 310 23.30 -25.17 5.00
CA ALA A 310 23.46 -25.71 3.66
C ALA A 310 24.93 -25.95 3.34
N SER A 311 25.17 -26.86 2.41
CA SER A 311 26.51 -27.29 2.04
C SER A 311 27.16 -26.30 1.08
N MET A 312 28.48 -26.36 1.01
CA MET A 312 29.28 -25.48 0.17
C MET A 312 29.78 -26.25 -1.05
N HIS A 313 29.57 -25.68 -2.23
CA HIS A 313 30.00 -26.31 -3.48
C HIS A 313 30.74 -25.32 -4.36
N GLU A 314 31.06 -25.73 -5.58
CA GLU A 314 31.86 -24.94 -6.52
C GLU A 314 31.00 -24.60 -7.73
N CYS A 315 30.24 -23.51 -7.63
CA CYS A 315 29.42 -23.04 -8.73
C CYS A 315 29.44 -21.52 -8.79
N ASN A 316 28.56 -20.93 -9.60
CA ASN A 316 28.44 -19.48 -9.71
C ASN A 316 26.98 -19.09 -9.60
N THR A 317 26.75 -17.85 -9.19
CA THR A 317 25.39 -17.37 -8.97
C THR A 317 25.38 -15.85 -8.99
N LYS A 318 24.16 -15.31 -9.03
CA LYS A 318 23.92 -13.88 -8.90
C LYS A 318 23.06 -13.52 -7.70
N CYS A 319 22.33 -14.49 -7.13
CA CYS A 319 21.46 -14.26 -5.98
C CYS A 319 21.53 -15.47 -5.06
N GLN A 320 21.86 -15.24 -3.80
CA GLN A 320 22.07 -16.32 -2.83
C GLN A 320 21.17 -16.11 -1.63
N THR A 321 20.54 -17.20 -1.17
CA THR A 321 19.78 -17.25 0.06
C THR A 321 20.45 -18.19 1.04
N PRO A 322 20.02 -18.20 2.31
CA PRO A 322 20.57 -19.18 3.25
C PRO A 322 20.15 -20.61 2.95
N GLN A 323 19.45 -20.83 1.84
CA GLN A 323 18.99 -22.15 1.44
C GLN A 323 19.42 -22.58 0.05
N GLY A 324 19.97 -21.69 -0.76
CA GLY A 324 20.38 -22.04 -2.10
C GLY A 324 20.46 -20.80 -2.99
N ALA A 325 20.91 -21.02 -4.21
CA ALA A 325 21.03 -19.95 -5.19
C ALA A 325 19.77 -19.87 -6.03
N ILE A 326 19.50 -18.66 -6.54
CA ILE A 326 18.31 -18.42 -7.34
C ILE A 326 18.73 -18.08 -8.77
N ASN A 327 17.97 -18.62 -9.73
CA ASN A 327 18.27 -18.62 -11.15
C ASN A 327 16.99 -18.22 -11.90
N SER A 328 16.77 -16.92 -12.06
CA SER A 328 15.50 -16.47 -12.64
C SER A 328 15.60 -14.99 -13.01
N SER A 329 14.61 -14.56 -13.79
CA SER A 329 14.37 -13.14 -14.06
C SER A 329 12.97 -12.73 -13.64
N LEU A 330 12.25 -13.57 -12.89
CA LEU A 330 10.91 -13.26 -12.45
C LEU A 330 10.95 -12.17 -11.37
N PRO A 331 9.86 -11.42 -11.21
CA PRO A 331 9.85 -10.33 -10.23
C PRO A 331 9.56 -10.71 -8.79
N PHE A 332 9.17 -11.95 -8.50
CA PHE A 332 8.81 -12.34 -7.13
C PHE A 332 9.42 -13.69 -6.80
N GLN A 333 9.61 -13.93 -5.50
CA GLN A 333 10.04 -15.22 -4.98
C GLN A 333 9.45 -15.41 -3.59
N ASN A 334 9.38 -16.67 -3.15
CA ASN A 334 8.88 -17.00 -1.82
C ASN A 334 9.78 -18.04 -1.15
N ILE A 335 11.10 -17.87 -1.28
CA ILE A 335 12.04 -18.83 -0.74
C ILE A 335 12.55 -18.38 0.62
N HIS A 336 13.17 -17.20 0.67
CA HIS A 336 13.71 -16.70 1.94
C HIS A 336 13.76 -15.18 1.91
N PRO A 337 13.39 -14.52 3.01
CA PRO A 337 13.48 -13.05 3.04
C PRO A 337 14.90 -12.50 3.05
N VAL A 338 15.89 -13.31 3.42
CA VAL A 338 17.29 -12.88 3.48
C VAL A 338 17.98 -13.23 2.17
N THR A 339 18.58 -12.24 1.53
CA THR A 339 19.18 -12.43 0.22
C THR A 339 20.49 -11.66 0.13
N ILE A 340 21.37 -12.15 -0.74
CA ILE A 340 22.63 -11.46 -1.05
C ILE A 340 22.79 -11.45 -2.57
N GLY A 341 23.01 -10.26 -3.13
CA GLY A 341 23.16 -10.12 -4.57
C GLY A 341 22.08 -9.24 -5.18
N GLU A 342 21.66 -9.56 -6.41
CA GLU A 342 20.56 -8.89 -7.08
C GLU A 342 19.41 -9.89 -7.17
N CYS A 343 18.40 -9.70 -6.35
CA CYS A 343 17.37 -10.71 -6.09
C CYS A 343 15.99 -10.13 -6.30
N PRO A 344 15.01 -10.97 -6.61
CA PRO A 344 13.62 -10.52 -6.71
C PRO A 344 13.04 -10.23 -5.33
N LYS A 345 11.79 -9.76 -5.33
CA LYS A 345 11.11 -9.36 -4.11
C LYS A 345 10.47 -10.56 -3.43
N TYR A 346 10.49 -10.56 -2.10
CA TYR A 346 9.95 -11.67 -1.32
C TYR A 346 8.50 -11.41 -0.94
N VAL A 347 7.63 -12.38 -1.22
CA VAL A 347 6.24 -12.35 -0.83
C VAL A 347 5.88 -13.71 -0.23
N LYS A 348 4.83 -13.72 0.59
CA LYS A 348 4.36 -14.93 1.22
C LYS A 348 3.29 -15.66 0.41
N SER A 349 3.18 -15.36 -0.88
CA SER A 349 2.18 -15.97 -1.71
C SER A 349 2.61 -17.37 -2.15
N ALA A 350 1.64 -18.15 -2.60
CA ALA A 350 1.89 -19.48 -3.15
C ALA A 350 1.57 -19.58 -4.64
N LYS A 351 0.85 -18.62 -5.20
CA LYS A 351 0.48 -18.64 -6.61
C LYS A 351 0.26 -17.21 -7.09
N LEU A 352 0.90 -16.86 -8.22
CA LEU A 352 0.77 -15.54 -8.84
C LEU A 352 0.90 -15.74 -10.35
N ARG A 353 -0.25 -15.91 -11.02
CA ARG A 353 -0.29 -16.14 -12.46
C ARG A 353 -1.12 -15.06 -13.13
N MET A 354 -0.62 -14.56 -14.25
CA MET A 354 -1.22 -13.42 -14.94
C MET A 354 -1.78 -13.89 -16.29
N VAL A 355 -2.94 -13.36 -16.65
CA VAL A 355 -3.62 -13.73 -17.88
C VAL A 355 -3.06 -12.94 -19.04
N THR A 356 -2.87 -13.60 -20.18
CA THR A 356 -2.60 -12.92 -21.44
C THR A 356 -3.53 -13.33 -22.58
N GLY A 357 -4.27 -14.43 -22.44
CA GLY A 357 -5.21 -14.85 -23.46
C GLY A 357 -6.65 -14.73 -23.01
N LEU A 358 -7.56 -15.39 -23.71
CA LEU A 358 -8.98 -15.30 -23.41
C LEU A 358 -9.46 -16.57 -22.70
N ARG A 359 -10.75 -16.58 -22.37
CA ARG A 359 -11.36 -17.74 -21.76
C ARG A 359 -11.32 -18.93 -22.72
N ASN A 360 -10.98 -20.10 -22.19
CA ASN A 360 -10.78 -21.30 -22.99
C ASN A 360 -12.07 -22.13 -22.97
N ILE A 361 -12.78 -22.15 -24.09
CA ILE A 361 -14.02 -22.92 -24.22
C ILE A 361 -13.90 -23.79 -25.46
N PRO A 362 -13.16 -24.89 -25.41
CA PRO A 362 -12.98 -25.72 -26.62
C PRO A 362 -14.20 -26.58 -26.91
N SER A 363 -14.07 -27.45 -27.91
CA SER A 363 -15.07 -28.47 -28.27
C SER A 363 -16.33 -27.85 -28.87
N ILE A 364 -16.40 -26.52 -28.91
CA ILE A 364 -17.54 -25.83 -29.52
C ILE A 364 -17.03 -24.87 -30.58
N GLY B 1 -19.22 -12.31 -19.41
CA GLY B 1 -18.52 -11.05 -19.41
C GLY B 1 -19.45 -9.86 -19.40
N LEU B 2 -18.89 -8.66 -19.31
CA LEU B 2 -19.71 -7.46 -19.27
C LEU B 2 -20.33 -7.12 -20.61
N PHE B 3 -19.83 -7.69 -21.70
CA PHE B 3 -20.28 -7.33 -23.04
C PHE B 3 -21.06 -8.43 -23.74
N GLY B 4 -21.07 -9.65 -23.19
CA GLY B 4 -21.99 -10.68 -23.61
C GLY B 4 -21.70 -11.37 -24.92
N ALA B 5 -20.46 -11.37 -25.39
CA ALA B 5 -20.10 -12.02 -26.64
C ALA B 5 -19.39 -13.36 -26.43
N ILE B 6 -18.35 -13.39 -25.62
CA ILE B 6 -17.63 -14.62 -25.32
C ILE B 6 -18.44 -15.40 -24.29
N ALA B 7 -18.75 -16.66 -24.61
CA ALA B 7 -19.66 -17.49 -23.81
C ALA B 7 -21.04 -16.85 -23.66
N GLY B 8 -21.43 -16.05 -24.64
CA GLY B 8 -22.72 -15.41 -24.68
C GLY B 8 -23.48 -15.85 -25.91
N PHE B 9 -23.76 -14.91 -26.83
CA PHE B 9 -24.40 -15.28 -28.08
C PHE B 9 -23.45 -15.97 -29.05
N ILE B 10 -22.15 -15.99 -28.75
CA ILE B 10 -21.19 -16.86 -29.42
C ILE B 10 -20.62 -17.77 -28.34
N GLU B 11 -21.08 -19.02 -28.30
CA GLU B 11 -20.94 -19.86 -27.13
C GLU B 11 -19.71 -20.75 -27.14
N GLY B 12 -18.88 -20.73 -28.18
CA GLY B 12 -17.73 -21.60 -28.21
C GLY B 12 -16.60 -21.06 -29.05
N GLY B 13 -15.39 -21.57 -28.76
CA GLY B 13 -14.21 -21.19 -29.51
C GLY B 13 -13.87 -22.17 -30.61
N TRP B 14 -12.89 -21.79 -31.42
CA TRP B 14 -12.46 -22.57 -32.58
C TRP B 14 -11.05 -23.10 -32.33
N THR B 15 -10.89 -24.42 -32.36
CA THR B 15 -9.55 -25.00 -32.30
C THR B 15 -8.88 -25.08 -33.65
N GLY B 16 -9.61 -24.83 -34.74
CA GLY B 16 -9.06 -24.80 -36.07
C GLY B 16 -8.49 -23.47 -36.51
N MET B 17 -8.64 -22.42 -35.70
CA MET B 17 -8.07 -21.12 -35.99
C MET B 17 -6.84 -20.95 -35.10
N ILE B 18 -5.65 -21.06 -35.71
CA ILE B 18 -4.42 -21.22 -34.96
C ILE B 18 -3.53 -19.98 -34.99
N ASP B 19 -3.75 -19.04 -35.90
CA ASP B 19 -2.83 -17.93 -36.10
C ASP B 19 -3.30 -16.62 -35.47
N GLY B 20 -4.43 -16.60 -34.78
CA GLY B 20 -4.93 -15.37 -34.22
C GLY B 20 -5.84 -15.61 -33.05
N TRP B 21 -6.30 -14.51 -32.46
CA TRP B 21 -7.24 -14.54 -31.34
C TRP B 21 -8.69 -14.43 -31.79
N TYR B 22 -8.96 -13.61 -32.81
CA TYR B 22 -10.30 -13.42 -33.35
C TYR B 22 -10.24 -13.57 -34.85
N GLY B 23 -11.33 -14.04 -35.45
CA GLY B 23 -11.32 -14.24 -36.88
C GLY B 23 -12.66 -14.66 -37.45
N TYR B 24 -12.60 -15.11 -38.71
CA TYR B 24 -13.77 -15.43 -39.52
C TYR B 24 -13.70 -16.88 -39.97
N HIS B 25 -14.89 -17.43 -40.24
CA HIS B 25 -15.01 -18.73 -40.91
C HIS B 25 -16.00 -18.56 -42.05
N HIS B 26 -15.59 -18.87 -43.27
CA HIS B 26 -16.43 -18.62 -44.43
C HIS B 26 -16.81 -19.92 -45.12
N GLN B 27 -17.83 -19.85 -45.97
CA GLN B 27 -18.33 -21.02 -46.67
C GLN B 27 -19.06 -20.62 -47.95
N ASN B 28 -18.54 -21.05 -49.09
CA ASN B 28 -19.19 -20.85 -50.38
C ASN B 28 -18.95 -22.07 -51.28
N GLU B 29 -19.20 -21.93 -52.58
CA GLU B 29 -19.04 -23.03 -53.52
C GLU B 29 -17.61 -23.46 -53.71
N GLN B 30 -16.64 -22.55 -53.63
CA GLN B 30 -15.23 -22.94 -53.74
C GLN B 30 -14.82 -23.84 -52.57
N GLY B 31 -15.15 -23.44 -51.36
CA GLY B 31 -14.79 -24.24 -50.20
C GLY B 31 -15.04 -23.47 -48.92
N SER B 32 -14.52 -24.02 -47.83
CA SER B 32 -14.62 -23.43 -46.50
C SER B 32 -13.24 -23.02 -46.00
N GLY B 33 -13.18 -22.47 -44.81
CA GLY B 33 -11.91 -22.14 -44.20
C GLY B 33 -12.03 -21.06 -43.15
N TYR B 34 -11.07 -21.08 -42.22
CA TYR B 34 -10.89 -20.07 -41.19
C TYR B 34 -9.85 -19.05 -41.64
N ALA B 35 -9.90 -17.88 -41.00
CA ALA B 35 -8.91 -16.83 -41.27
C ALA B 35 -8.90 -15.81 -40.14
N ALA B 36 -7.72 -15.52 -39.59
CA ALA B 36 -7.61 -14.58 -38.50
C ALA B 36 -7.71 -13.14 -38.98
N ASP B 37 -8.10 -12.25 -38.07
CA ASP B 37 -8.12 -10.82 -38.30
C ASP B 37 -6.86 -10.23 -37.68
N GLN B 38 -6.01 -9.64 -38.52
CA GLN B 38 -4.68 -9.21 -38.09
C GLN B 38 -4.68 -7.91 -37.31
N LYS B 39 -5.54 -6.95 -37.66
CA LYS B 39 -5.50 -5.66 -36.98
C LYS B 39 -5.94 -5.75 -35.54
N SER B 40 -7.05 -6.47 -35.29
CA SER B 40 -7.55 -6.63 -33.93
C SER B 40 -6.55 -7.38 -33.06
N THR B 41 -6.00 -8.47 -33.60
CA THR B 41 -5.02 -9.24 -32.84
C THR B 41 -3.77 -8.42 -32.56
N GLN B 42 -3.31 -7.63 -33.53
CA GLN B 42 -2.14 -6.79 -33.32
C GLN B 42 -2.39 -5.76 -32.23
N ASN B 43 -3.54 -5.09 -32.25
CA ASN B 43 -3.84 -4.11 -31.22
C ASN B 43 -3.93 -4.74 -29.85
N ALA B 44 -4.59 -5.90 -29.76
CA ALA B 44 -4.70 -6.60 -28.48
C ALA B 44 -3.33 -7.00 -27.95
N ILE B 45 -2.44 -7.49 -28.83
CA ILE B 45 -1.12 -7.90 -28.41
C ILE B 45 -0.32 -6.70 -27.90
N ASN B 46 -0.39 -5.57 -28.61
CA ASN B 46 0.25 -4.35 -28.12
C ASN B 46 -0.22 -3.99 -26.71
N GLY B 47 -1.55 -3.98 -26.51
CA GLY B 47 -2.06 -3.61 -25.20
C GLY B 47 -1.63 -4.57 -24.10
N ILE B 48 -1.69 -5.87 -24.37
CA ILE B 48 -1.36 -6.85 -23.35
C ILE B 48 0.12 -6.78 -22.98
N THR B 49 1.01 -6.67 -23.98
CA THR B 49 2.43 -6.55 -23.66
C THR B 49 2.74 -5.25 -22.92
N ASN B 50 2.05 -4.17 -23.27
CA ASN B 50 2.21 -2.92 -22.52
C ASN B 50 1.84 -3.13 -21.05
N LYS B 51 0.72 -3.81 -20.79
CA LYS B 51 0.28 -4.04 -19.42
C LYS B 51 1.30 -4.89 -18.65
N VAL B 52 1.80 -5.95 -19.27
CA VAL B 52 2.77 -6.81 -18.60
C VAL B 52 4.06 -6.06 -18.30
N ASN B 53 4.54 -5.28 -19.26
CA ASN B 53 5.75 -4.50 -19.04
C ASN B 53 5.57 -3.47 -17.93
N SER B 54 4.41 -2.82 -17.86
CA SER B 54 4.16 -1.87 -16.78
C SER B 54 4.17 -2.57 -15.43
N VAL B 55 3.53 -3.73 -15.33
CA VAL B 55 3.51 -4.47 -14.07
C VAL B 55 4.93 -4.84 -13.65
N ILE B 56 5.74 -5.30 -14.61
CA ILE B 56 7.13 -5.64 -14.31
C ILE B 56 7.90 -4.40 -13.84
N GLU B 57 7.72 -3.27 -14.51
CA GLU B 57 8.47 -2.07 -14.22
C GLU B 57 8.14 -1.46 -12.87
N LYS B 58 6.88 -1.55 -12.42
CA LYS B 58 6.52 -0.92 -11.15
C LYS B 58 7.14 -1.59 -9.92
N MET B 59 7.73 -2.77 -10.06
CA MET B 59 8.39 -3.45 -8.96
C MET B 59 9.90 -3.43 -9.20
N ASN B 60 10.65 -2.86 -8.26
CA ASN B 60 12.08 -2.70 -8.39
C ASN B 60 12.84 -3.86 -7.76
N THR B 61 14.08 -4.03 -8.20
CA THR B 61 14.91 -5.13 -7.72
C THR B 61 15.29 -4.92 -6.25
N GLN B 62 15.38 -6.02 -5.52
CA GLN B 62 15.69 -6.00 -4.09
C GLN B 62 17.18 -6.28 -3.89
N PHE B 63 17.85 -5.42 -3.14
CA PHE B 63 19.28 -5.55 -2.89
C PHE B 63 19.54 -6.24 -1.56
N THR B 64 20.82 -6.31 -1.19
CA THR B 64 21.26 -7.08 -0.03
C THR B 64 20.56 -6.61 1.24
N ALA B 65 20.08 -7.58 2.02
CA ALA B 65 19.39 -7.27 3.28
C ALA B 65 19.55 -8.49 4.20
N VAL B 66 20.39 -8.34 5.22
CA VAL B 66 20.64 -9.41 6.19
C VAL B 66 20.25 -8.91 7.58
N GLY B 67 20.22 -9.84 8.54
CA GLY B 67 19.75 -9.53 9.88
C GLY B 67 20.81 -8.93 10.78
N LYS B 68 20.37 -8.51 11.96
CA LYS B 68 21.20 -7.92 13.00
C LYS B 68 21.21 -8.81 14.22
N GLU B 69 21.99 -8.42 15.23
CA GLU B 69 22.11 -9.17 16.46
C GLU B 69 21.99 -8.25 17.66
N PHE B 70 21.40 -8.76 18.74
CA PHE B 70 21.19 -8.03 19.98
C PHE B 70 21.48 -8.96 21.14
N ASN B 71 21.70 -8.38 22.31
CA ASN B 71 21.99 -9.16 23.51
C ASN B 71 20.77 -9.21 24.42
N ASN B 72 20.96 -9.77 25.62
CA ASN B 72 19.85 -10.05 26.53
C ASN B 72 19.24 -8.78 27.11
N LEU B 73 19.90 -7.63 26.97
CA LEU B 73 19.39 -6.38 27.52
C LEU B 73 18.95 -5.41 26.43
N GLU B 74 18.61 -5.92 25.24
CA GLU B 74 18.17 -5.08 24.13
C GLU B 74 16.94 -5.71 23.45
N LYS B 75 15.95 -6.09 24.26
CA LYS B 75 14.75 -6.73 23.74
C LYS B 75 13.85 -5.76 22.99
N ARG B 76 13.78 -4.49 23.42
CA ARG B 76 12.87 -3.54 22.80
C ARG B 76 13.27 -3.23 21.36
N MET B 77 14.56 -3.01 21.11
CA MET B 77 15.04 -2.76 19.76
C MET B 77 14.90 -3.97 18.86
N GLU B 78 15.13 -5.17 19.40
CA GLU B 78 14.92 -6.39 18.64
C GLU B 78 13.46 -6.55 18.23
N ASN B 79 12.53 -6.27 19.16
CA ASN B 79 11.12 -6.34 18.83
C ASN B 79 10.73 -5.29 17.79
N LEU B 80 11.30 -4.09 17.88
CA LEU B 80 11.02 -3.06 16.87
C LEU B 80 11.51 -3.49 15.50
N ASN B 81 12.70 -4.11 15.43
CA ASN B 81 13.22 -4.62 14.17
C ASN B 81 12.30 -5.67 13.57
N LYS B 82 11.85 -6.62 14.41
CA LYS B 82 10.92 -7.64 13.92
C LYS B 82 9.62 -7.01 13.41
N LYS B 83 9.11 -6.02 14.14
CA LYS B 83 7.89 -5.33 13.74
C LYS B 83 8.04 -4.71 12.36
N VAL B 84 9.14 -4.01 12.13
CA VAL B 84 9.35 -3.35 10.84
C VAL B 84 9.42 -4.38 9.71
N ASP B 85 10.19 -5.45 9.91
CA ASP B 85 10.32 -6.47 8.86
C ASP B 85 8.97 -7.09 8.52
N ASP B 86 8.22 -7.52 9.54
CA ASP B 86 6.94 -8.17 9.30
C ASP B 86 5.96 -7.22 8.62
N GLY B 87 5.90 -5.96 9.06
CA GLY B 87 4.99 -5.02 8.45
C GLY B 87 5.25 -4.80 6.98
N PHE B 88 6.53 -4.62 6.62
CA PHE B 88 6.83 -4.40 5.21
C PHE B 88 6.53 -5.63 4.37
N LEU B 89 6.82 -6.83 4.89
CA LEU B 89 6.49 -8.05 4.15
C LEU B 89 4.99 -8.16 3.92
N ASP B 90 4.18 -7.89 4.94
CA ASP B 90 2.74 -7.98 4.80
C ASP B 90 2.22 -6.99 3.77
N ILE B 91 2.71 -5.74 3.82
CA ILE B 91 2.23 -4.73 2.88
C ILE B 91 2.53 -5.14 1.44
N TRP B 92 3.74 -5.62 1.18
CA TRP B 92 4.08 -5.95 -0.19
C TRP B 92 3.34 -7.20 -0.69
N THR B 93 3.11 -8.18 0.19
CA THR B 93 2.31 -9.34 -0.21
C THR B 93 0.90 -8.91 -0.60
N TYR B 94 0.28 -8.04 0.21
CA TYR B 94 -1.06 -7.55 -0.11
C TYR B 94 -1.06 -6.83 -1.45
N ASN B 95 -0.08 -5.97 -1.69
CA ASN B 95 -0.02 -5.23 -2.94
C ASN B 95 0.05 -6.15 -4.14
N ALA B 96 0.96 -7.14 -4.10
CA ALA B 96 1.12 -8.03 -5.25
C ALA B 96 -0.15 -8.83 -5.53
N GLU B 97 -0.73 -9.42 -4.49
CA GLU B 97 -1.91 -10.24 -4.71
C GLU B 97 -3.08 -9.43 -5.25
N LEU B 98 -3.30 -8.24 -4.68
CA LEU B 98 -4.39 -7.40 -5.16
C LEU B 98 -4.18 -6.98 -6.62
N LEU B 99 -2.94 -6.61 -6.98
CA LEU B 99 -2.67 -6.20 -8.34
C LEU B 99 -3.00 -7.31 -9.33
N VAL B 100 -2.53 -8.52 -9.06
CA VAL B 100 -2.80 -9.63 -9.99
C VAL B 100 -4.30 -9.90 -10.09
N LEU B 101 -4.98 -9.95 -8.94
CA LEU B 101 -6.40 -10.28 -8.93
C LEU B 101 -7.21 -9.26 -9.70
N LEU B 102 -6.88 -7.97 -9.56
CA LEU B 102 -7.63 -6.93 -10.26
C LEU B 102 -7.28 -6.83 -11.73
N GLU B 103 -6.05 -7.14 -12.13
CA GLU B 103 -5.70 -7.06 -13.55
C GLU B 103 -6.30 -8.20 -14.37
N ASN B 104 -6.47 -9.39 -13.75
CA ASN B 104 -7.00 -10.51 -14.52
C ASN B 104 -8.41 -10.24 -15.06
N GLU B 105 -9.26 -9.61 -14.27
CA GLU B 105 -10.64 -9.34 -14.68
C GLU B 105 -10.70 -8.38 -15.86
N ARG B 106 -9.91 -7.31 -15.81
CA ARG B 106 -9.86 -6.36 -16.92
C ARG B 106 -9.32 -7.04 -18.18
N THR B 107 -8.31 -7.91 -18.03
CA THR B 107 -7.80 -8.63 -19.17
C THR B 107 -8.90 -9.49 -19.80
N LEU B 108 -9.72 -10.14 -18.98
CA LEU B 108 -10.79 -10.96 -19.54
C LEU B 108 -11.90 -10.14 -20.19
N ASP B 109 -12.17 -8.92 -19.70
CA ASP B 109 -13.19 -8.07 -20.34
C ASP B 109 -12.71 -7.47 -21.66
N PHE B 110 -11.39 -7.24 -21.78
CA PHE B 110 -10.82 -6.65 -22.99
C PHE B 110 -11.14 -7.48 -24.23
N HIS B 111 -10.96 -8.80 -24.15
CA HIS B 111 -11.18 -9.67 -25.30
C HIS B 111 -12.65 -9.74 -25.69
N ASP B 112 -13.55 -9.75 -24.69
CA ASP B 112 -14.98 -9.72 -24.95
C ASP B 112 -15.36 -8.46 -25.71
N SER B 113 -14.82 -7.31 -25.29
CA SER B 113 -15.08 -6.06 -26.00
C SER B 113 -14.59 -6.13 -27.44
N ASN B 114 -13.39 -6.68 -27.66
CA ASN B 114 -12.86 -6.77 -29.02
C ASN B 114 -13.72 -7.65 -29.93
N VAL B 115 -14.18 -8.79 -29.42
CA VAL B 115 -15.04 -9.66 -30.21
C VAL B 115 -16.35 -8.96 -30.56
N LYS B 116 -16.95 -8.26 -29.60
CA LYS B 116 -18.19 -7.56 -29.89
C LYS B 116 -17.99 -6.46 -30.93
N ASN B 117 -16.87 -5.73 -30.85
CA ASN B 117 -16.61 -4.69 -31.84
C ASN B 117 -16.46 -5.28 -33.24
N LEU B 118 -15.78 -6.42 -33.36
CA LEU B 118 -15.66 -7.05 -34.69
C LEU B 118 -17.03 -7.46 -35.23
N TYR B 119 -17.87 -8.05 -34.38
CA TYR B 119 -19.20 -8.45 -34.82
C TYR B 119 -20.00 -7.25 -35.31
N GLU B 120 -19.99 -6.15 -34.56
CA GLU B 120 -20.74 -4.97 -34.98
C GLU B 120 -20.18 -4.37 -36.26
N LYS B 121 -18.86 -4.38 -36.43
CA LYS B 121 -18.27 -3.88 -37.66
C LYS B 121 -18.78 -4.63 -38.87
N VAL B 122 -18.86 -5.97 -38.78
CA VAL B 122 -19.39 -6.73 -39.91
C VAL B 122 -20.89 -6.47 -40.10
N LYS B 123 -21.63 -6.40 -38.99
CA LYS B 123 -23.08 -6.25 -39.09
C LYS B 123 -23.48 -4.94 -39.75
N ILE B 124 -22.79 -3.84 -39.44
CA ILE B 124 -23.12 -2.58 -40.10
C ILE B 124 -22.73 -2.58 -41.56
N GLN B 125 -21.76 -3.39 -41.98
CA GLN B 125 -21.43 -3.48 -43.39
C GLN B 125 -22.50 -4.23 -44.16
N LEU B 126 -22.95 -5.38 -43.65
CA LEU B 126 -23.89 -6.18 -44.41
C LEU B 126 -25.29 -5.59 -44.40
N LYS B 127 -25.70 -4.99 -43.29
CA LYS B 127 -27.01 -4.37 -43.05
C LYS B 127 -28.19 -5.09 -43.69
N ASN B 128 -28.29 -5.09 -45.02
CA ASN B 128 -29.51 -5.52 -45.69
C ASN B 128 -29.36 -6.71 -46.61
N ASN B 129 -28.17 -6.98 -47.14
CA ASN B 129 -27.95 -8.10 -48.05
C ASN B 129 -27.56 -9.38 -47.32
N ALA B 130 -27.89 -9.48 -46.03
CA ALA B 130 -27.57 -10.68 -45.27
C ALA B 130 -28.56 -10.80 -44.11
N LYS B 131 -28.81 -12.04 -43.71
CA LYS B 131 -29.70 -12.35 -42.60
C LYS B 131 -28.87 -12.75 -41.38
N GLU B 132 -29.20 -12.16 -40.24
CA GLU B 132 -28.57 -12.51 -38.97
C GLU B 132 -29.17 -13.82 -38.46
N ILE B 133 -28.32 -14.81 -38.20
CA ILE B 133 -28.81 -16.11 -37.78
C ILE B 133 -28.86 -16.24 -36.26
N GLY B 134 -27.84 -15.77 -35.54
CA GLY B 134 -27.89 -15.73 -34.10
C GLY B 134 -26.63 -16.14 -33.36
N ASN B 135 -25.83 -17.02 -33.96
CA ASN B 135 -24.61 -17.51 -33.35
C ASN B 135 -23.38 -16.74 -33.79
N GLY B 136 -23.51 -15.45 -34.07
CA GLY B 136 -22.45 -14.70 -34.70
C GLY B 136 -22.32 -14.94 -36.18
N CYS B 137 -23.41 -15.26 -36.85
CA CYS B 137 -23.39 -15.82 -38.19
C CYS B 137 -24.31 -15.02 -39.11
N PHE B 138 -23.87 -14.85 -40.35
CA PHE B 138 -24.60 -14.10 -41.37
C PHE B 138 -24.75 -14.96 -42.61
N GLU B 139 -25.95 -14.94 -43.19
CA GLU B 139 -26.25 -15.71 -44.39
C GLU B 139 -26.61 -14.75 -45.52
N PHE B 140 -25.84 -14.78 -46.60
CA PHE B 140 -26.03 -13.83 -47.68
C PHE B 140 -27.29 -14.14 -48.48
N TYR B 141 -27.85 -13.10 -49.09
CA TYR B 141 -28.99 -13.23 -50.00
C TYR B 141 -28.56 -13.47 -51.43
N HIS B 142 -27.48 -12.83 -51.88
CA HIS B 142 -26.95 -12.99 -53.22
C HIS B 142 -25.83 -14.03 -53.21
N LYS B 143 -25.10 -14.15 -54.31
CA LYS B 143 -23.98 -15.08 -54.43
C LYS B 143 -22.69 -14.32 -54.14
N CYS B 144 -21.96 -14.79 -53.13
CA CYS B 144 -20.74 -14.12 -52.66
C CYS B 144 -19.55 -15.04 -52.91
N ASP B 145 -18.75 -14.71 -53.92
CA ASP B 145 -17.57 -15.50 -54.23
C ASP B 145 -16.38 -15.00 -53.40
N ASN B 146 -15.17 -15.46 -53.75
CA ASN B 146 -13.98 -15.13 -52.97
C ASN B 146 -13.64 -13.65 -53.00
N GLU B 147 -13.91 -12.94 -54.10
CA GLU B 147 -13.69 -11.50 -54.11
C GLU B 147 -14.61 -10.79 -53.14
N CYS B 148 -15.89 -11.16 -53.14
CA CYS B 148 -16.83 -10.62 -52.17
C CYS B 148 -16.43 -10.95 -50.74
N MET B 149 -16.01 -12.19 -50.50
CA MET B 149 -15.59 -12.58 -49.17
C MET B 149 -14.39 -11.76 -48.71
N GLU B 150 -13.39 -11.60 -49.58
CA GLU B 150 -12.21 -10.84 -49.20
C GLU B 150 -12.53 -9.37 -49.01
N SER B 151 -13.51 -8.84 -49.75
CA SER B 151 -13.93 -7.46 -49.53
C SER B 151 -14.67 -7.29 -48.20
N VAL B 152 -15.39 -8.32 -47.76
CA VAL B 152 -16.07 -8.23 -46.46
C VAL B 152 -15.05 -8.18 -45.33
N ARG B 153 -14.01 -9.01 -45.40
CA ARG B 153 -12.99 -9.07 -44.36
C ARG B 153 -11.95 -7.96 -44.47
N ASN B 154 -12.05 -7.09 -45.47
CA ASN B 154 -11.17 -5.96 -45.61
C ASN B 154 -11.81 -4.64 -45.19
N GLY B 155 -13.13 -4.60 -45.06
CA GLY B 155 -13.84 -3.39 -44.68
C GLY B 155 -14.36 -2.58 -45.86
N THR B 156 -14.16 -3.03 -47.09
CA THR B 156 -14.56 -2.30 -48.28
C THR B 156 -15.65 -3.03 -49.06
N TYR B 157 -16.60 -3.64 -48.36
CA TYR B 157 -17.71 -4.29 -49.03
C TYR B 157 -18.60 -3.26 -49.69
N ASP B 158 -18.93 -3.50 -50.97
CA ASP B 158 -19.65 -2.53 -51.79
C ASP B 158 -21.14 -2.87 -51.74
N TYR B 159 -21.88 -2.12 -50.91
CA TYR B 159 -23.31 -2.38 -50.75
C TYR B 159 -24.12 -2.17 -52.02
N PRO B 160 -24.01 -1.05 -52.75
CA PRO B 160 -24.93 -0.83 -53.88
C PRO B 160 -24.83 -1.84 -55.00
N LYS B 161 -23.64 -2.39 -55.25
CA LYS B 161 -23.47 -3.29 -56.39
C LYS B 161 -24.35 -4.53 -56.26
N TYR B 162 -24.47 -5.07 -55.05
CA TYR B 162 -25.32 -6.22 -54.79
C TYR B 162 -26.71 -5.81 -54.30
N SER B 163 -27.22 -4.68 -54.77
CA SER B 163 -28.51 -4.14 -54.35
C SER B 163 -28.51 -3.80 -52.86
N SER C 40 -29.90 17.22 -47.37
CA SER C 40 -31.22 16.63 -47.18
C SER C 40 -31.59 16.53 -45.71
N ASP C 41 -31.54 17.67 -45.01
CA ASP C 41 -32.00 17.75 -43.63
C ASP C 41 -31.31 16.72 -42.75
N THR C 42 -30.00 16.89 -42.52
CA THR C 42 -29.18 15.87 -41.88
C THR C 42 -28.86 16.31 -40.46
N ILE C 43 -28.59 15.34 -39.59
CA ILE C 43 -28.19 15.63 -38.21
C ILE C 43 -27.14 14.61 -37.77
N CYS C 44 -26.11 15.08 -37.05
CA CYS C 44 -24.99 14.24 -36.67
C CYS C 44 -24.63 14.45 -35.20
N ILE C 45 -24.01 13.43 -34.61
CA ILE C 45 -23.53 13.42 -33.23
C ILE C 45 -22.01 13.49 -33.24
N GLY C 46 -21.43 14.21 -32.29
CA GLY C 46 -19.99 14.31 -32.25
C GLY C 46 -19.48 14.80 -30.92
N TYR C 47 -18.15 14.93 -30.83
CA TYR C 47 -17.48 15.31 -29.59
C TYR C 47 -16.43 16.39 -29.89
N HIS C 48 -15.76 16.82 -28.82
CA HIS C 48 -14.94 18.03 -28.83
C HIS C 48 -13.48 17.73 -29.14
N ALA C 49 -12.82 18.68 -29.81
CA ALA C 49 -11.39 18.61 -30.07
C ALA C 49 -10.79 20.01 -30.02
N ASN C 50 -9.51 20.09 -29.67
CA ASN C 50 -8.80 21.37 -29.63
C ASN C 50 -7.35 21.21 -30.06
N ASN C 51 -6.51 22.21 -29.77
CA ASN C 51 -5.13 22.24 -30.22
C ASN C 51 -4.14 21.91 -29.10
N SER C 52 -4.60 21.25 -28.04
CA SER C 52 -3.71 20.94 -26.93
C SER C 52 -2.75 19.82 -27.31
N THR C 53 -1.61 19.80 -26.64
CA THR C 53 -0.56 18.80 -26.88
C THR C 53 -0.05 18.22 -25.58
N ASP C 54 -0.96 17.89 -24.66
CA ASP C 54 -0.61 17.32 -23.37
C ASP C 54 -1.02 15.85 -23.31
N THR C 55 -0.09 15.01 -22.89
CA THR C 55 -0.23 13.56 -22.96
C THR C 55 -0.25 12.95 -21.56
N VAL C 56 -0.95 11.83 -21.44
CA VAL C 56 -1.06 11.07 -20.20
C VAL C 56 -0.71 9.62 -20.50
N ASP C 57 -0.53 8.84 -19.44
CA ASP C 57 -0.19 7.43 -19.53
C ASP C 57 -1.29 6.58 -18.91
N THR C 58 -1.65 5.50 -19.60
CA THR C 58 -2.56 4.49 -19.07
C THR C 58 -1.81 3.15 -19.00
N VAL C 59 -2.53 2.10 -18.63
CA VAL C 59 -1.90 0.79 -18.52
C VAL C 59 -1.65 0.17 -19.89
N LEU C 60 -2.57 0.35 -20.84
CA LEU C 60 -2.47 -0.27 -22.14
C LEU C 60 -1.76 0.60 -23.19
N GLU C 61 -1.42 1.85 -22.85
CA GLU C 61 -0.82 2.73 -23.84
C GLU C 61 -0.09 3.86 -23.14
N LYS C 62 0.92 4.42 -23.82
CA LYS C 62 1.69 5.55 -23.32
C LYS C 62 1.56 6.73 -24.27
N ASN C 63 1.63 7.94 -23.70
CA ASN C 63 1.58 9.19 -24.44
C ASN C 63 0.29 9.37 -25.24
N VAL C 64 -0.84 9.42 -24.54
CA VAL C 64 -2.12 9.70 -25.16
C VAL C 64 -2.40 11.20 -25.03
N THR C 65 -2.59 11.87 -26.17
CA THR C 65 -2.89 13.30 -26.17
C THR C 65 -4.35 13.52 -25.82
N VAL C 66 -4.62 14.43 -24.88
CA VAL C 66 -5.96 14.65 -24.37
C VAL C 66 -6.31 16.13 -24.43
N THR C 67 -7.61 16.41 -24.36
CA THR C 67 -8.11 17.78 -24.46
C THR C 67 -7.88 18.59 -23.19
N HIS C 68 -8.07 18.00 -22.02
CA HIS C 68 -7.90 18.69 -20.75
C HIS C 68 -7.21 17.77 -19.75
N SER C 69 -6.38 18.34 -18.89
CA SER C 69 -5.68 17.57 -17.86
C SER C 69 -5.21 18.52 -16.77
N VAL C 70 -4.79 17.93 -15.65
CA VAL C 70 -4.22 18.67 -14.52
C VAL C 70 -2.91 18.01 -14.11
N ASN C 71 -2.04 18.80 -13.48
CA ASN C 71 -0.75 18.32 -12.99
C ASN C 71 -0.77 18.27 -11.47
N LEU C 72 -0.31 17.15 -10.92
CA LEU C 72 -0.38 16.89 -9.49
C LEU C 72 0.98 16.91 -8.79
N LEU C 73 2.05 17.25 -9.50
CA LEU C 73 3.40 17.20 -8.94
C LEU C 73 4.08 18.55 -9.06
N GLU C 74 4.77 18.96 -8.01
CA GLU C 74 5.49 20.22 -7.97
C GLU C 74 6.99 19.96 -7.95
N ASP C 75 7.73 20.66 -8.80
CA ASP C 75 9.18 20.49 -8.86
C ASP C 75 9.90 21.84 -8.99
N SER C 76 9.39 22.89 -8.34
CA SER C 76 9.99 24.21 -8.42
C SER C 76 10.15 24.80 -7.03
N HIS C 77 11.31 25.37 -6.76
CA HIS C 77 11.58 26.10 -5.53
C HIS C 77 12.32 27.39 -5.86
N ASN C 78 12.46 28.27 -4.87
CA ASN C 78 13.08 29.56 -5.08
C ASN C 78 14.58 29.59 -4.78
N GLY C 79 15.11 28.58 -4.09
CA GLY C 79 16.53 28.47 -3.90
C GLY C 79 17.13 29.27 -2.76
N LYS C 80 16.34 29.66 -1.78
CA LYS C 80 16.86 30.44 -0.66
C LYS C 80 16.13 30.04 0.62
N LEU C 81 16.78 30.30 1.76
CA LEU C 81 16.22 30.01 3.07
C LEU C 81 15.44 31.23 3.55
N CYS C 82 14.15 31.05 3.79
CA CYS C 82 13.23 32.15 4.08
C CYS C 82 12.75 32.07 5.52
N ARG C 83 11.85 32.98 5.87
CA ARG C 83 11.27 33.07 7.20
C ARG C 83 9.96 32.29 7.25
N LEU C 84 9.75 31.56 8.34
CA LEU C 84 8.58 30.72 8.51
C LEU C 84 7.53 31.48 9.33
N LYS C 85 6.54 32.02 8.63
CA LYS C 85 5.39 32.68 9.25
C LYS C 85 5.80 33.89 10.07
N GLY C 86 6.78 34.64 9.59
CA GLY C 86 7.16 35.87 10.25
C GLY C 86 8.47 35.83 11.00
N ILE C 87 8.81 34.68 11.56
CA ILE C 87 10.00 34.54 12.39
C ILE C 87 11.17 34.08 11.53
N ALA C 88 12.33 34.73 11.72
CA ALA C 88 13.54 34.36 10.99
C ALA C 88 14.22 33.16 11.65
N PRO C 89 14.89 32.33 10.88
CA PRO C 89 15.62 31.20 11.47
C PRO C 89 16.91 31.65 12.13
N LEU C 90 17.55 30.72 12.81
CA LEU C 90 18.82 30.95 13.49
C LEU C 90 19.90 30.20 12.73
N GLN C 91 20.76 30.95 12.04
CA GLN C 91 21.90 30.39 11.33
C GLN C 91 23.16 30.48 12.19
N LEU C 92 23.83 29.34 12.36
CA LEU C 92 25.00 29.26 13.21
C LEU C 92 26.28 29.64 12.46
N GLY C 93 26.42 29.21 11.22
CA GLY C 93 27.55 29.61 10.41
C GLY C 93 28.79 28.78 10.64
N LYS C 94 29.77 29.35 11.35
CA LYS C 94 31.01 28.66 11.63
C LYS C 94 30.92 27.66 12.77
N CYS C 95 29.91 27.77 13.62
CA CYS C 95 29.79 26.96 14.82
C CYS C 95 28.74 25.88 14.66
N ASN C 96 28.71 24.97 15.63
CA ASN C 96 27.70 23.95 15.76
C ASN C 96 26.97 24.15 17.08
N ILE C 97 26.15 23.17 17.47
CA ILE C 97 25.40 23.28 18.71
C ILE C 97 26.32 23.38 19.92
N ALA C 98 27.38 22.57 19.95
CA ALA C 98 28.29 22.58 21.09
C ALA C 98 28.99 23.92 21.23
N GLY C 99 29.48 24.48 20.12
CA GLY C 99 30.11 25.80 20.18
C GLY C 99 29.15 26.92 20.51
N TRP C 100 27.93 26.85 19.97
CA TRP C 100 26.93 27.87 20.27
C TRP C 100 26.57 27.87 21.74
N ILE C 101 26.38 26.68 22.32
CA ILE C 101 25.90 26.59 23.70
C ILE C 101 27.03 26.75 24.72
N LEU C 102 28.22 26.23 24.44
CA LEU C 102 29.34 26.33 25.37
C LEU C 102 29.93 27.72 25.44
N GLY C 103 29.83 28.51 24.37
CA GLY C 103 30.38 29.85 24.35
C GLY C 103 31.76 29.93 23.73
N ASN C 104 31.92 29.33 22.56
CA ASN C 104 33.18 29.32 21.83
C ASN C 104 33.62 30.74 21.50
N PRO C 105 34.92 31.06 21.58
CA PRO C 105 35.37 32.42 21.27
C PRO C 105 35.09 32.86 19.84
N GLU C 106 34.80 31.94 18.92
CA GLU C 106 34.50 32.28 17.54
C GLU C 106 33.01 32.40 17.27
N CYS C 107 32.17 32.28 18.28
CA CYS C 107 30.73 32.39 18.15
C CYS C 107 30.21 33.58 18.96
N ASP C 108 30.93 34.70 18.90
CA ASP C 108 30.62 35.85 19.73
C ASP C 108 29.38 36.61 19.27
N SER C 109 28.85 36.29 18.09
CA SER C 109 27.72 37.03 17.53
C SER C 109 26.37 36.39 17.80
N LEU C 110 26.34 35.17 18.35
CA LEU C 110 25.08 34.47 18.61
C LEU C 110 24.55 34.71 20.01
N LEU C 111 25.20 35.57 20.79
CA LEU C 111 24.78 35.88 22.15
C LEU C 111 23.40 36.53 22.24
N PRO C 112 23.06 37.53 21.43
CA PRO C 112 21.71 38.15 21.54
C PRO C 112 20.54 37.32 21.03
N ALA C 113 20.81 36.16 20.44
CA ALA C 113 19.73 35.35 19.87
C ALA C 113 18.88 34.76 20.98
N SER C 114 17.56 34.94 20.86
CA SER C 114 16.64 34.44 21.87
C SER C 114 15.38 33.84 21.28
N SER C 115 15.26 33.80 19.96
CA SER C 115 14.07 33.26 19.33
C SER C 115 14.39 32.88 17.89
N TRP C 116 13.69 31.87 17.38
CA TRP C 116 13.92 31.36 16.04
C TRP C 116 12.73 30.50 15.63
N SER C 117 12.72 30.12 14.35
CA SER C 117 11.78 29.14 13.84
C SER C 117 12.42 27.80 13.49
N TYR C 118 13.68 27.79 13.06
CA TYR C 118 14.44 26.56 12.89
C TYR C 118 15.91 26.91 12.93
N ILE C 119 16.74 25.88 13.09
CA ILE C 119 18.19 26.03 13.21
C ILE C 119 18.84 25.51 11.93
N VAL C 120 19.83 26.24 11.42
CA VAL C 120 20.51 25.92 10.18
C VAL C 120 21.98 25.70 10.48
N GLU C 121 22.52 24.58 10.00
CA GLU C 121 23.94 24.27 10.09
C GLU C 121 24.50 24.04 8.69
N THR C 122 25.81 24.19 8.56
CA THR C 122 26.49 23.99 7.29
C THR C 122 27.54 22.90 7.43
N PRO C 123 27.97 22.26 6.34
CA PRO C 123 29.04 21.25 6.42
C PRO C 123 30.40 21.78 6.83
N ASN C 124 30.58 23.09 6.94
CA ASN C 124 31.82 23.68 7.43
C ASN C 124 31.64 24.27 8.83
N SER C 125 30.72 23.68 9.61
CA SER C 125 30.49 24.07 11.00
C SER C 125 31.41 23.23 11.86
N LYS C 126 32.61 23.74 12.12
CA LYS C 126 33.65 22.96 12.79
C LYS C 126 34.15 23.58 14.09
N ASN C 127 33.59 24.71 14.52
CA ASN C 127 34.01 25.34 15.76
C ASN C 127 33.09 24.87 16.89
N GLY C 128 33.49 23.78 17.54
CA GLY C 128 32.73 23.23 18.65
C GLY C 128 33.49 23.33 19.95
N ILE C 129 34.01 22.20 20.42
CA ILE C 129 34.86 22.16 21.59
C ILE C 129 36.30 22.38 21.14
N CYS C 130 36.95 23.40 21.72
CA CYS C 130 38.33 23.71 21.36
C CYS C 130 39.32 22.86 22.15
N TYR C 131 39.08 22.68 23.43
CA TYR C 131 39.89 21.78 24.25
C TYR C 131 39.47 20.33 23.98
N PRO C 132 40.40 19.45 23.63
CA PRO C 132 40.02 18.08 23.27
C PRO C 132 39.37 17.35 24.43
N GLY C 133 38.43 16.49 24.10
CA GLY C 133 37.71 15.70 25.08
C GLY C 133 36.42 15.17 24.51
N ASP C 134 35.60 14.62 25.40
CA ASP C 134 34.36 13.95 25.03
C ASP C 134 33.15 14.72 25.54
N PHE C 135 32.14 14.86 24.68
CA PHE C 135 30.85 15.46 25.04
C PHE C 135 29.86 14.33 25.23
N ILE C 136 29.47 14.08 26.47
CA ILE C 136 28.67 12.91 26.81
C ILE C 136 27.20 13.20 26.54
N ASP C 137 26.54 12.30 25.81
CA ASP C 137 25.13 12.40 25.45
C ASP C 137 24.87 13.66 24.63
N TYR C 138 25.56 13.81 23.50
CA TYR C 138 25.46 15.00 22.67
C TYR C 138 24.28 14.94 21.69
N GLU C 139 24.03 13.78 21.09
CA GLU C 139 22.91 13.61 20.18
C GLU C 139 21.57 13.68 20.90
N GLU C 140 21.50 13.23 22.16
CA GLU C 140 20.30 13.45 22.95
C GLU C 140 20.06 14.93 23.21
N LEU C 141 21.12 15.71 23.41
CA LEU C 141 20.98 17.15 23.55
C LEU C 141 20.47 17.78 22.26
N ARG C 142 20.97 17.33 21.11
CA ARG C 142 20.44 17.83 19.84
C ARG C 142 18.96 17.48 19.68
N GLU C 143 18.58 16.26 20.06
CA GLU C 143 17.18 15.87 19.99
C GLU C 143 16.32 16.72 20.93
N GLN C 144 16.84 17.06 22.11
CA GLN C 144 16.11 17.94 23.02
C GLN C 144 15.93 19.33 22.42
N LEU C 145 16.99 19.87 21.81
CA LEU C 145 16.91 21.21 21.22
C LEU C 145 16.11 21.25 19.93
N SER C 146 15.85 20.11 19.30
CA SER C 146 15.00 20.09 18.11
C SER C 146 13.55 20.45 18.39
N SER C 147 13.18 20.74 19.64
CA SER C 147 11.80 21.12 19.95
C SER C 147 11.74 22.36 20.83
N VAL C 148 12.76 23.22 20.79
CA VAL C 148 12.81 24.44 21.58
C VAL C 148 12.74 25.62 20.62
N SER C 149 11.91 26.60 20.95
CA SER C 149 11.74 27.78 20.12
C SER C 149 12.35 29.05 20.72
N SER C 150 12.63 29.08 22.01
CA SER C 150 13.25 30.25 22.63
C SER C 150 13.80 29.85 23.99
N PHE C 151 14.70 30.68 24.51
CA PHE C 151 15.19 30.52 25.86
C PHE C 151 15.61 31.88 26.40
N GLU C 152 15.81 31.93 27.72
CA GLU C 152 16.35 33.10 28.41
C GLU C 152 17.68 32.72 29.02
N ARG C 153 18.73 33.47 28.67
CA ARG C 153 20.06 33.23 29.20
C ARG C 153 20.28 34.10 30.42
N PHE C 154 20.48 33.48 31.58
CA PHE C 154 20.66 34.19 32.83
C PHE C 154 21.90 33.70 33.55
N GLU C 155 22.41 34.54 34.44
CA GLU C 155 23.64 34.25 35.18
C GLU C 155 23.29 33.43 36.42
N ILE C 156 23.61 32.13 36.38
CA ILE C 156 23.24 31.24 37.47
C ILE C 156 24.14 31.44 38.69
N PHE C 157 25.44 31.55 38.47
CA PHE C 157 26.39 31.88 39.54
C PHE C 157 27.17 33.12 39.13
N PRO C 158 26.88 34.28 39.72
CA PRO C 158 27.61 35.50 39.34
C PRO C 158 29.11 35.35 39.57
N LYS C 159 29.89 35.86 38.61
CA LYS C 159 31.33 35.69 38.67
C LYS C 159 31.95 36.56 39.77
N GLU C 160 31.37 37.74 40.03
CA GLU C 160 32.01 38.72 40.89
C GLU C 160 31.81 38.45 42.37
N SER C 161 30.91 37.54 42.75
CA SER C 161 30.57 37.34 44.14
C SER C 161 30.46 35.89 44.59
N SER C 162 30.67 34.93 43.70
CA SER C 162 30.46 33.53 44.05
C SER C 162 31.74 32.81 44.46
N TRP C 163 32.90 33.26 44.00
CA TRP C 163 34.17 32.56 44.21
C TRP C 163 35.17 33.52 44.83
N PRO C 164 35.07 33.77 46.15
CA PRO C 164 36.04 34.65 46.80
C PRO C 164 37.39 34.01 47.09
N LYS C 165 37.45 32.69 47.22
CA LYS C 165 38.66 32.00 47.65
C LYS C 165 39.37 31.27 46.52
N HIS C 166 38.96 31.45 45.27
CA HIS C 166 39.62 30.84 44.13
C HIS C 166 39.91 31.91 43.09
N SER C 167 40.77 31.56 42.13
CA SER C 167 41.19 32.48 41.08
C SER C 167 40.24 32.34 39.90
N THR C 168 39.58 33.44 39.55
CA THR C 168 38.57 33.42 38.49
C THR C 168 39.12 33.77 37.12
N THR C 169 40.19 34.55 37.03
CA THR C 169 40.79 34.88 35.74
C THR C 169 42.25 34.43 35.74
N LYS C 170 42.45 33.13 35.52
CA LYS C 170 43.73 32.61 35.08
C LYS C 170 43.53 31.40 34.18
N GLY C 171 42.26 31.07 33.92
CA GLY C 171 41.93 29.85 33.21
C GLY C 171 41.83 30.02 31.71
N VAL C 172 42.96 30.24 31.05
CA VAL C 172 43.01 30.44 29.61
C VAL C 172 43.95 29.41 29.01
N THR C 173 43.69 29.04 27.77
CA THR C 173 44.48 28.03 27.08
C THR C 173 44.76 28.49 25.65
N ALA C 174 45.78 27.90 25.06
CA ALA C 174 46.19 28.16 23.69
C ALA C 174 45.47 27.29 22.67
N ALA C 175 44.71 26.28 23.12
CA ALA C 175 43.84 25.53 22.24
C ALA C 175 42.55 26.28 21.93
N CYS C 176 42.29 27.38 22.64
CA CYS C 176 41.11 28.23 22.42
C CYS C 176 41.68 29.64 22.22
N SER C 177 42.03 29.96 20.98
CA SER C 177 42.72 31.20 20.65
C SER C 177 41.76 32.19 20.02
N HIS C 178 41.74 33.40 20.55
CA HIS C 178 40.94 34.50 20.01
C HIS C 178 41.85 35.70 19.80
N ALA C 179 41.88 36.21 18.57
CA ALA C 179 42.65 37.41 18.25
C ALA C 179 44.13 37.28 18.60
N GLY C 180 44.64 36.04 18.63
CA GLY C 180 46.06 35.81 18.81
C GLY C 180 46.54 35.58 20.22
N LYS C 181 45.69 35.70 21.24
CA LYS C 181 46.10 35.37 22.60
C LYS C 181 45.22 34.26 23.16
N SER C 182 45.74 33.61 24.21
CA SER C 182 45.06 32.48 24.82
C SER C 182 43.71 32.90 25.40
N SER C 183 42.74 32.00 25.30
CA SER C 183 41.38 32.32 25.74
C SER C 183 40.70 31.04 26.21
N PHE C 184 39.38 31.12 26.41
CA PHE C 184 38.58 30.03 26.94
C PHE C 184 37.13 30.31 26.61
N TYR C 185 36.26 29.34 26.89
CA TYR C 185 34.83 29.47 26.66
C TYR C 185 34.24 30.64 27.44
N ARG C 186 33.05 31.09 27.04
CA ARG C 186 32.42 32.25 27.63
C ARG C 186 31.35 31.91 28.66
N ASN C 187 30.66 30.79 28.50
CA ASN C 187 29.60 30.40 29.42
C ASN C 187 30.08 29.51 30.56
N LEU C 188 31.36 29.19 30.61
CA LEU C 188 31.95 28.37 31.66
C LEU C 188 33.04 29.16 32.37
N LEU C 189 33.63 28.56 33.40
CA LEU C 189 34.65 29.25 34.17
C LEU C 189 35.60 28.22 34.75
N TRP C 190 36.88 28.30 34.38
CA TRP C 190 37.89 27.35 34.82
C TRP C 190 38.56 27.88 36.07
N LEU C 191 38.22 27.31 37.23
CA LEU C 191 38.77 27.75 38.50
C LEU C 191 40.15 27.16 38.73
N THR C 192 40.90 27.81 39.61
CA THR C 192 42.31 27.47 39.83
C THR C 192 42.68 27.95 41.23
N LYS C 193 43.66 27.26 41.83
CA LYS C 193 44.07 27.56 43.18
C LYS C 193 44.55 29.01 43.31
N LYS C 194 44.39 29.56 44.51
CA LYS C 194 44.82 30.92 44.81
C LYS C 194 45.81 30.88 45.96
N GLU C 195 47.07 31.22 45.68
CA GLU C 195 48.16 31.21 46.65
C GLU C 195 48.25 29.88 47.38
N ASP C 196 48.41 28.82 46.58
CA ASP C 196 48.66 27.47 47.08
C ASP C 196 47.52 27.00 47.99
N SER C 197 46.29 27.23 47.56
CA SER C 197 45.14 26.83 48.36
C SER C 197 43.94 26.60 47.44
N TYR C 198 43.32 25.43 47.57
CA TYR C 198 42.07 25.09 46.89
C TYR C 198 41.10 24.56 47.93
N PRO C 199 40.44 25.43 48.69
CA PRO C 199 39.48 24.95 49.70
C PRO C 199 38.30 24.26 49.05
N LYS C 200 37.61 23.45 49.86
CA LYS C 200 36.47 22.69 49.37
C LYS C 200 35.36 23.62 48.90
N LEU C 201 34.69 23.20 47.82
CA LEU C 201 33.66 23.99 47.17
C LEU C 201 32.29 23.42 47.50
N SER C 202 31.30 24.29 47.62
CA SER C 202 29.93 23.88 47.90
C SER C 202 28.98 24.95 47.41
N ASN C 203 28.17 24.65 46.40
CA ASN C 203 27.25 25.63 45.85
C ASN C 203 25.94 24.95 45.50
N SER C 204 24.85 25.73 45.54
CA SER C 204 23.52 25.21 45.26
C SER C 204 22.70 26.25 44.51
N TYR C 205 21.71 25.77 43.76
CA TYR C 205 20.80 26.66 43.04
C TYR C 205 19.42 26.03 42.98
N VAL C 206 18.39 26.83 43.24
CA VAL C 206 17.00 26.41 43.22
C VAL C 206 16.32 27.05 42.02
N ASN C 207 15.52 26.26 41.30
CA ASN C 207 14.84 26.73 40.10
C ASN C 207 13.56 27.45 40.49
N LYS C 208 13.55 28.77 40.34
CA LYS C 208 12.36 29.58 40.60
C LYS C 208 11.81 30.24 39.35
N LYS C 209 12.38 29.98 38.17
CA LYS C 209 11.93 30.62 36.94
C LYS C 209 10.62 30.08 36.42
N GLY C 210 10.12 28.98 36.96
CA GLY C 210 8.88 28.40 36.47
C GLY C 210 9.00 27.64 35.18
N LYS C 211 10.22 27.37 34.72
CA LYS C 211 10.45 26.65 33.47
C LYS C 211 11.63 25.70 33.66
N GLU C 212 11.91 24.93 32.61
CA GLU C 212 13.03 24.02 32.61
C GLU C 212 14.33 24.78 32.38
N VAL C 213 15.38 24.39 33.11
CA VAL C 213 16.66 25.07 33.06
C VAL C 213 17.74 24.08 32.63
N LEU C 214 18.54 24.46 31.65
CA LEU C 214 19.62 23.63 31.12
C LEU C 214 20.94 24.06 31.71
N VAL C 215 21.62 23.15 32.41
CA VAL C 215 22.89 23.44 33.05
C VAL C 215 23.98 22.59 32.40
N LEU C 216 25.17 23.18 32.27
CA LEU C 216 26.31 22.52 31.64
C LEU C 216 27.56 22.75 32.48
N TRP C 217 28.44 21.74 32.54
CA TRP C 217 29.69 21.85 33.26
C TRP C 217 30.73 20.94 32.62
N GLY C 218 31.94 20.96 33.17
CA GLY C 218 33.04 20.16 32.64
C GLY C 218 33.98 19.71 33.73
N VAL C 219 34.72 18.64 33.41
CA VAL C 219 35.71 18.04 34.32
C VAL C 219 37.02 17.90 33.57
N HIS C 220 38.11 18.31 34.20
CA HIS C 220 39.43 18.35 33.56
C HIS C 220 40.31 17.21 34.04
N HIS C 221 40.88 16.46 33.10
CA HIS C 221 41.84 15.40 33.38
C HIS C 221 43.22 15.85 32.89
N PRO C 222 44.13 16.21 33.80
CA PRO C 222 45.47 16.63 33.38
C PRO C 222 46.32 15.48 32.86
N SER C 223 47.57 15.76 32.53
CA SER C 223 48.46 14.77 31.94
C SER C 223 49.47 14.19 32.91
N SER C 224 49.88 14.92 33.94
CA SER C 224 50.84 14.48 34.92
C SER C 224 50.39 14.89 36.31
N SER C 225 51.04 14.33 37.33
CA SER C 225 50.79 14.75 38.70
C SER C 225 51.39 16.11 39.01
N LYS C 226 52.45 16.51 38.31
CA LYS C 226 52.97 17.86 38.46
C LYS C 226 51.97 18.90 37.98
N GLU C 227 51.31 18.64 36.84
CA GLU C 227 50.29 19.56 36.36
C GLU C 227 49.14 19.68 37.35
N GLN C 228 48.72 18.55 37.92
CA GLN C 228 47.67 18.57 38.93
C GLN C 228 48.10 19.36 40.16
N GLN C 229 49.35 19.20 40.58
CA GLN C 229 49.84 19.94 41.75
C GLN C 229 49.88 21.44 41.49
N THR C 230 50.34 21.87 40.31
CA THR C 230 50.38 23.31 40.04
C THR C 230 49.02 23.89 39.71
N LEU C 231 48.05 23.06 39.33
CA LEU C 231 46.73 23.60 39.04
C LEU C 231 45.82 23.65 40.27
N TYR C 232 45.79 22.58 41.07
CA TYR C 232 44.79 22.47 42.13
C TYR C 232 45.35 22.18 43.51
N GLN C 233 46.64 21.89 43.65
CA GLN C 233 47.33 21.79 44.93
C GLN C 233 46.93 20.53 45.69
N ASN C 234 45.92 19.80 45.22
CA ASN C 234 45.53 18.55 45.83
C ASN C 234 45.76 17.39 44.88
N GLU C 235 46.32 16.31 45.40
CA GLU C 235 46.64 15.15 44.57
C GLU C 235 45.46 14.22 44.39
N ASN C 236 44.66 14.02 45.44
CA ASN C 236 43.46 13.20 45.37
C ASN C 236 42.26 14.14 45.45
N ALA C 237 41.57 14.31 44.33
CA ALA C 237 40.44 15.22 44.22
C ALA C 237 39.21 14.47 43.71
N TYR C 238 38.05 15.07 43.93
CA TYR C 238 36.80 14.48 43.49
C TYR C 238 35.79 15.59 43.23
N VAL C 239 34.78 15.28 42.43
CA VAL C 239 33.68 16.19 42.15
C VAL C 239 32.38 15.44 42.38
N SER C 240 31.41 16.10 43.02
CA SER C 240 30.10 15.52 43.24
C SER C 240 29.05 16.48 42.70
N VAL C 241 28.25 16.00 41.75
CA VAL C 241 27.14 16.79 41.21
C VAL C 241 25.86 16.06 41.56
N VAL C 242 24.96 16.75 42.28
CA VAL C 242 23.83 16.08 42.91
C VAL C 242 22.56 16.90 42.63
N SER C 243 21.55 16.24 42.05
CA SER C 243 20.24 16.82 41.83
C SER C 243 19.19 15.93 42.50
N SER C 244 17.91 16.20 42.27
CA SER C 244 16.83 15.38 42.81
C SER C 244 16.55 14.14 41.98
N ASN C 245 17.03 14.08 40.74
CA ASN C 245 16.97 12.85 39.96
C ASN C 245 18.29 12.58 39.26
N TYR C 246 19.33 13.35 39.55
CA TYR C 246 20.66 13.15 39.00
C TYR C 246 21.65 13.03 40.16
N ASN C 247 22.67 12.20 39.96
CA ASN C 247 23.65 11.93 41.00
C ASN C 247 24.91 11.34 40.41
N ARG C 248 26.06 12.00 40.59
CA ARG C 248 27.28 11.39 40.08
C ARG C 248 28.51 11.92 40.81
N ARG C 249 29.50 11.05 40.94
CA ARG C 249 30.81 11.37 41.47
C ARG C 249 31.86 11.15 40.39
N PHE C 250 32.77 12.10 40.25
CA PHE C 250 33.81 12.10 39.24
C PHE C 250 35.18 12.12 39.91
N ILE C 251 36.11 11.34 39.37
CA ILE C 251 37.50 11.33 39.82
C ILE C 251 38.41 11.46 38.61
N PRO C 252 39.41 12.34 38.64
CA PRO C 252 40.26 12.54 37.47
C PRO C 252 41.12 11.32 37.15
N GLU C 253 41.43 11.17 35.86
CA GLU C 253 42.34 10.15 35.35
C GLU C 253 43.58 10.86 34.82
N ILE C 254 44.71 10.65 35.49
CA ILE C 254 45.94 11.36 35.18
C ILE C 254 46.81 10.43 34.34
N ALA C 255 46.85 10.69 33.04
CA ALA C 255 47.65 9.89 32.11
C ALA C 255 48.04 10.77 30.93
N GLU C 256 49.01 10.28 30.15
CA GLU C 256 49.54 11.02 29.00
C GLU C 256 48.90 10.48 27.74
N ARG C 257 48.43 11.37 26.89
CA ARG C 257 47.66 11.04 25.71
C ARG C 257 48.29 11.64 24.46
N PRO C 258 48.04 11.05 23.29
CA PRO C 258 48.49 11.68 22.04
C PRO C 258 47.93 13.09 21.91
N GLU C 259 48.79 14.01 21.47
CA GLU C 259 48.43 15.42 21.50
C GLU C 259 47.42 15.75 20.42
N VAL C 260 46.36 16.44 20.82
CA VAL C 260 45.37 17.01 19.91
C VAL C 260 45.26 18.50 20.22
N LYS C 261 45.55 19.32 19.22
CA LYS C 261 45.60 20.77 19.39
C LYS C 261 46.54 21.16 20.53
N ASP C 262 47.71 20.52 20.59
CA ASP C 262 48.82 20.86 21.48
C ASP C 262 48.58 20.39 22.92
N GLN C 263 47.50 19.65 23.17
CA GLN C 263 47.12 19.27 24.52
C GLN C 263 47.22 17.77 24.70
N ALA C 264 47.86 17.35 25.80
CA ALA C 264 47.93 15.95 26.19
C ALA C 264 46.94 15.60 27.31
N GLY C 265 46.17 16.57 27.80
CA GLY C 265 45.10 16.32 28.73
C GLY C 265 43.75 16.37 28.05
N ARG C 266 42.70 16.16 28.83
CA ARG C 266 41.36 16.12 28.27
C ARG C 266 40.38 16.88 29.17
N ILE C 267 39.22 17.22 28.61
CA ILE C 267 38.11 17.81 29.34
C ILE C 267 36.83 17.14 28.87
N ASN C 268 36.01 16.69 29.82
CA ASN C 268 34.73 16.05 29.53
C ASN C 268 33.60 17.01 29.88
N TYR C 269 32.57 17.03 29.04
CA TYR C 269 31.47 17.99 29.16
C TYR C 269 30.17 17.27 29.47
N TYR C 270 29.42 17.80 30.44
CA TYR C 270 28.19 17.20 30.90
C TYR C 270 27.08 18.24 30.96
N TRP C 271 25.84 17.78 30.86
CA TRP C 271 24.67 18.63 30.89
C TRP C 271 23.54 17.96 31.66
N THR C 272 22.59 18.77 32.13
CA THR C 272 21.43 18.27 32.84
C THR C 272 20.29 19.27 32.72
N LEU C 273 19.08 18.79 33.00
CA LEU C 273 17.86 19.60 32.97
C LEU C 273 17.24 19.64 34.36
N LEU C 274 16.91 20.85 34.82
CA LEU C 274 16.26 21.07 36.10
C LEU C 274 14.81 21.48 35.89
N GLU C 275 13.94 20.87 36.68
CA GLU C 275 12.50 21.09 36.71
C GLU C 275 12.17 22.24 37.64
N PRO C 276 11.00 22.87 37.46
CA PRO C 276 10.62 23.99 38.33
C PRO C 276 10.50 23.55 39.78
N GLY C 277 11.12 24.32 40.67
CA GLY C 277 11.12 24.05 42.09
C GLY C 277 12.22 23.12 42.56
N ASP C 278 13.10 22.68 41.67
CA ASP C 278 14.12 21.70 41.99
C ASP C 278 15.46 22.37 42.27
N THR C 279 16.32 21.66 42.99
CA THR C 279 17.63 22.15 43.41
C THR C 279 18.74 21.35 42.74
N ILE C 280 19.89 21.99 42.56
CA ILE C 280 21.10 21.33 42.06
C ILE C 280 22.28 21.80 42.90
N ILE C 281 23.19 20.88 43.21
CA ILE C 281 24.31 21.17 44.10
C ILE C 281 25.60 20.67 43.47
N PHE C 282 26.64 21.51 43.55
CA PHE C 282 27.98 21.20 43.11
C PHE C 282 28.91 21.17 44.33
N GLU C 283 29.81 20.19 44.36
CA GLU C 283 30.83 20.12 45.40
C GLU C 283 32.11 19.62 44.77
N ALA C 284 33.25 20.19 45.17
CA ALA C 284 34.48 19.82 44.49
C ALA C 284 35.69 20.08 45.37
N ASN C 285 36.71 19.24 45.20
CA ASN C 285 38.04 19.47 45.73
C ASN C 285 39.04 19.87 44.66
N GLY C 286 38.59 19.99 43.42
CA GLY C 286 39.45 20.33 42.31
C GLY C 286 38.88 19.81 41.01
N ASN C 287 39.53 20.19 39.92
CA ASN C 287 39.27 19.70 38.57
C ASN C 287 37.91 20.08 38.02
N LEU C 288 37.24 21.10 38.56
CA LEU C 288 35.88 21.45 38.14
C LEU C 288 35.89 22.74 37.34
N VAL C 289 35.14 22.73 36.24
CA VAL C 289 34.91 23.91 35.41
C VAL C 289 33.46 24.31 35.62
N ALA C 290 33.24 25.37 36.38
CA ALA C 290 31.92 25.72 36.86
C ALA C 290 31.10 26.44 35.79
N PRO C 291 29.78 26.30 35.81
CA PRO C 291 28.94 27.06 34.88
C PRO C 291 28.87 28.53 35.24
N TRP C 292 28.61 29.34 34.23
CA TRP C 292 28.40 30.78 34.39
C TRP C 292 27.03 31.24 33.92
N TYR C 293 26.55 30.74 32.78
CA TYR C 293 25.25 31.11 32.24
C TYR C 293 24.41 29.86 32.05
N ALA C 294 23.11 29.99 32.31
CA ALA C 294 22.15 28.92 32.13
C ALA C 294 21.00 29.42 31.27
N PHE C 295 20.21 28.48 30.75
CA PHE C 295 19.16 28.77 29.80
C PHE C 295 17.84 28.22 30.31
N ALA C 296 16.82 29.08 30.35
CA ALA C 296 15.45 28.68 30.67
C ALA C 296 14.68 28.52 29.37
N LEU C 297 14.19 27.31 29.11
CA LEU C 297 13.72 26.92 27.78
C LEU C 297 12.22 27.06 27.66
N SER C 298 11.76 27.28 26.42
CA SER C 298 10.34 27.33 26.08
C SER C 298 10.09 26.39 24.92
N ARG C 299 9.29 25.35 25.15
CA ARG C 299 9.09 24.31 24.16
C ARG C 299 8.06 24.73 23.10
N GLY C 300 8.14 24.07 21.95
CA GLY C 300 7.16 24.26 20.90
C GLY C 300 7.40 23.32 19.73
N PHE C 301 6.36 22.64 19.28
CA PHE C 301 6.47 21.71 18.17
C PHE C 301 6.50 22.46 16.84
N GLY C 302 7.02 21.82 15.80
CA GLY C 302 7.11 22.46 14.50
C GLY C 302 8.44 23.11 14.21
N SER C 303 9.51 22.70 14.89
CA SER C 303 10.85 23.21 14.66
C SER C 303 11.75 22.06 14.22
N GLY C 304 13.03 22.36 14.05
CA GLY C 304 13.98 21.33 13.65
C GLY C 304 15.35 21.93 13.42
N ILE C 305 16.29 21.05 13.07
CA ILE C 305 17.65 21.44 12.75
C ILE C 305 17.99 20.86 11.39
N ILE C 306 18.25 21.73 10.42
CA ILE C 306 18.56 21.28 9.06
C ILE C 306 20.00 21.63 8.74
N THR C 307 20.59 20.85 7.84
CA THR C 307 21.94 21.08 7.33
C THR C 307 21.81 21.51 5.88
N SER C 308 22.31 22.71 5.56
CA SER C 308 22.07 23.28 4.25
C SER C 308 23.17 24.27 3.90
N ASN C 309 23.58 24.26 2.63
CA ASN C 309 24.50 25.26 2.09
C ASN C 309 23.79 26.39 1.35
N ALA C 310 22.46 26.38 1.30
CA ALA C 310 21.73 27.43 0.62
C ALA C 310 21.87 28.75 1.38
N SER C 311 21.69 29.85 0.65
CA SER C 311 21.85 31.19 1.18
C SER C 311 20.58 31.65 1.90
N MET C 312 20.75 32.64 2.75
CA MET C 312 19.66 33.21 3.55
C MET C 312 19.26 34.57 3.01
N HIS C 313 17.95 34.76 2.83
CA HIS C 313 17.42 36.03 2.34
C HIS C 313 16.25 36.49 3.20
N GLU C 314 15.59 37.55 2.78
CA GLU C 314 14.51 38.18 3.54
C GLU C 314 13.19 38.02 2.79
N CYS C 315 12.53 36.88 3.02
CA CYS C 315 11.24 36.60 2.40
C CYS C 315 10.32 35.90 3.38
N ASN C 316 9.20 35.38 2.89
CA ASN C 316 8.25 34.64 3.72
C ASN C 316 7.86 33.36 3.00
N THR C 317 7.41 32.38 3.78
CA THR C 317 7.06 31.08 3.23
C THR C 317 6.19 30.34 4.24
N LYS C 318 5.64 29.21 3.78
CA LYS C 318 4.93 28.27 4.63
C LYS C 318 5.52 26.87 4.61
N CYS C 319 6.41 26.57 3.66
CA CYS C 319 7.03 25.26 3.54
C CYS C 319 8.47 25.43 3.09
N GLN C 320 9.40 24.91 3.89
CA GLN C 320 10.83 25.10 3.64
C GLN C 320 11.53 23.76 3.56
N THR C 321 12.41 23.61 2.58
CA THR C 321 13.30 22.47 2.42
C THR C 321 14.75 22.92 2.55
N PRO C 322 15.69 21.99 2.70
CA PRO C 322 17.10 22.39 2.74
C PRO C 322 17.60 22.99 1.43
N GLN C 323 16.73 23.12 0.43
CA GLN C 323 17.11 23.65 -0.87
C GLN C 323 16.30 24.88 -1.30
N GLY C 324 15.22 25.22 -0.63
CA GLY C 324 14.41 26.36 -1.00
C GLY C 324 13.00 26.24 -0.45
N ALA C 325 12.20 27.27 -0.70
CA ALA C 325 10.83 27.30 -0.22
C ALA C 325 9.88 26.83 -1.31
N ILE C 326 8.73 26.30 -0.87
CA ILE C 326 7.73 25.76 -1.78
C ILE C 326 6.47 26.61 -1.68
N ASN C 327 5.84 26.84 -2.84
CA ASN C 327 4.81 27.86 -3.06
C ASN C 327 3.63 27.24 -3.82
N SER C 328 3.16 26.09 -3.36
CA SER C 328 2.18 25.33 -4.13
C SER C 328 1.05 24.85 -3.25
N SER C 329 -0.04 24.45 -3.90
CA SER C 329 -1.14 23.75 -3.27
C SER C 329 -1.32 22.34 -3.83
N LEU C 330 -0.37 21.87 -4.63
CA LEU C 330 -0.44 20.54 -5.20
C LEU C 330 -0.21 19.48 -4.12
N PRO C 331 -0.71 18.26 -4.31
CA PRO C 331 -0.56 17.22 -3.30
C PRO C 331 0.77 16.50 -3.26
N PHE C 332 1.65 16.67 -4.24
CA PHE C 332 2.92 15.94 -4.28
C PHE C 332 4.06 16.86 -4.64
N GLN C 333 5.27 16.46 -4.25
CA GLN C 333 6.51 17.14 -4.61
C GLN C 333 7.63 16.11 -4.68
N ASN C 334 8.69 16.47 -5.41
CA ASN C 334 9.87 15.61 -5.54
C ASN C 334 11.14 16.43 -5.38
N ILE C 335 11.17 17.32 -4.39
CA ILE C 335 12.31 18.20 -4.18
C ILE C 335 13.21 17.64 -3.09
N HIS C 336 12.68 17.47 -1.88
CA HIS C 336 13.47 16.98 -0.77
C HIS C 336 12.59 16.28 0.24
N PRO C 337 13.01 15.12 0.77
CA PRO C 337 12.21 14.45 1.81
C PRO C 337 12.14 15.18 3.14
N VAL C 338 13.06 16.11 3.41
CA VAL C 338 13.10 16.84 4.67
C VAL C 338 12.39 18.17 4.49
N THR C 339 11.37 18.42 5.30
CA THR C 339 10.54 19.62 5.17
C THR C 339 10.24 20.19 6.55
N ILE C 340 9.98 21.50 6.57
CA ILE C 340 9.54 22.21 7.77
C ILE C 340 8.34 23.07 7.39
N GLY C 341 7.24 22.92 8.14
CA GLY C 341 6.04 23.68 7.86
C GLY C 341 4.87 22.79 7.48
N GLU C 342 4.00 23.29 6.60
CA GLU C 342 2.90 22.51 6.04
C GLU C 342 3.21 22.25 4.57
N CYS C 343 3.60 21.03 4.26
CA CYS C 343 4.22 20.68 2.98
C CYS C 343 3.49 19.51 2.34
N PRO C 344 3.55 19.40 1.02
CA PRO C 344 2.99 18.24 0.33
C PRO C 344 3.80 16.98 0.59
N LYS C 345 3.38 15.88 -0.01
CA LYS C 345 3.99 14.58 0.21
C LYS C 345 5.11 14.35 -0.79
N TYR C 346 6.18 13.71 -0.33
CA TYR C 346 7.36 13.48 -1.16
C TYR C 346 7.26 12.14 -1.87
N VAL C 347 7.46 12.15 -3.18
CA VAL C 347 7.53 10.95 -4.00
C VAL C 347 8.73 11.07 -4.93
N LYS C 348 9.21 9.93 -5.41
CA LYS C 348 10.35 9.88 -6.31
C LYS C 348 9.94 9.93 -7.79
N SER C 349 8.68 10.22 -8.06
CA SER C 349 8.20 10.25 -9.44
C SER C 349 8.74 11.47 -10.16
N ALA C 350 8.70 11.41 -11.50
CA ALA C 350 9.06 12.53 -12.34
C ALA C 350 7.90 13.10 -13.15
N LYS C 351 6.76 12.41 -13.18
CA LYS C 351 5.60 12.86 -13.93
C LYS C 351 4.35 12.26 -13.32
N LEU C 352 3.39 13.12 -12.93
CA LEU C 352 2.11 12.69 -12.39
C LEU C 352 1.04 13.63 -12.93
N ARG C 353 0.46 13.27 -14.07
CA ARG C 353 -0.55 14.09 -14.73
C ARG C 353 -1.86 13.31 -14.79
N MET C 354 -2.94 13.94 -14.36
CA MET C 354 -4.26 13.32 -14.31
C MET C 354 -5.11 13.88 -15.44
N VAL C 355 -5.87 13.01 -16.07
CA VAL C 355 -6.67 13.40 -17.21
C VAL C 355 -8.09 13.77 -16.77
N THR C 356 -8.64 14.81 -17.40
CA THR C 356 -10.01 15.22 -17.18
C THR C 356 -10.85 15.30 -18.44
N GLY C 357 -10.24 15.41 -19.62
CA GLY C 357 -10.94 15.45 -20.87
C GLY C 357 -10.87 14.14 -21.63
N LEU C 358 -11.25 14.19 -22.90
CA LEU C 358 -11.31 13.00 -23.73
C LEU C 358 -10.11 12.96 -24.67
N ARG C 359 -10.05 11.89 -25.47
CA ARG C 359 -8.98 11.72 -26.44
C ARG C 359 -9.06 12.81 -27.50
N ASN C 360 -7.91 13.37 -27.84
CA ASN C 360 -7.82 14.51 -28.76
C ASN C 360 -7.53 13.99 -30.16
N ILE C 361 -8.53 14.04 -31.03
CA ILE C 361 -8.40 13.62 -32.42
C ILE C 361 -8.86 14.76 -33.31
N PRO C 362 -8.06 15.81 -33.51
CA PRO C 362 -8.51 16.94 -34.32
C PRO C 362 -8.45 16.65 -35.81
N SER C 363 -8.73 17.68 -36.62
CA SER C 363 -8.60 17.65 -38.08
C SER C 363 -9.65 16.75 -38.73
N ILE C 364 -10.46 16.06 -37.93
CA ILE C 364 -11.52 15.22 -38.45
C ILE C 364 -12.85 15.62 -37.83
N GLY D 1 -11.53 2.27 -27.56
CA GLY D 1 -12.17 2.17 -26.26
C GLY D 1 -13.01 0.93 -26.13
N LEU D 2 -13.54 0.69 -24.92
CA LEU D 2 -14.34 -0.49 -24.67
C LEU D 2 -15.71 -0.43 -25.31
N PHE D 3 -16.16 0.75 -25.73
CA PHE D 3 -17.51 0.92 -26.24
C PHE D 3 -17.57 1.26 -27.72
N GLY D 4 -16.43 1.56 -28.34
CA GLY D 4 -16.33 1.63 -29.78
C GLY D 4 -16.91 2.84 -30.46
N ALA D 5 -17.11 3.95 -29.74
CA ALA D 5 -17.67 5.17 -30.33
C ALA D 5 -16.62 6.21 -30.65
N ILE D 6 -15.75 6.54 -29.69
CA ILE D 6 -14.69 7.51 -29.90
C ILE D 6 -13.55 6.81 -30.63
N ALA D 7 -13.13 7.37 -31.76
CA ALA D 7 -12.17 6.74 -32.67
C ALA D 7 -12.66 5.38 -33.14
N GLY D 8 -13.97 5.21 -33.21
CA GLY D 8 -14.60 4.00 -33.68
C GLY D 8 -15.46 4.28 -34.89
N PHE D 9 -16.77 4.09 -34.77
CA PHE D 9 -17.66 4.46 -35.86
C PHE D 9 -17.87 5.96 -35.98
N ILE D 10 -17.42 6.74 -35.00
CA ILE D 10 -17.27 8.19 -35.12
C ILE D 10 -15.78 8.48 -34.98
N GLU D 11 -15.12 8.78 -36.10
CA GLU D 11 -13.66 8.69 -36.17
C GLU D 11 -12.93 10.01 -35.90
N GLY D 12 -13.65 11.11 -35.64
CA GLY D 12 -12.96 12.37 -35.41
C GLY D 12 -13.77 13.33 -34.57
N GLY D 13 -13.05 14.29 -33.98
CA GLY D 13 -13.67 15.33 -33.17
C GLY D 13 -13.90 16.60 -33.95
N TRP D 14 -14.61 17.52 -33.30
CA TRP D 14 -15.02 18.80 -33.89
C TRP D 14 -14.28 19.93 -33.18
N THR D 15 -13.50 20.71 -33.92
CA THR D 15 -12.89 21.91 -33.36
C THR D 15 -13.81 23.11 -33.41
N GLY D 16 -14.93 23.02 -34.12
CA GLY D 16 -15.93 24.07 -34.16
C GLY D 16 -16.96 24.04 -33.05
N MET D 17 -16.92 23.02 -32.20
CA MET D 17 -17.81 22.92 -31.05
C MET D 17 -16.98 23.27 -29.82
N ILE D 18 -17.22 24.45 -29.26
CA ILE D 18 -16.32 25.04 -28.27
C ILE D 18 -16.92 25.08 -26.86
N ASP D 19 -18.23 24.89 -26.71
CA ASP D 19 -18.89 25.10 -25.43
C ASP D 19 -19.23 23.81 -24.69
N GLY D 20 -18.87 22.64 -25.21
CA GLY D 20 -19.21 21.41 -24.55
C GLY D 20 -18.30 20.27 -24.97
N TRP D 21 -18.55 19.11 -24.37
CA TRP D 21 -17.81 17.90 -24.67
C TRP D 21 -18.48 17.04 -25.73
N TYR D 22 -19.81 16.96 -25.73
CA TYR D 22 -20.58 16.20 -26.71
C TYR D 22 -21.69 17.08 -27.26
N GLY D 23 -22.08 16.83 -28.50
CA GLY D 23 -23.10 17.67 -29.10
C GLY D 23 -23.54 17.21 -30.47
N TYR D 24 -24.27 18.10 -31.15
CA TYR D 24 -24.92 17.84 -32.42
C TYR D 24 -24.43 18.84 -33.46
N HIS D 25 -24.51 18.41 -34.73
CA HIS D 25 -24.33 19.29 -35.87
C HIS D 25 -25.49 19.08 -36.83
N HIS D 26 -26.20 20.14 -37.17
CA HIS D 26 -27.42 19.99 -37.94
C HIS D 26 -27.28 20.70 -39.29
N GLN D 27 -28.16 20.35 -40.22
CA GLN D 27 -28.15 20.95 -41.55
C GLN D 27 -29.52 20.90 -42.20
N ASN D 28 -30.10 22.07 -42.48
CA ASN D 28 -31.34 22.17 -43.22
C ASN D 28 -31.31 23.40 -44.12
N GLU D 29 -32.47 23.81 -44.64
CA GLU D 29 -32.54 24.94 -45.55
C GLU D 29 -32.21 26.28 -44.90
N GLN D 30 -32.53 26.46 -43.63
CA GLN D 30 -32.18 27.71 -42.94
C GLN D 30 -30.67 27.87 -42.85
N GLY D 31 -29.96 26.81 -42.45
CA GLY D 31 -28.52 26.87 -42.35
C GLY D 31 -27.97 25.66 -41.62
N SER D 32 -26.72 25.77 -41.22
CA SER D 32 -26.01 24.72 -40.49
C SER D 32 -25.61 25.24 -39.11
N GLY D 33 -24.95 24.40 -38.35
CA GLY D 33 -24.43 24.82 -37.06
C GLY D 33 -24.25 23.67 -36.09
N TYR D 34 -23.35 23.90 -35.14
CA TYR D 34 -23.09 23.02 -34.02
C TYR D 34 -23.86 23.47 -32.78
N ALA D 35 -24.03 22.55 -31.84
CA ALA D 35 -24.70 22.86 -30.58
C ALA D 35 -24.38 21.80 -29.53
N ALA D 36 -23.91 22.21 -28.36
CA ALA D 36 -23.56 21.27 -27.32
C ALA D 36 -24.79 20.74 -26.60
N ASP D 37 -24.64 19.55 -26.02
CA ASP D 37 -25.66 18.96 -25.16
C ASP D 37 -25.28 19.23 -23.71
N GLN D 38 -26.16 19.93 -23.00
CA GLN D 38 -25.82 20.45 -21.68
C GLN D 38 -25.98 19.44 -20.56
N LYS D 39 -26.97 18.55 -20.64
CA LYS D 39 -27.19 17.59 -19.57
C LYS D 39 -26.04 16.59 -19.46
N SER D 40 -25.62 16.04 -20.59
CA SER D 40 -24.52 15.07 -20.59
C SER D 40 -23.23 15.72 -20.11
N THR D 41 -22.94 16.92 -20.59
CA THR D 41 -21.72 17.62 -20.18
C THR D 41 -21.76 17.95 -18.70
N GLN D 42 -22.92 18.38 -18.19
CA GLN D 42 -23.05 18.67 -16.77
C GLN D 42 -22.81 17.43 -15.92
N ASN D 43 -23.41 16.30 -16.29
CA ASN D 43 -23.21 15.07 -15.53
C ASN D 43 -21.75 14.64 -15.55
N ALA D 44 -21.11 14.70 -16.72
CA ALA D 44 -19.71 14.33 -16.82
C ALA D 44 -18.82 15.24 -15.98
N ILE D 45 -19.10 16.54 -15.98
CA ILE D 45 -18.30 17.48 -15.19
C ILE D 45 -18.46 17.19 -13.70
N ASN D 46 -19.69 16.93 -13.25
CA ASN D 46 -19.91 16.54 -11.86
C ASN D 46 -19.07 15.30 -11.50
N GLY D 47 -19.13 14.26 -12.32
CA GLY D 47 -18.38 13.05 -12.03
C GLY D 47 -16.88 13.27 -11.98
N ILE D 48 -16.35 14.02 -12.95
CA ILE D 48 -14.91 14.23 -13.03
C ILE D 48 -14.40 15.05 -11.85
N THR D 49 -15.12 16.13 -11.49
CA THR D 49 -14.69 16.91 -10.34
C THR D 49 -14.80 16.11 -9.05
N ASN D 50 -15.82 15.26 -8.93
CA ASN D 50 -15.91 14.38 -7.76
C ASN D 50 -14.69 13.48 -7.66
N LYS D 51 -14.29 12.89 -8.79
CA LYS D 51 -13.13 12.00 -8.78
C LYS D 51 -11.85 12.74 -8.39
N VAL D 52 -11.64 13.93 -8.95
CA VAL D 52 -10.44 14.70 -8.63
C VAL D 52 -10.42 15.10 -7.16
N ASN D 53 -11.57 15.54 -6.63
CA ASN D 53 -11.64 15.92 -5.22
C ASN D 53 -11.38 14.73 -4.30
N SER D 54 -11.91 13.55 -4.64
CA SER D 54 -11.63 12.37 -3.83
C SER D 54 -10.15 12.02 -3.84
N VAL D 55 -9.51 12.09 -5.01
CA VAL D 55 -8.08 11.80 -5.10
C VAL D 55 -7.30 12.77 -4.23
N ILE D 56 -7.65 14.07 -4.29
CA ILE D 56 -6.98 15.06 -3.45
C ILE D 56 -7.20 14.77 -1.97
N GLU D 57 -8.42 14.41 -1.59
CA GLU D 57 -8.76 14.20 -0.19
C GLU D 57 -8.09 12.98 0.42
N LYS D 58 -7.87 11.92 -0.36
CA LYS D 58 -7.28 10.71 0.22
C LYS D 58 -5.82 10.85 0.61
N MET D 59 -5.15 11.93 0.20
CA MET D 59 -3.76 12.18 0.58
C MET D 59 -3.72 13.37 1.54
N ASN D 60 -3.16 13.14 2.73
CA ASN D 60 -3.14 14.15 3.78
C ASN D 60 -1.84 14.94 3.76
N THR D 61 -1.87 16.12 4.36
CA THR D 61 -0.72 17.01 4.37
C THR D 61 0.39 16.43 5.26
N GLN D 62 1.64 16.65 4.85
CA GLN D 62 2.80 16.12 5.55
C GLN D 62 3.39 17.21 6.45
N PHE D 63 3.57 16.90 7.73
CA PHE D 63 4.09 17.84 8.70
C PHE D 63 5.59 17.67 8.86
N THR D 64 6.15 18.43 9.82
CA THR D 64 7.59 18.51 10.00
C THR D 64 8.21 17.14 10.24
N ALA D 65 9.31 16.87 9.53
CA ALA D 65 10.01 15.59 9.66
C ALA D 65 11.47 15.84 9.30
N VAL D 66 12.35 15.80 10.30
CA VAL D 66 13.77 16.04 10.13
C VAL D 66 14.54 14.84 10.68
N GLY D 67 15.79 14.71 10.24
CA GLY D 67 16.61 13.56 10.58
C GLY D 67 17.22 13.62 11.97
N LYS D 68 17.87 12.53 12.34
CA LYS D 68 18.50 12.35 13.64
C LYS D 68 20.00 12.16 13.48
N GLU D 69 20.70 12.02 14.60
CA GLU D 69 22.13 11.85 14.60
C GLU D 69 22.53 10.70 15.52
N PHE D 70 23.58 9.98 15.14
CA PHE D 70 24.10 8.86 15.88
C PHE D 70 25.63 8.92 15.86
N ASN D 71 26.26 8.24 16.82
CA ASN D 71 27.72 8.23 16.91
C ASN D 71 28.27 6.95 16.29
N ASN D 72 29.58 6.74 16.47
CA ASN D 72 30.28 5.64 15.82
C ASN D 72 29.93 4.29 16.40
N LEU D 73 29.26 4.23 17.55
CA LEU D 73 28.89 2.97 18.18
C LEU D 73 27.38 2.73 18.16
N GLU D 74 26.67 3.33 17.20
CA GLU D 74 25.24 3.18 17.08
C GLU D 74 24.85 2.95 15.62
N LYS D 75 25.55 2.03 14.95
CA LYS D 75 25.29 1.77 13.54
C LYS D 75 23.99 1.02 13.30
N ARG D 76 23.59 0.14 14.22
CA ARG D 76 22.39 -0.67 14.01
C ARG D 76 21.12 0.20 14.02
N MET D 77 21.02 1.13 14.96
CA MET D 77 19.87 2.02 15.01
C MET D 77 19.83 2.98 13.83
N GLU D 78 21.00 3.45 13.39
CA GLU D 78 21.06 4.30 12.20
C GLU D 78 20.59 3.55 10.96
N ASN D 79 21.01 2.29 10.81
CA ASN D 79 20.54 1.48 9.69
C ASN D 79 19.05 1.20 9.76
N LEU D 80 18.52 0.97 10.97
CA LEU D 80 17.07 0.77 11.11
C LEU D 80 16.31 2.03 10.72
N ASN D 81 16.81 3.20 11.11
CA ASN D 81 16.18 4.47 10.73
C ASN D 81 16.16 4.64 9.21
N LYS D 82 17.29 4.37 8.55
CA LYS D 82 17.35 4.44 7.09
C LYS D 82 16.36 3.48 6.45
N LYS D 83 16.28 2.26 6.98
CA LYS D 83 15.36 1.26 6.47
C LYS D 83 13.92 1.76 6.52
N VAL D 84 13.51 2.32 7.66
CA VAL D 84 12.14 2.81 7.80
C VAL D 84 11.85 3.92 6.81
N ASP D 85 12.76 4.90 6.71
CA ASP D 85 12.54 6.01 5.80
C ASP D 85 12.39 5.55 4.35
N ASP D 86 13.33 4.70 3.90
CA ASP D 86 13.30 4.24 2.52
C ASP D 86 12.06 3.42 2.23
N GLY D 87 11.66 2.54 3.16
CA GLY D 87 10.49 1.72 2.94
C GLY D 87 9.22 2.55 2.79
N PHE D 88 9.03 3.54 3.66
CA PHE D 88 7.83 4.36 3.54
C PHE D 88 7.83 5.18 2.26
N LEU D 89 8.99 5.72 1.86
CA LEU D 89 9.05 6.46 0.60
C LEU D 89 8.68 5.58 -0.59
N ASP D 90 9.21 4.35 -0.63
CA ASP D 90 8.91 3.44 -1.73
C ASP D 90 7.42 3.10 -1.78
N ILE D 91 6.83 2.81 -0.62
CA ILE D 91 5.41 2.45 -0.60
C ILE D 91 4.55 3.59 -1.12
N TRP D 92 4.81 4.82 -0.68
CA TRP D 92 3.96 5.92 -1.12
C TRP D 92 4.17 6.27 -2.59
N THR D 93 5.40 6.15 -3.11
CA THR D 93 5.63 6.35 -4.54
C THR D 93 4.83 5.34 -5.36
N TYR D 94 4.89 4.07 -4.97
CA TYR D 94 4.11 3.04 -5.66
C TYR D 94 2.62 3.37 -5.65
N ASN D 95 2.10 3.76 -4.48
CA ASN D 95 0.68 4.06 -4.37
C ASN D 95 0.27 5.16 -5.32
N ALA D 96 1.01 6.28 -5.32
CA ALA D 96 0.64 7.41 -6.15
C ALA D 96 0.67 7.06 -7.64
N GLU D 97 1.74 6.41 -8.09
CA GLU D 97 1.86 6.09 -9.50
C GLU D 97 0.76 5.13 -9.94
N LEU D 98 0.47 4.10 -9.14
CA LEU D 98 -0.58 3.17 -9.52
C LEU D 98 -1.94 3.84 -9.56
N LEU D 99 -2.23 4.71 -8.60
CA LEU D 99 -3.53 5.38 -8.60
C LEU D 99 -3.73 6.20 -9.85
N VAL D 100 -2.73 7.01 -10.24
CA VAL D 100 -2.88 7.83 -11.44
C VAL D 100 -3.05 6.94 -12.68
N LEU D 101 -2.21 5.91 -12.80
CA LEU D 101 -2.24 5.05 -13.98
C LEU D 101 -3.59 4.36 -14.14
N LEU D 102 -4.17 3.90 -13.03
CA LEU D 102 -5.46 3.22 -13.10
C LEU D 102 -6.64 4.16 -13.28
N GLU D 103 -6.57 5.39 -12.76
CA GLU D 103 -7.70 6.30 -12.93
C GLU D 103 -7.77 6.85 -14.35
N ASN D 104 -6.63 7.01 -15.04
CA ASN D 104 -6.67 7.58 -16.39
C ASN D 104 -7.50 6.73 -17.34
N GLU D 105 -7.37 5.41 -17.27
CA GLU D 105 -8.08 4.52 -18.18
C GLU D 105 -9.59 4.58 -17.97
N ARG D 106 -10.03 4.57 -16.72
CA ARG D 106 -11.46 4.69 -16.44
C ARG D 106 -12.01 6.04 -16.92
N THR D 107 -11.23 7.11 -16.74
CA THR D 107 -11.68 8.41 -17.23
C THR D 107 -11.85 8.38 -18.75
N LEU D 108 -10.92 7.74 -19.46
CA LEU D 108 -11.06 7.66 -20.91
C LEU D 108 -12.24 6.80 -21.36
N ASP D 109 -12.59 5.76 -20.60
CA ASP D 109 -13.75 4.95 -20.97
C ASP D 109 -15.08 5.65 -20.67
N PHE D 110 -15.10 6.52 -19.66
CA PHE D 110 -16.31 7.25 -19.29
C PHE D 110 -16.86 8.07 -20.47
N HIS D 111 -16.01 8.80 -21.16
CA HIS D 111 -16.46 9.66 -22.26
C HIS D 111 -16.97 8.83 -23.44
N ASP D 112 -16.31 7.71 -23.73
CA ASP D 112 -16.78 6.80 -24.77
C ASP D 112 -18.19 6.30 -24.46
N SER D 113 -18.42 5.91 -23.21
CA SER D 113 -19.75 5.47 -22.81
C SER D 113 -20.78 6.58 -22.99
N ASN D 114 -20.43 7.82 -22.61
CA ASN D 114 -21.38 8.92 -22.73
C ASN D 114 -21.74 9.19 -24.20
N VAL D 115 -20.74 9.17 -25.09
CA VAL D 115 -21.02 9.39 -26.52
C VAL D 115 -21.93 8.29 -27.06
N LYS D 116 -21.66 7.03 -26.69
CA LYS D 116 -22.50 5.94 -27.16
C LYS D 116 -23.94 6.08 -26.67
N ASN D 117 -24.12 6.48 -25.41
CA ASN D 117 -25.47 6.65 -24.87
C ASN D 117 -26.22 7.75 -25.62
N LEU D 118 -25.54 8.86 -25.93
CA LEU D 118 -26.21 9.92 -26.69
C LEU D 118 -26.64 9.43 -28.08
N TYR D 119 -25.75 8.69 -28.75
CA TYR D 119 -26.10 8.18 -30.07
C TYR D 119 -27.32 7.26 -30.01
N GLU D 120 -27.34 6.35 -29.04
CA GLU D 120 -28.49 5.45 -28.92
C GLU D 120 -29.78 6.20 -28.58
N LYS D 121 -29.68 7.22 -27.73
CA LYS D 121 -30.86 8.02 -27.40
C LYS D 121 -31.47 8.63 -28.64
N VAL D 122 -30.64 9.18 -29.53
CA VAL D 122 -31.19 9.76 -30.76
C VAL D 122 -31.74 8.67 -31.68
N LYS D 123 -31.02 7.55 -31.78
CA LYS D 123 -31.42 6.50 -32.71
C LYS D 123 -32.78 5.90 -32.34
N ILE D 124 -33.05 5.68 -31.06
CA ILE D 124 -34.36 5.15 -30.70
C ILE D 124 -35.47 6.16 -30.95
N GLN D 125 -35.17 7.46 -30.89
CA GLN D 125 -36.19 8.45 -31.20
C GLN D 125 -36.54 8.45 -32.68
N LEU D 126 -35.54 8.46 -33.56
CA LEU D 126 -35.85 8.57 -34.98
C LEU D 126 -36.41 7.28 -35.56
N LYS D 127 -35.92 6.13 -35.07
CA LYS D 127 -36.31 4.78 -35.49
C LYS D 127 -36.60 4.61 -36.97
N ASN D 128 -37.67 5.22 -37.48
CA ASN D 128 -38.16 4.90 -38.82
C ASN D 128 -38.19 6.07 -39.80
N ASN D 129 -38.26 7.31 -39.32
CA ASN D 129 -38.30 8.47 -40.19
C ASN D 129 -36.91 9.01 -40.52
N ALA D 130 -35.88 8.18 -40.40
CA ALA D 130 -34.53 8.62 -40.71
C ALA D 130 -33.69 7.40 -41.08
N LYS D 131 -32.69 7.64 -41.92
CA LYS D 131 -31.77 6.60 -42.38
C LYS D 131 -30.43 6.77 -41.66
N GLU D 132 -29.91 5.68 -41.12
CA GLU D 132 -28.59 5.66 -40.51
C GLU D 132 -27.53 5.61 -41.61
N ILE D 133 -26.61 6.57 -41.59
CA ILE D 133 -25.59 6.63 -42.63
C ILE D 133 -24.31 5.89 -42.22
N GLY D 134 -23.88 6.02 -40.97
CA GLY D 134 -22.75 5.23 -40.50
C GLY D 134 -21.73 5.97 -39.67
N ASN D 135 -21.55 7.26 -39.90
CA ASN D 135 -20.57 8.07 -39.19
C ASN D 135 -21.17 8.79 -37.99
N GLY D 136 -22.17 8.20 -37.34
CA GLY D 136 -22.92 8.91 -36.32
C GLY D 136 -23.94 9.86 -36.89
N CYS D 137 -24.48 9.59 -38.07
CA CYS D 137 -25.21 10.56 -38.86
C CYS D 137 -26.57 9.98 -39.25
N PHE D 138 -27.59 10.84 -39.26
CA PHE D 138 -28.95 10.47 -39.60
C PHE D 138 -29.48 11.41 -40.67
N GLU D 139 -30.12 10.84 -41.69
CA GLU D 139 -30.70 11.62 -42.79
C GLU D 139 -32.21 11.45 -42.78
N PHE D 140 -32.93 12.56 -42.62
CA PHE D 140 -34.37 12.51 -42.49
C PHE D 140 -35.05 12.16 -43.81
N TYR D 141 -36.24 11.58 -43.71
CA TYR D 141 -37.08 11.30 -44.87
C TYR D 141 -38.01 12.45 -45.21
N HIS D 142 -38.55 13.12 -44.20
CA HIS D 142 -39.45 14.26 -44.39
C HIS D 142 -38.64 15.56 -44.28
N LYS D 143 -39.33 16.69 -44.23
CA LYS D 143 -38.70 18.00 -44.08
C LYS D 143 -38.69 18.37 -42.61
N CYS D 144 -37.50 18.60 -42.07
CA CYS D 144 -37.30 18.85 -40.65
C CYS D 144 -36.76 20.28 -40.49
N ASP D 145 -37.64 21.20 -40.10
CA ASP D 145 -37.24 22.59 -39.88
C ASP D 145 -36.66 22.77 -38.49
N ASN D 146 -36.47 24.02 -38.07
CA ASN D 146 -35.84 24.31 -36.79
C ASN D 146 -36.64 23.84 -35.58
N GLU D 147 -37.97 23.89 -35.65
CA GLU D 147 -38.78 23.33 -34.57
C GLU D 147 -38.56 21.83 -34.45
N CYS D 148 -38.52 21.14 -35.59
CA CYS D 148 -38.23 19.71 -35.59
C CYS D 148 -36.84 19.42 -35.02
N MET D 149 -35.84 20.21 -35.42
CA MET D 149 -34.48 20.00 -34.91
C MET D 149 -34.43 20.22 -33.40
N GLU D 150 -35.05 21.30 -32.92
CA GLU D 150 -35.00 21.59 -31.50
C GLU D 150 -35.80 20.59 -30.67
N SER D 151 -36.83 19.98 -31.25
CA SER D 151 -37.53 18.88 -30.58
C SER D 151 -36.73 17.59 -30.59
N VAL D 152 -35.93 17.34 -31.63
CA VAL D 152 -35.05 16.19 -31.63
C VAL D 152 -33.96 16.34 -30.58
N ARG D 153 -33.42 17.55 -30.43
CA ARG D 153 -32.37 17.79 -29.45
C ARG D 153 -32.95 18.09 -28.07
N ASN D 154 -34.18 17.63 -27.82
CA ASN D 154 -34.80 17.78 -26.52
C ASN D 154 -35.37 16.48 -25.96
N GLY D 155 -35.57 15.45 -26.79
CA GLY D 155 -36.15 14.22 -26.35
C GLY D 155 -37.65 14.11 -26.58
N THR D 156 -38.27 15.15 -27.11
CA THR D 156 -39.72 15.20 -27.32
C THR D 156 -40.09 15.17 -28.80
N TYR D 157 -39.30 14.49 -29.62
CA TYR D 157 -39.65 14.36 -31.03
C TYR D 157 -40.92 13.54 -31.19
N ASP D 158 -41.85 14.05 -31.98
CA ASP D 158 -43.17 13.46 -32.14
C ASP D 158 -43.17 12.54 -33.36
N TYR D 159 -43.06 11.25 -33.12
CA TYR D 159 -43.02 10.27 -34.21
C TYR D 159 -44.29 10.25 -35.05
N PRO D 160 -45.50 10.13 -34.48
CA PRO D 160 -46.68 9.96 -35.34
C PRO D 160 -46.96 11.11 -36.30
N LYS D 161 -46.64 12.35 -35.90
CA LYS D 161 -46.99 13.50 -36.74
C LYS D 161 -46.32 13.43 -38.10
N TYR D 162 -45.06 12.98 -38.14
CA TYR D 162 -44.33 12.82 -39.39
C TYR D 162 -44.40 11.39 -39.90
N SER D 163 -45.53 10.71 -39.70
CA SER D 163 -45.73 9.32 -40.07
C SER D 163 -44.75 8.41 -39.35
N SER E 40 -52.63 -5.69 -24.83
CA SER E 40 -52.44 -6.41 -26.08
C SER E 40 -51.33 -7.44 -25.95
N ASP E 41 -51.40 -8.27 -24.91
CA ASP E 41 -50.43 -9.34 -24.71
C ASP E 41 -49.01 -8.78 -24.64
N THR E 42 -48.71 -8.05 -23.58
CA THR E 42 -47.45 -7.32 -23.46
C THR E 42 -46.50 -8.08 -22.56
N ILE E 43 -45.20 -7.79 -22.67
CA ILE E 43 -44.21 -8.35 -21.75
C ILE E 43 -43.10 -7.34 -21.52
N CYS E 44 -42.64 -7.21 -20.27
CA CYS E 44 -41.68 -6.19 -19.89
C CYS E 44 -40.56 -6.78 -19.04
N ILE E 45 -39.40 -6.13 -19.11
CA ILE E 45 -38.21 -6.48 -18.34
C ILE E 45 -37.99 -5.44 -17.25
N GLY E 46 -37.55 -5.86 -16.08
CA GLY E 46 -37.33 -4.91 -15.01
C GLY E 46 -36.47 -5.48 -13.90
N TYR E 47 -36.27 -4.65 -12.88
CA TYR E 47 -35.40 -4.97 -11.75
C TYR E 47 -36.08 -4.63 -10.44
N HIS E 48 -35.38 -4.90 -9.34
CA HIS E 48 -35.95 -4.93 -7.99
C HIS E 48 -35.78 -3.58 -7.28
N ALA E 49 -36.75 -3.25 -6.43
CA ALA E 49 -36.67 -2.07 -5.57
C ALA E 49 -37.35 -2.35 -4.24
N ASN E 50 -36.89 -1.69 -3.19
CA ASN E 50 -37.48 -1.83 -1.87
C ASN E 50 -37.50 -0.51 -1.12
N ASN E 51 -37.70 -0.54 0.19
CA ASN E 51 -37.85 0.67 1.00
C ASN E 51 -36.59 0.98 1.82
N SER E 52 -35.44 0.42 1.43
CA SER E 52 -34.24 0.65 2.19
C SER E 52 -33.73 2.08 2.01
N THR E 53 -32.98 2.55 3.00
CA THR E 53 -32.43 3.91 3.00
C THR E 53 -30.96 3.89 3.39
N ASP E 54 -30.21 2.95 2.86
CA ASP E 54 -28.79 2.82 3.16
C ASP E 54 -27.96 3.23 1.96
N THR E 55 -26.98 4.10 2.18
CA THR E 55 -26.23 4.76 1.14
C THR E 55 -24.77 4.33 1.17
N VAL E 56 -24.14 4.32 0.00
CA VAL E 56 -22.73 4.00 -0.16
C VAL E 56 -22.06 5.12 -0.97
N ASP E 57 -20.73 5.09 -0.99
CA ASP E 57 -19.93 6.07 -1.69
C ASP E 57 -19.12 5.41 -2.79
N THR E 58 -19.11 6.03 -3.96
CA THR E 58 -18.25 5.62 -5.07
C THR E 58 -17.30 6.78 -5.41
N VAL E 59 -16.51 6.59 -6.46
CA VAL E 59 -15.56 7.63 -6.85
C VAL E 59 -16.24 8.80 -7.53
N LEU E 60 -17.27 8.54 -8.34
CA LEU E 60 -17.94 9.58 -9.11
C LEU E 60 -19.16 10.16 -8.40
N GLU E 61 -19.54 9.64 -7.23
CA GLU E 61 -20.75 10.09 -6.57
C GLU E 61 -20.73 9.69 -5.11
N LYS E 62 -21.40 10.48 -4.27
CA LYS E 62 -21.55 10.22 -2.86
C LYS E 62 -23.02 10.02 -2.51
N ASN E 63 -23.26 9.20 -1.48
CA ASN E 63 -24.59 8.94 -0.94
C ASN E 63 -25.54 8.34 -1.96
N VAL E 64 -25.19 7.17 -2.50
CA VAL E 64 -26.07 6.43 -3.40
C VAL E 64 -26.87 5.43 -2.58
N THR E 65 -28.19 5.53 -2.64
CA THR E 65 -29.07 4.61 -1.92
C THR E 65 -29.15 3.29 -2.67
N VAL E 66 -28.98 2.19 -1.95
CA VAL E 66 -28.91 0.87 -2.57
C VAL E 66 -29.89 -0.08 -1.87
N THR E 67 -30.20 -1.18 -2.56
CA THR E 67 -31.17 -2.14 -2.05
C THR E 67 -30.59 -3.04 -0.95
N HIS E 68 -29.34 -3.47 -1.08
CA HIS E 68 -28.71 -4.35 -0.10
C HIS E 68 -27.27 -3.92 0.10
N SER E 69 -26.77 -4.05 1.33
CA SER E 69 -25.40 -3.68 1.66
C SER E 69 -24.99 -4.37 2.95
N VAL E 70 -23.68 -4.36 3.22
CA VAL E 70 -23.11 -4.88 4.45
C VAL E 70 -22.19 -3.83 5.06
N ASN E 71 -22.00 -3.92 6.37
CA ASN E 71 -21.11 -3.02 7.10
C ASN E 71 -19.87 -3.78 7.56
N LEU E 72 -18.70 -3.17 7.33
CA LEU E 72 -17.42 -3.82 7.61
C LEU E 72 -16.66 -3.21 8.78
N LEU E 73 -17.23 -2.24 9.49
CA LEU E 73 -16.53 -1.54 10.56
C LEU E 73 -17.30 -1.67 11.87
N GLU E 74 -16.58 -1.95 12.95
CA GLU E 74 -17.16 -2.07 14.28
C GLU E 74 -16.74 -0.88 15.14
N ASP E 75 -17.70 -0.28 15.84
CA ASP E 75 -17.41 0.86 16.69
C ASP E 75 -18.15 0.78 18.03
N SER E 76 -18.37 -0.42 18.54
CA SER E 76 -19.09 -0.61 19.80
C SER E 76 -18.29 -1.50 20.73
N HIS E 77 -18.23 -1.11 22.01
CA HIS E 77 -17.61 -1.90 23.07
C HIS E 77 -18.50 -1.84 24.31
N ASN E 78 -18.19 -2.71 25.28
CA ASN E 78 -19.01 -2.81 26.47
C ASN E 78 -18.56 -1.90 27.61
N GLY E 79 -17.33 -1.40 27.58
CA GLY E 79 -16.88 -0.41 28.54
C GLY E 79 -16.31 -0.94 29.84
N LYS E 80 -15.90 -2.20 29.89
CA LYS E 80 -15.35 -2.76 31.12
C LYS E 80 -14.22 -3.73 30.78
N LEU E 81 -13.35 -3.96 31.76
CA LEU E 81 -12.23 -4.87 31.61
C LEU E 81 -12.68 -6.27 32.03
N CYS E 82 -12.58 -7.21 31.11
CA CYS E 82 -13.15 -8.54 31.27
C CYS E 82 -12.04 -9.59 31.37
N ARG E 83 -12.45 -10.85 31.51
CA ARG E 83 -11.55 -11.97 31.59
C ARG E 83 -11.27 -12.52 30.19
N LEU E 84 -10.02 -12.90 29.95
CA LEU E 84 -9.60 -13.39 28.64
C LEU E 84 -9.55 -14.91 28.68
N LYS E 85 -10.58 -15.54 28.11
CA LYS E 85 -10.65 -16.99 27.94
C LYS E 85 -10.59 -17.74 29.27
N GLY E 86 -11.27 -17.20 30.28
CA GLY E 86 -11.40 -17.85 31.57
C GLY E 86 -10.56 -17.25 32.67
N ILE E 87 -9.38 -16.75 32.34
CA ILE E 87 -8.44 -16.25 33.35
C ILE E 87 -8.68 -14.76 33.57
N ALA E 88 -8.71 -14.35 34.84
CA ALA E 88 -8.86 -12.94 35.17
C ALA E 88 -7.53 -12.21 35.10
N PRO E 89 -7.54 -10.93 34.75
CA PRO E 89 -6.30 -10.15 34.72
C PRO E 89 -5.83 -9.82 36.13
N LEU E 90 -4.65 -9.20 36.18
CA LEU E 90 -4.04 -8.77 37.43
C LEU E 90 -4.02 -7.25 37.46
N GLN E 91 -4.84 -6.66 38.33
CA GLN E 91 -4.91 -5.21 38.49
C GLN E 91 -4.05 -4.80 39.68
N LEU E 92 -3.12 -3.88 39.45
CA LEU E 92 -2.20 -3.43 40.49
C LEU E 92 -2.80 -2.36 41.38
N GLY E 93 -3.62 -1.48 40.82
CA GLY E 93 -4.30 -0.48 41.61
C GLY E 93 -3.47 0.76 41.87
N LYS E 94 -2.98 0.90 43.10
CA LYS E 94 -2.17 2.04 43.50
C LYS E 94 -0.67 1.81 43.34
N CYS E 95 -0.26 0.61 42.94
CA CYS E 95 1.14 0.27 42.77
C CYS E 95 1.50 0.12 41.30
N ASN E 96 2.79 0.21 41.02
CA ASN E 96 3.35 -0.08 39.72
C ASN E 96 4.14 -1.40 39.80
N ILE E 97 4.86 -1.73 38.73
CA ILE E 97 5.65 -2.95 38.70
C ILE E 97 6.70 -2.96 39.80
N ALA E 98 7.38 -1.83 40.01
CA ALA E 98 8.42 -1.77 41.02
C ALA E 98 7.88 -2.01 42.43
N GLY E 99 6.75 -1.40 42.77
CA GLY E 99 6.15 -1.62 44.07
C GLY E 99 5.62 -3.02 44.25
N TRP E 100 5.04 -3.58 43.19
CA TRP E 100 4.53 -4.94 43.23
C TRP E 100 5.65 -5.94 43.48
N ILE E 101 6.77 -5.78 42.77
CA ILE E 101 7.83 -6.78 42.84
C ILE E 101 8.73 -6.56 44.05
N LEU E 102 9.02 -5.32 44.42
CA LEU E 102 9.89 -5.05 45.55
C LEU E 102 9.23 -5.35 46.89
N GLY E 103 7.91 -5.28 46.97
CA GLY E 103 7.21 -5.55 48.21
C GLY E 103 6.89 -4.29 49.00
N ASN E 104 6.32 -3.29 48.34
CA ASN E 104 5.97 -2.02 48.97
C ASN E 104 4.96 -2.25 50.07
N PRO E 105 5.05 -1.53 51.19
CA PRO E 105 4.08 -1.73 52.29
C PRO E 105 2.63 -1.43 51.92
N GLU E 106 2.39 -0.69 50.83
CA GLU E 106 1.04 -0.37 50.40
C GLU E 106 0.49 -1.34 49.36
N CYS E 107 1.25 -2.37 49.01
CA CYS E 107 0.83 -3.38 48.05
C CYS E 107 0.71 -4.74 48.73
N ASP E 108 0.14 -4.75 49.94
CA ASP E 108 0.09 -5.96 50.76
C ASP E 108 -0.93 -6.97 50.25
N SER E 109 -1.78 -6.60 49.30
CA SER E 109 -2.85 -7.49 48.84
C SER E 109 -2.50 -8.27 47.58
N LEU E 110 -1.34 -8.01 46.97
CA LEU E 110 -0.95 -8.68 45.73
C LEU E 110 -0.05 -9.89 45.98
N LEU E 111 0.23 -10.21 47.23
CA LEU E 111 1.08 -11.34 47.57
C LEU E 111 0.51 -12.67 47.09
N PRO E 112 -0.80 -12.93 47.27
CA PRO E 112 -1.38 -14.24 46.80
C PRO E 112 -1.39 -14.45 45.31
N ALA E 113 -1.19 -13.40 44.51
CA ALA E 113 -1.36 -13.50 43.07
C ALA E 113 -0.25 -14.34 42.45
N SER E 114 -0.66 -15.30 41.63
CA SER E 114 0.31 -16.18 40.99
C SER E 114 -0.07 -16.51 39.55
N SER E 115 -1.16 -15.93 39.03
CA SER E 115 -1.59 -16.22 37.68
C SER E 115 -2.44 -15.07 37.16
N TRP E 116 -2.35 -14.82 35.86
CA TRP E 116 -3.07 -13.72 35.23
C TRP E 116 -3.08 -13.93 33.72
N SER E 117 -3.86 -13.11 33.03
CA SER E 117 -3.84 -13.05 31.58
C SER E 117 -3.25 -11.76 31.02
N TYR E 118 -3.38 -10.65 31.74
CA TYR E 118 -2.68 -9.41 31.40
C TYR E 118 -2.62 -8.55 32.64
N ILE E 119 -1.75 -7.54 32.60
CA ILE E 119 -1.51 -6.64 33.73
C ILE E 119 -2.12 -5.28 33.41
N VAL E 120 -2.78 -4.68 34.39
CA VAL E 120 -3.47 -3.41 34.23
C VAL E 120 -2.87 -2.41 35.21
N GLU E 121 -2.50 -1.23 34.70
CA GLU E 121 -2.02 -0.12 35.50
C GLU E 121 -2.91 1.09 35.28
N THR E 122 -2.90 1.99 36.26
CA THR E 122 -3.69 3.22 36.18
C THR E 122 -2.77 4.42 36.23
N PRO E 123 -3.20 5.59 35.75
CA PRO E 123 -2.36 6.79 35.84
C PRO E 123 -2.12 7.31 37.25
N ASN E 124 -2.73 6.71 38.28
CA ASN E 124 -2.47 7.06 39.67
C ASN E 124 -1.72 5.93 40.38
N SER E 125 -0.93 5.17 39.63
CA SER E 125 -0.09 4.11 40.17
C SER E 125 1.24 4.74 40.54
N LYS E 126 1.34 5.23 41.77
CA LYS E 126 2.48 6.03 42.20
C LYS E 126 3.27 5.41 43.35
N ASN E 127 2.85 4.26 43.86
CA ASN E 127 3.56 3.61 44.97
C ASN E 127 4.59 2.64 44.39
N GLY E 128 5.80 3.13 44.19
CA GLY E 128 6.88 2.31 43.66
C GLY E 128 8.00 2.12 44.67
N ILE E 129 9.11 2.84 44.46
CA ILE E 129 10.21 2.84 45.41
C ILE E 129 9.97 3.98 46.40
N CYS E 130 9.91 3.64 47.68
CA CYS E 130 9.68 4.64 48.72
C CYS E 130 10.97 5.36 49.09
N TYR E 131 12.06 4.62 49.22
CA TYR E 131 13.36 5.23 49.46
C TYR E 131 13.92 5.79 48.15
N PRO E 132 14.31 7.05 48.11
CA PRO E 132 14.76 7.64 46.84
C PRO E 132 16.00 6.96 46.30
N GLY E 133 16.08 6.90 44.98
CA GLY E 133 17.20 6.28 44.31
C GLY E 133 16.83 5.93 42.88
N ASP E 134 17.70 5.14 42.26
CA ASP E 134 17.59 4.79 40.84
C ASP E 134 17.34 3.30 40.68
N PHE E 135 16.37 2.95 39.84
CA PHE E 135 16.11 1.57 39.46
C PHE E 135 16.75 1.35 38.08
N ILE E 136 17.80 0.55 38.05
CA ILE E 136 18.63 0.41 36.85
C ILE E 136 18.04 -0.67 35.95
N ASP E 137 17.87 -0.34 34.66
CA ASP E 137 17.31 -1.22 33.65
C ASP E 137 15.88 -1.62 34.02
N TYR E 138 15.02 -0.62 34.22
CA TYR E 138 13.65 -0.84 34.65
C TYR E 138 12.71 -1.15 33.48
N GLU E 139 12.86 -0.44 32.37
CA GLU E 139 12.05 -0.69 31.19
C GLU E 139 12.35 -2.04 30.54
N GLU E 140 13.60 -2.50 30.62
CA GLU E 140 13.90 -3.86 30.19
C GLU E 140 13.21 -4.89 31.08
N LEU E 141 13.11 -4.63 32.38
CA LEU E 141 12.35 -5.52 33.25
C LEU E 141 10.87 -5.54 32.90
N ARG E 142 10.31 -4.37 32.58
CA ARG E 142 8.91 -4.36 32.12
C ARG E 142 8.74 -5.13 30.82
N GLU E 143 9.68 -5.00 29.89
CA GLU E 143 9.61 -5.77 28.66
C GLU E 143 9.73 -7.27 28.92
N GLN E 144 10.55 -7.67 29.89
CA GLN E 144 10.65 -9.08 30.26
C GLN E 144 9.34 -9.58 30.85
N LEU E 145 8.70 -8.80 31.71
CA LEU E 145 7.45 -9.21 32.33
C LEU E 145 6.26 -9.13 31.40
N SER E 146 6.38 -8.42 30.28
CA SER E 146 5.28 -8.42 29.31
C SER E 146 5.08 -9.76 28.62
N SER E 147 5.84 -10.81 28.95
CA SER E 147 5.64 -12.12 28.34
C SER E 147 5.62 -13.23 29.39
N VAL E 148 5.28 -12.92 30.62
CA VAL E 148 5.20 -13.89 31.71
C VAL E 148 3.74 -14.04 32.11
N SER E 149 3.31 -15.28 32.30
CA SER E 149 1.93 -15.56 32.68
C SER E 149 1.76 -16.05 34.11
N SER E 150 2.82 -16.53 34.76
CA SER E 150 2.73 -16.98 36.15
C SER E 150 4.14 -17.09 36.72
N PHE E 151 4.22 -17.11 38.04
CA PHE E 151 5.49 -17.38 38.72
C PHE E 151 5.20 -18.03 40.07
N GLU E 152 6.27 -18.52 40.69
CA GLU E 152 6.23 -19.08 42.04
C GLU E 152 7.17 -18.25 42.90
N ARG E 153 6.63 -17.65 43.96
CA ARG E 153 7.43 -16.84 44.88
C ARG E 153 7.96 -17.75 45.98
N PHE E 154 9.29 -17.90 46.06
CA PHE E 154 9.88 -18.77 47.05
C PHE E 154 10.97 -18.03 47.83
N GLU E 155 11.24 -18.53 49.04
CA GLU E 155 12.19 -17.91 49.95
C GLU E 155 13.59 -18.39 49.59
N ILE E 156 14.38 -17.52 48.97
CA ILE E 156 15.70 -17.90 48.49
C ILE E 156 16.70 -17.99 49.65
N PHE E 157 16.68 -17.01 50.55
CA PHE E 157 17.50 -17.04 51.77
C PHE E 157 16.59 -16.91 52.98
N PRO E 158 16.34 -17.99 53.73
CA PRO E 158 15.45 -17.89 54.89
C PRO E 158 15.96 -16.87 55.90
N LYS E 159 15.02 -16.09 56.45
CA LYS E 159 15.38 -15.01 57.34
C LYS E 159 15.87 -15.54 58.69
N GLU E 160 15.29 -16.65 59.16
CA GLU E 160 15.53 -17.12 60.51
C GLU E 160 16.83 -17.88 60.68
N SER E 161 17.51 -18.25 59.59
CA SER E 161 18.69 -19.09 59.70
C SER E 161 19.87 -18.68 58.82
N SER E 162 19.77 -17.60 58.05
CA SER E 162 20.83 -17.25 57.12
C SER E 162 21.79 -16.19 57.65
N TRP E 163 21.34 -15.36 58.60
CA TRP E 163 22.12 -14.22 59.08
C TRP E 163 22.23 -14.29 60.60
N PRO E 164 23.11 -15.14 61.12
CA PRO E 164 23.27 -15.23 62.59
C PRO E 164 24.12 -14.12 63.19
N LYS E 165 24.98 -13.46 62.40
CA LYS E 165 25.93 -12.50 62.93
C LYS E 165 25.59 -11.06 62.59
N HIS E 166 24.42 -10.80 62.01
CA HIS E 166 23.99 -9.45 61.67
C HIS E 166 22.59 -9.22 62.22
N SER E 167 22.25 -7.95 62.39
CA SER E 167 20.94 -7.56 62.91
C SER E 167 19.92 -7.64 61.79
N THR E 168 18.86 -8.42 62.01
CA THR E 168 17.87 -8.70 60.97
C THR E 168 16.64 -7.81 61.05
N THR E 169 16.26 -7.34 62.23
CA THR E 169 15.11 -6.44 62.37
C THR E 169 15.58 -5.16 63.05
N LYS E 170 16.21 -4.27 62.28
CA LYS E 170 16.37 -2.88 62.67
C LYS E 170 16.33 -1.98 61.43
N GLY E 171 16.10 -2.57 60.27
CA GLY E 171 16.19 -1.85 59.02
C GLY E 171 14.87 -1.25 58.58
N VAL E 172 14.42 -0.22 59.29
CA VAL E 172 13.16 0.44 58.99
C VAL E 172 13.43 1.93 58.79
N THR E 173 12.63 2.54 57.92
CA THR E 173 12.79 3.95 57.59
C THR E 173 11.43 4.64 57.62
N ALA E 174 11.47 5.97 57.75
CA ALA E 174 10.29 6.81 57.75
C ALA E 174 9.86 7.25 56.35
N ALA E 175 10.67 6.97 55.33
CA ALA E 175 10.26 7.17 53.96
C ALA E 175 9.35 6.05 53.45
N CYS E 176 9.26 4.95 54.21
CA CYS E 176 8.39 3.83 53.89
C CYS E 176 7.51 3.63 55.12
N SER E 177 6.39 4.35 55.17
CA SER E 177 5.53 4.40 56.34
C SER E 177 4.28 3.56 56.13
N HIS E 178 4.00 2.69 57.08
CA HIS E 178 2.79 1.86 57.07
C HIS E 178 2.08 2.03 58.40
N ALA E 179 0.81 2.42 58.35
CA ALA E 179 -0.03 2.52 59.55
C ALA E 179 0.59 3.44 60.61
N GLY E 180 1.42 4.38 60.19
CA GLY E 180 1.94 5.39 61.09
C GLY E 180 3.29 5.12 61.71
N LYS E 181 3.87 3.94 61.54
CA LYS E 181 5.22 3.69 62.05
C LYS E 181 6.17 3.38 60.90
N SER E 182 7.46 3.51 61.18
CA SER E 182 8.50 3.31 60.18
C SER E 182 8.51 1.85 59.71
N SER E 183 8.77 1.66 58.42
CA SER E 183 8.70 0.32 57.83
C SER E 183 9.70 0.24 56.69
N PHE E 184 9.60 -0.83 55.90
CA PHE E 184 10.51 -1.13 54.81
C PHE E 184 9.85 -2.14 53.89
N TYR E 185 10.50 -2.42 52.76
CA TYR E 185 9.99 -3.38 51.79
C TYR E 185 9.84 -4.76 52.39
N ARG E 186 9.06 -5.62 51.74
CA ARG E 186 8.76 -6.95 52.25
C ARG E 186 9.62 -8.05 51.63
N ASN E 187 10.02 -7.92 50.37
CA ASN E 187 10.79 -8.93 49.68
C ASN E 187 12.30 -8.73 49.82
N LEU E 188 12.73 -7.68 50.51
CA LEU E 188 14.14 -7.39 50.71
C LEU E 188 14.44 -7.38 52.20
N LEU E 189 15.70 -7.17 52.55
CA LEU E 189 16.11 -7.19 53.95
C LEU E 189 17.32 -6.29 54.14
N TRP E 190 17.18 -5.24 54.94
CA TRP E 190 18.24 -4.27 55.18
C TRP E 190 19.03 -4.71 56.40
N LEU E 191 20.22 -5.26 56.18
CA LEU E 191 21.07 -5.74 57.25
C LEU E 191 21.84 -4.59 57.89
N THR E 192 22.28 -4.81 59.13
CA THR E 192 22.90 -3.76 59.92
C THR E 192 23.81 -4.42 60.95
N LYS E 193 24.83 -3.69 61.39
CA LYS E 193 25.82 -4.23 62.30
C LYS E 193 25.17 -4.66 63.62
N LYS E 194 25.81 -5.65 64.26
CA LYS E 194 25.33 -6.18 65.54
C LYS E 194 26.48 -6.10 66.54
N GLU E 195 26.29 -5.30 67.59
CA GLU E 195 27.28 -5.13 68.66
C GLU E 195 28.62 -4.63 68.11
N ASP E 196 28.56 -3.58 67.30
CA ASP E 196 29.73 -2.92 66.74
C ASP E 196 30.61 -3.89 65.96
N SER E 197 29.98 -4.67 65.08
CA SER E 197 30.71 -5.64 64.28
C SER E 197 29.90 -5.98 63.04
N TYR E 198 30.54 -5.90 61.87
CA TYR E 198 29.94 -6.29 60.60
C TYR E 198 30.91 -7.26 59.92
N PRO E 199 30.88 -8.54 60.29
CA PRO E 199 31.79 -9.50 59.65
C PRO E 199 31.48 -9.68 58.17
N LYS E 200 32.46 -10.19 57.45
CA LYS E 200 32.33 -10.37 56.01
C LYS E 200 31.21 -11.35 55.70
N LEU E 201 30.45 -11.03 54.65
CA LEU E 201 29.27 -11.78 54.26
C LEU E 201 29.55 -12.52 52.96
N SER E 202 29.22 -13.82 52.93
CA SER E 202 29.40 -14.66 51.75
C SER E 202 28.25 -15.65 51.67
N ASN E 203 27.48 -15.61 50.59
CA ASN E 203 26.32 -16.47 50.43
C ASN E 203 26.20 -16.91 48.98
N SER E 204 25.58 -18.07 48.77
CA SER E 204 25.46 -18.64 47.43
C SER E 204 24.12 -19.36 47.30
N TYR E 205 23.65 -19.45 46.06
CA TYR E 205 22.42 -20.17 45.76
C TYR E 205 22.50 -20.81 44.38
N VAL E 206 22.04 -22.06 44.28
CA VAL E 206 22.05 -22.83 43.05
C VAL E 206 20.62 -23.02 42.58
N ASN E 207 20.38 -22.85 41.28
CA ASN E 207 19.04 -22.95 40.72
C ASN E 207 18.72 -24.42 40.44
N LYS E 208 17.80 -24.97 41.21
CA LYS E 208 17.33 -26.34 40.99
C LYS E 208 15.84 -26.42 40.65
N LYS E 209 15.16 -25.28 40.51
CA LYS E 209 13.74 -25.28 40.23
C LYS E 209 13.40 -25.71 38.82
N GLY E 210 14.38 -25.79 37.92
CA GLY E 210 14.13 -26.15 36.55
C GLY E 210 13.55 -25.05 35.69
N LYS E 211 13.51 -23.81 36.19
CA LYS E 211 12.97 -22.68 35.44
C LYS E 211 13.90 -21.48 35.65
N GLU E 212 13.56 -20.37 35.00
CA GLU E 212 14.29 -19.13 35.19
C GLU E 212 13.89 -18.46 36.50
N VAL E 213 14.88 -17.91 37.20
CA VAL E 213 14.67 -17.31 38.51
C VAL E 213 15.05 -15.85 38.47
N LEU E 214 14.12 -14.98 38.86
CA LEU E 214 14.34 -13.54 38.95
C LEU E 214 14.72 -13.20 40.38
N VAL E 215 15.88 -12.54 40.54
CA VAL E 215 16.41 -12.11 41.83
C VAL E 215 16.63 -10.60 41.79
N LEU E 216 16.48 -9.96 42.95
CA LEU E 216 16.58 -8.51 43.07
C LEU E 216 17.35 -8.16 44.34
N TRP E 217 18.07 -7.04 44.31
CA TRP E 217 18.81 -6.58 45.49
C TRP E 217 19.00 -5.06 45.39
N GLY E 218 19.64 -4.50 46.40
CA GLY E 218 19.87 -3.06 46.45
C GLY E 218 21.16 -2.71 47.17
N VAL E 219 21.65 -1.51 46.89
CA VAL E 219 22.87 -0.97 47.47
C VAL E 219 22.59 0.41 48.03
N HIS E 220 23.02 0.65 49.27
CA HIS E 220 22.71 1.88 49.99
C HIS E 220 23.90 2.82 50.01
N HIS E 221 23.67 4.08 49.62
CA HIS E 221 24.67 5.15 49.67
C HIS E 221 24.27 6.14 50.75
N PRO E 222 24.94 6.15 51.90
CA PRO E 222 24.60 7.10 52.96
C PRO E 222 24.98 8.53 52.62
N SER E 223 24.79 9.44 53.57
CA SER E 223 25.03 10.87 53.34
C SER E 223 26.31 11.38 53.98
N SER E 224 26.78 10.76 55.06
CA SER E 224 27.98 11.20 55.76
C SER E 224 28.77 9.98 56.21
N SER E 225 30.00 10.23 56.67
CA SER E 225 30.81 9.15 57.24
C SER E 225 30.32 8.72 58.61
N LYS E 226 29.69 9.63 59.37
CA LYS E 226 29.11 9.24 60.65
C LYS E 226 27.98 8.25 60.46
N GLU E 227 27.11 8.49 59.49
CA GLU E 227 26.02 7.55 59.21
C GLU E 227 26.57 6.19 58.81
N GLN E 228 27.62 6.18 57.99
CA GLN E 228 28.22 4.91 57.60
C GLN E 228 28.82 4.19 58.80
N GLN E 229 29.47 4.92 59.71
CA GLN E 229 30.01 4.28 60.91
C GLN E 229 28.91 3.68 61.77
N THR E 230 27.82 4.42 62.00
CA THR E 230 26.77 3.90 62.87
C THR E 230 25.95 2.81 62.19
N LEU E 231 25.99 2.72 60.86
CA LEU E 231 25.22 1.66 60.21
C LEU E 231 26.02 0.39 60.02
N TYR E 232 27.28 0.50 59.58
CA TYR E 232 28.04 -0.67 59.15
C TYR E 232 29.40 -0.84 59.81
N GLN E 233 29.89 0.16 60.55
CA GLN E 233 31.10 0.06 61.37
C GLN E 233 32.37 0.01 60.52
N ASN E 234 32.22 -0.10 59.20
CA ASN E 234 33.38 -0.07 58.31
C ASN E 234 33.30 1.14 57.38
N GLU E 235 34.44 1.81 57.22
CA GLU E 235 34.53 2.98 56.35
C GLU E 235 34.74 2.64 54.88
N ASN E 236 35.58 1.65 54.58
CA ASN E 236 35.84 1.24 53.21
C ASN E 236 35.16 -0.10 53.00
N ALA E 237 34.00 -0.08 52.35
CA ALA E 237 33.19 -1.27 52.13
C ALA E 237 33.02 -1.49 50.63
N TYR E 238 32.66 -2.72 50.27
CA TYR E 238 32.43 -3.08 48.89
C TYR E 238 31.41 -4.22 48.84
N VAL E 239 30.78 -4.36 47.68
CA VAL E 239 29.86 -5.45 47.42
C VAL E 239 30.27 -6.13 46.11
N SER E 240 30.24 -7.45 46.09
CA SER E 240 30.54 -8.21 44.88
C SER E 240 29.37 -9.15 44.61
N VAL E 241 28.76 -9.01 43.44
CA VAL E 241 27.68 -9.90 43.01
C VAL E 241 28.16 -10.62 41.77
N VAL E 242 28.20 -11.95 41.84
CA VAL E 242 28.88 -12.75 40.82
C VAL E 242 27.97 -13.89 40.37
N SER E 243 27.80 -14.03 39.06
CA SER E 243 27.05 -15.14 38.49
C SER E 243 27.87 -15.78 37.37
N SER E 244 27.25 -16.68 36.59
CA SER E 244 27.93 -17.30 35.47
C SER E 244 28.06 -16.39 34.26
N ASN E 245 27.14 -15.43 34.08
CA ASN E 245 27.27 -14.44 33.03
C ASN E 245 27.01 -13.04 33.55
N TYR E 246 27.03 -12.87 34.88
CA TYR E 246 26.93 -11.57 35.51
C TYR E 246 28.10 -11.39 36.47
N ASN E 247 28.57 -10.16 36.59
CA ASN E 247 29.73 -9.85 37.40
C ASN E 247 29.81 -8.37 37.70
N ARG E 248 29.79 -7.97 38.98
CA ARG E 248 29.95 -6.55 39.26
C ARG E 248 30.43 -6.33 40.68
N ARG E 249 31.22 -5.26 40.85
CA ARG E 249 31.66 -4.76 42.14
C ARG E 249 31.08 -3.36 42.35
N PHE E 250 30.59 -3.10 43.56
CA PHE E 250 29.95 -1.86 43.93
C PHE E 250 30.70 -1.23 45.10
N ILE E 251 30.85 0.09 45.05
CA ILE E 251 31.49 0.84 46.12
C ILE E 251 30.60 2.04 46.47
N PRO E 252 30.33 2.30 47.75
CA PRO E 252 29.43 3.40 48.11
C PRO E 252 29.99 4.76 47.74
N GLU E 253 29.08 5.67 47.42
CA GLU E 253 29.38 7.08 47.20
C GLU E 253 28.77 7.88 48.35
N ILE E 254 29.61 8.46 49.20
CA ILE E 254 29.15 9.14 50.40
C ILE E 254 29.14 10.65 50.16
N ALA E 255 27.97 11.20 49.89
CA ALA E 255 27.82 12.63 49.65
C ALA E 255 26.42 13.04 50.09
N GLU E 256 26.20 14.36 50.11
CA GLU E 256 24.94 14.93 50.56
C GLU E 256 24.16 15.43 49.36
N ARG E 257 22.93 14.94 49.21
CA ARG E 257 22.07 15.27 48.09
C ARG E 257 20.85 16.04 48.56
N PRO E 258 20.18 16.78 47.67
CA PRO E 258 18.92 17.42 48.04
C PRO E 258 17.91 16.41 48.55
N GLU E 259 17.19 16.78 49.59
CA GLU E 259 16.32 15.82 50.28
C GLU E 259 15.11 15.48 49.44
N VAL E 260 14.84 14.18 49.32
CA VAL E 260 13.62 13.66 48.72
C VAL E 260 12.99 12.71 49.72
N LYS E 261 11.76 13.02 50.14
CA LYS E 261 11.06 12.26 51.18
C LYS E 261 11.91 12.18 52.45
N ASP E 262 12.54 13.29 52.82
CA ASP E 262 13.25 13.47 54.09
C ASP E 262 14.63 12.78 54.09
N GLN E 263 15.05 12.23 52.95
CA GLN E 263 16.27 11.46 52.87
C GLN E 263 17.31 12.17 52.03
N ALA E 264 18.54 12.28 52.56
CA ALA E 264 19.67 12.82 51.82
C ALA E 264 20.59 11.73 51.28
N GLY E 265 20.31 10.46 51.56
CA GLY E 265 21.01 9.34 50.97
C GLY E 265 20.19 8.71 49.86
N ARG E 266 20.76 7.66 49.26
CA ARG E 266 20.11 7.02 48.12
C ARG E 266 20.22 5.51 48.24
N ILE E 267 19.39 4.81 47.48
CA ILE E 267 19.44 3.35 47.34
C ILE E 267 19.25 3.01 45.88
N ASN E 268 20.14 2.20 45.33
CA ASN E 268 20.05 1.75 43.94
C ASN E 268 19.58 0.30 43.90
N TYR E 269 18.72 -0.02 42.93
CA TYR E 269 18.07 -1.31 42.85
C TYR E 269 18.52 -2.05 41.59
N TYR E 270 18.87 -3.33 41.74
CA TYR E 270 19.37 -4.15 40.66
C TYR E 270 18.60 -5.47 40.61
N TRP E 271 18.59 -6.07 39.42
CA TRP E 271 17.89 -7.34 39.20
C TRP E 271 18.71 -8.20 38.25
N THR E 272 18.44 -9.51 38.30
CA THR E 272 19.12 -10.45 37.40
C THR E 272 18.27 -11.70 37.25
N LEU E 273 18.58 -12.45 36.19
CA LEU E 273 17.91 -13.70 35.85
C LEU E 273 18.90 -14.87 35.87
N LEU E 274 18.55 -15.91 36.61
CA LEU E 274 19.33 -17.14 36.68
C LEU E 274 18.68 -18.23 35.84
N GLU E 275 19.52 -18.98 35.14
CA GLU E 275 19.20 -20.12 34.29
C GLU E 275 19.20 -21.40 35.10
N PRO E 276 18.49 -22.43 34.64
CA PRO E 276 18.45 -23.70 35.39
C PRO E 276 19.85 -24.31 35.52
N GLY E 277 20.21 -24.67 36.74
CA GLY E 277 21.51 -25.27 37.03
C GLY E 277 22.61 -24.27 37.34
N ASP E 278 22.30 -22.98 37.36
CA ASP E 278 23.30 -21.93 37.54
C ASP E 278 23.36 -21.48 39.00
N THR E 279 24.48 -20.87 39.36
CA THR E 279 24.75 -20.39 40.71
C THR E 279 24.85 -18.87 40.73
N ILE E 280 24.56 -18.30 41.90
CA ILE E 280 24.75 -16.86 42.13
C ILE E 280 25.35 -16.68 43.52
N ILE E 281 26.29 -15.75 43.64
CA ILE E 281 27.01 -15.53 44.88
C ILE E 281 27.01 -14.04 45.23
N PHE E 282 26.76 -13.76 46.50
CA PHE E 282 26.83 -12.43 47.08
C PHE E 282 27.96 -12.37 48.10
N GLU E 283 28.73 -11.30 48.06
CA GLU E 283 29.77 -11.07 49.05
C GLU E 283 29.77 -9.61 49.42
N ALA E 284 29.96 -9.31 50.71
CA ALA E 284 29.79 -7.91 51.13
C ALA E 284 30.55 -7.63 52.41
N ASN E 285 30.99 -6.38 52.53
CA ASN E 285 31.49 -5.81 53.78
C ASN E 285 30.57 -4.74 54.33
N GLY E 286 29.46 -4.47 53.69
CA GLY E 286 28.52 -3.46 54.14
C GLY E 286 27.71 -2.97 52.97
N ASN E 287 26.71 -2.14 53.30
CA ASN E 287 25.88 -1.40 52.35
C ASN E 287 25.00 -2.29 51.49
N LEU E 288 24.74 -3.53 51.89
CA LEU E 288 23.98 -4.48 51.07
C LEU E 288 22.59 -4.70 51.64
N VAL E 289 21.60 -4.65 50.76
CA VAL E 289 20.21 -4.98 51.09
C VAL E 289 19.91 -6.30 50.42
N ALA E 290 19.88 -7.37 51.20
CA ALA E 290 19.84 -8.74 50.67
C ALA E 290 18.43 -9.12 50.23
N PRO E 291 18.31 -10.01 49.25
CA PRO E 291 16.98 -10.49 48.85
C PRO E 291 16.41 -11.45 49.88
N TRP E 292 15.08 -11.53 49.90
CA TRP E 292 14.36 -12.48 50.73
C TRP E 292 13.51 -13.45 49.92
N TYR E 293 12.80 -12.95 48.91
CA TYR E 293 11.97 -13.78 48.05
C TYR E 293 12.41 -13.62 46.60
N ALA E 294 12.43 -14.74 45.87
CA ALA E 294 12.77 -14.77 44.46
C ALA E 294 11.61 -15.38 43.70
N PHE E 295 11.61 -15.19 42.38
CA PHE E 295 10.47 -15.60 41.57
C PHE E 295 10.89 -16.58 40.49
N ALA E 296 10.21 -17.72 40.40
CA ALA E 296 10.44 -18.70 39.34
C ALA E 296 9.38 -18.50 38.26
N LEU E 297 9.80 -18.15 37.06
CA LEU E 297 8.90 -17.62 36.03
C LEU E 297 8.46 -18.71 35.06
N SER E 298 7.25 -18.52 34.51
CA SER E 298 6.71 -19.39 33.47
C SER E 298 6.30 -18.51 32.29
N ARG E 299 6.99 -18.68 31.16
CA ARG E 299 6.80 -17.82 30.00
C ARG E 299 5.54 -18.19 29.22
N GLY E 300 5.02 -17.22 28.51
CA GLY E 300 3.92 -17.44 27.59
C GLY E 300 3.56 -16.19 26.82
N PHE E 301 3.47 -16.29 25.49
CA PHE E 301 3.15 -15.13 24.67
C PHE E 301 1.63 -14.92 24.61
N GLY E 302 1.20 -13.74 24.19
CA GLY E 302 -0.20 -13.39 24.22
C GLY E 302 -0.64 -12.59 25.42
N SER E 303 0.30 -12.03 26.19
CA SER E 303 0.01 -11.20 27.33
C SER E 303 0.51 -9.78 27.07
N GLY E 304 0.38 -8.91 28.07
CA GLY E 304 0.86 -7.55 27.93
C GLY E 304 0.55 -6.75 29.17
N ILE E 305 0.95 -5.49 29.13
CA ILE E 305 0.69 -4.53 30.21
C ILE E 305 -0.02 -3.33 29.60
N ILE E 306 -1.24 -3.06 30.05
CA ILE E 306 -2.01 -1.94 29.53
C ILE E 306 -2.23 -0.92 30.64
N THR E 307 -2.39 0.33 30.24
CA THR E 307 -2.72 1.43 31.15
C THR E 307 -4.14 1.87 30.87
N SER E 308 -5.01 1.77 31.87
CA SER E 308 -6.44 2.00 31.65
C SER E 308 -7.09 2.46 32.94
N ASN E 309 -8.04 3.39 32.81
CA ASN E 309 -8.89 3.82 33.91
C ASN E 309 -10.24 3.13 33.92
N ALA E 310 -10.50 2.22 32.99
CA ALA E 310 -11.78 1.52 32.94
C ALA E 310 -11.92 0.59 34.14
N SER E 311 -13.16 0.27 34.48
CA SER E 311 -13.48 -0.55 35.63
C SER E 311 -13.39 -2.03 35.31
N MET E 312 -13.23 -2.84 36.36
CA MET E 312 -13.08 -4.28 36.24
C MET E 312 -14.37 -4.96 36.65
N HIS E 313 -14.86 -5.88 35.82
CA HIS E 313 -16.07 -6.63 36.11
C HIS E 313 -15.85 -8.12 35.90
N GLU E 314 -16.91 -8.90 35.99
CA GLU E 314 -16.85 -10.36 35.91
C GLU E 314 -17.57 -10.82 34.65
N CYS E 315 -16.85 -10.85 33.53
CA CYS E 315 -17.41 -11.33 32.27
C CYS E 315 -16.37 -12.12 31.50
N ASN E 316 -16.65 -12.42 30.23
CA ASN E 316 -15.73 -13.15 29.38
C ASN E 316 -15.62 -12.45 28.03
N THR E 317 -14.50 -12.66 27.36
CA THR E 317 -14.25 -12.00 26.08
C THR E 317 -13.14 -12.74 25.35
N LYS E 318 -12.95 -12.36 24.09
CA LYS E 318 -11.85 -12.84 23.28
C LYS E 318 -10.96 -11.71 22.75
N CYS E 319 -11.39 -10.46 22.85
CA CYS E 319 -10.64 -9.31 22.38
C CYS E 319 -10.86 -8.15 23.34
N GLN E 320 -9.76 -7.63 23.89
CA GLN E 320 -9.84 -6.59 24.92
C GLN E 320 -9.01 -5.39 24.50
N THR E 321 -9.56 -4.20 24.69
CA THR E 321 -8.88 -2.93 24.50
C THR E 321 -8.78 -2.19 25.84
N PRO E 322 -7.98 -1.13 25.92
CA PRO E 322 -7.95 -0.34 27.16
C PRO E 322 -9.25 0.39 27.46
N GLN E 323 -10.28 0.21 26.62
CA GLN E 323 -11.57 0.84 26.84
C GLN E 323 -12.74 -0.12 26.92
N GLY E 324 -12.58 -1.38 26.58
CA GLY E 324 -13.67 -2.33 26.65
C GLY E 324 -13.40 -3.55 25.80
N ALA E 325 -14.33 -4.50 25.84
CA ALA E 325 -14.20 -5.73 25.10
C ALA E 325 -14.96 -5.64 23.77
N ILE E 326 -14.47 -6.37 22.78
CA ILE E 326 -15.04 -6.36 21.45
C ILE E 326 -15.68 -7.71 21.17
N ASN E 327 -16.82 -7.67 20.49
CA ASN E 327 -17.75 -8.79 20.37
C ASN E 327 -18.19 -8.96 18.91
N SER E 328 -17.25 -8.97 17.98
CA SER E 328 -17.60 -8.89 16.58
C SER E 328 -16.81 -9.90 15.76
N SER E 329 -17.28 -10.15 14.54
CA SER E 329 -16.55 -10.90 13.53
C SER E 329 -16.21 -10.04 12.32
N LEU E 330 -16.42 -8.73 12.41
CA LEU E 330 -16.10 -7.83 11.31
C LEU E 330 -14.59 -7.69 11.16
N PRO E 331 -14.13 -7.33 9.95
CA PRO E 331 -12.68 -7.24 9.72
C PRO E 331 -12.01 -5.95 10.16
N PHE E 332 -12.75 -4.92 10.57
CA PHE E 332 -12.15 -3.63 10.93
C PHE E 332 -12.78 -3.10 12.21
N GLN E 333 -12.03 -2.24 12.90
CA GLN E 333 -12.52 -1.52 14.08
C GLN E 333 -11.80 -0.18 14.15
N ASN E 334 -12.41 0.76 14.88
CA ASN E 334 -11.82 2.08 15.10
C ASN E 334 -11.94 2.50 16.55
N ILE E 335 -11.67 1.57 17.48
CA ILE E 335 -11.83 1.84 18.90
C ILE E 335 -10.48 2.21 19.52
N HIS E 336 -9.51 1.30 19.43
CA HIS E 336 -8.20 1.55 20.01
C HIS E 336 -7.14 0.75 19.27
N PRO E 337 -5.97 1.34 19.00
CA PRO E 337 -4.89 0.58 18.34
C PRO E 337 -4.27 -0.50 19.21
N VAL E 338 -4.45 -0.44 20.53
CA VAL E 338 -3.85 -1.41 21.44
C VAL E 338 -4.89 -2.48 21.76
N THR E 339 -4.55 -3.74 21.49
CA THR E 339 -5.49 -4.84 21.66
C THR E 339 -4.77 -6.02 22.29
N ILE E 340 -5.55 -6.87 22.96
CA ILE E 340 -5.07 -8.14 23.51
C ILE E 340 -6.07 -9.23 23.12
N GLY E 341 -5.59 -10.30 22.52
CA GLY E 341 -6.44 -11.39 22.08
C GLY E 341 -6.44 -11.57 20.58
N GLU E 342 -7.57 -12.00 20.02
CA GLU E 342 -7.75 -12.12 18.58
C GLU E 342 -8.72 -11.01 18.16
N CYS E 343 -8.19 -9.98 17.53
CA CYS E 343 -8.90 -8.74 17.29
C CYS E 343 -8.85 -8.36 15.83
N PRO E 344 -9.82 -7.57 15.36
CA PRO E 344 -9.79 -7.06 13.98
C PRO E 344 -8.71 -5.98 13.83
N LYS E 345 -8.63 -5.44 12.61
CA LYS E 345 -7.61 -4.47 12.27
C LYS E 345 -8.10 -3.05 12.56
N TYR E 346 -7.18 -2.22 13.04
CA TYR E 346 -7.51 -0.85 13.42
C TYR E 346 -7.31 0.10 12.24
N VAL E 347 -8.34 0.91 11.97
CA VAL E 347 -8.29 1.96 10.96
C VAL E 347 -8.89 3.22 11.56
N LYS E 348 -8.51 4.37 11.01
CA LYS E 348 -9.02 5.65 11.45
C LYS E 348 -10.27 6.09 10.69
N SER E 349 -10.93 5.16 10.00
CA SER E 349 -12.12 5.50 9.23
C SER E 349 -13.33 5.66 10.15
N ALA E 350 -14.35 6.34 9.61
CA ALA E 350 -15.62 6.49 10.31
C ALA E 350 -16.77 5.78 9.63
N LYS E 351 -16.60 5.33 8.38
CA LYS E 351 -17.65 4.64 7.66
C LYS E 351 -17.02 3.76 6.59
N LEU E 352 -17.35 2.46 6.61
CA LEU E 352 -16.88 1.50 5.61
C LEU E 352 -18.04 0.54 5.32
N ARG E 353 -18.84 0.90 4.33
CA ARG E 353 -20.01 0.11 3.95
C ARG E 353 -19.83 -0.40 2.53
N MET E 354 -20.00 -1.70 2.35
CA MET E 354 -19.85 -2.36 1.06
C MET E 354 -21.23 -2.63 0.48
N VAL E 355 -21.34 -2.50 -0.83
CA VAL E 355 -22.62 -2.66 -1.51
C VAL E 355 -22.72 -4.07 -2.10
N THR E 356 -23.91 -4.65 -2.03
CA THR E 356 -24.19 -5.94 -2.63
C THR E 356 -25.41 -5.94 -3.55
N GLY E 357 -26.27 -4.93 -3.48
CA GLY E 357 -27.42 -4.82 -4.33
C GLY E 357 -27.26 -3.73 -5.38
N LEU E 358 -28.37 -3.40 -6.04
CA LEU E 358 -28.36 -2.44 -7.11
C LEU E 358 -28.89 -1.08 -6.63
N ARG E 359 -28.88 -0.12 -7.54
CA ARG E 359 -29.39 1.21 -7.22
C ARG E 359 -30.87 1.16 -6.92
N ASN E 360 -31.29 1.87 -5.87
CA ASN E 360 -32.66 1.83 -5.38
C ASN E 360 -33.44 2.99 -5.98
N ILE E 361 -34.34 2.69 -6.91
CA ILE E 361 -35.17 3.71 -7.54
C ILE E 361 -36.63 3.26 -7.42
N PRO E 362 -37.25 3.41 -6.26
CA PRO E 362 -38.64 2.95 -6.11
C PRO E 362 -39.65 3.89 -6.73
N SER E 363 -40.93 3.61 -6.53
CA SER E 363 -42.06 4.45 -6.93
C SER E 363 -42.24 4.49 -8.45
N ILE E 364 -41.33 3.85 -9.19
CA ILE E 364 -41.45 3.78 -10.64
C ILE E 364 -41.40 2.32 -11.07
N GLY F 1 -25.23 4.71 -15.49
CA GLY F 1 -24.28 3.62 -15.57
C GLY F 1 -23.56 3.56 -16.91
N LEU F 2 -22.57 2.68 -17.00
CA LEU F 2 -21.79 2.56 -18.23
C LEU F 2 -22.57 1.88 -19.35
N PHE F 3 -23.67 1.20 -19.04
CA PHE F 3 -24.40 0.42 -20.03
C PHE F 3 -25.79 0.96 -20.33
N GLY F 4 -26.26 1.94 -19.56
CA GLY F 4 -27.44 2.71 -19.92
C GLY F 4 -28.77 2.03 -19.75
N ALA F 5 -28.87 0.98 -18.92
CA ALA F 5 -30.12 0.28 -18.71
C ALA F 5 -30.82 0.66 -17.40
N ILE F 6 -30.10 0.65 -16.28
CA ILE F 6 -30.66 1.03 -14.99
C ILE F 6 -30.64 2.54 -14.90
N ALA F 7 -31.80 3.14 -14.62
CA ALA F 7 -32.00 4.59 -14.66
C ALA F 7 -31.67 5.16 -16.03
N GLY F 8 -31.84 4.35 -17.07
CA GLY F 8 -31.63 4.75 -18.44
C GLY F 8 -32.90 4.61 -19.24
N PHE F 9 -32.92 3.71 -20.23
CA PHE F 9 -34.14 3.44 -20.97
C PHE F 9 -35.13 2.60 -20.19
N ILE F 10 -34.73 2.05 -19.05
CA ILE F 10 -35.64 1.49 -18.05
C ILE F 10 -35.44 2.33 -16.79
N GLU F 11 -36.39 3.21 -16.50
CA GLU F 11 -36.17 4.32 -15.57
C GLU F 11 -36.59 4.03 -14.13
N GLY F 12 -37.17 2.87 -13.83
CA GLY F 12 -37.61 2.62 -12.47
C GLY F 12 -37.63 1.15 -12.12
N GLY F 13 -37.58 0.89 -10.81
CA GLY F 13 -37.63 -0.46 -10.29
C GLY F 13 -39.04 -0.89 -9.90
N TRP F 14 -39.15 -2.16 -9.56
CA TRP F 14 -40.42 -2.79 -9.21
C TRP F 14 -40.39 -3.19 -7.74
N THR F 15 -41.32 -2.65 -6.94
CA THR F 15 -41.45 -3.09 -5.57
C THR F 15 -42.34 -4.32 -5.43
N GLY F 16 -43.04 -4.71 -6.50
CA GLY F 16 -43.85 -5.90 -6.52
C GLY F 16 -43.12 -7.17 -6.87
N MET F 17 -41.85 -7.08 -7.24
CA MET F 17 -41.02 -8.24 -7.55
C MET F 17 -40.09 -8.45 -6.36
N ILE F 18 -40.35 -9.49 -5.59
CA ILE F 18 -39.75 -9.64 -4.27
C ILE F 18 -38.74 -10.79 -4.19
N ASP F 19 -38.74 -11.72 -5.14
CA ASP F 19 -37.94 -12.93 -5.04
C ASP F 19 -36.67 -12.91 -5.87
N GLY F 20 -36.36 -11.81 -6.54
CA GLY F 20 -35.18 -11.77 -7.39
C GLY F 20 -34.70 -10.36 -7.62
N TRP F 21 -33.59 -10.26 -8.34
CA TRP F 21 -33.00 -8.97 -8.70
C TRP F 21 -33.49 -8.48 -10.06
N TYR F 22 -33.65 -9.38 -11.02
CA TYR F 22 -34.13 -9.06 -12.36
C TYR F 22 -35.27 -9.99 -12.73
N GLY F 23 -36.18 -9.53 -13.56
CA GLY F 23 -37.30 -10.36 -13.93
C GLY F 23 -38.21 -9.75 -14.97
N TYR F 24 -39.38 -10.38 -15.12
CA TYR F 24 -40.35 -10.06 -16.14
C TYR F 24 -41.68 -9.67 -15.51
N HIS F 25 -42.46 -8.89 -16.26
CA HIS F 25 -43.86 -8.62 -15.93
C HIS F 25 -44.68 -8.86 -17.18
N HIS F 26 -45.67 -9.74 -17.08
CA HIS F 26 -46.42 -10.13 -18.27
C HIS F 26 -47.88 -9.71 -18.15
N GLN F 27 -48.57 -9.69 -19.29
CA GLN F 27 -49.96 -9.28 -19.33
C GLN F 27 -50.68 -9.88 -20.53
N ASN F 28 -51.67 -10.74 -20.27
CA ASN F 28 -52.52 -11.30 -21.32
C ASN F 28 -53.95 -11.44 -20.79
N GLU F 29 -54.78 -12.21 -21.50
CA GLU F 29 -56.18 -12.38 -21.12
C GLU F 29 -56.39 -13.10 -19.81
N GLN F 30 -55.53 -14.08 -19.48
CA GLN F 30 -55.66 -14.77 -18.20
C GLN F 30 -55.44 -13.81 -17.03
N GLY F 31 -54.39 -13.01 -17.10
CA GLY F 31 -54.11 -12.08 -16.03
C GLY F 31 -52.74 -11.45 -16.19
N SER F 32 -52.26 -10.86 -15.10
CA SER F 32 -50.97 -10.19 -15.05
C SER F 32 -50.08 -10.87 -14.02
N GLY F 33 -48.89 -10.35 -13.83
CA GLY F 33 -48.02 -10.85 -12.80
C GLY F 33 -46.55 -10.62 -13.09
N TYR F 34 -45.76 -10.55 -12.03
CA TYR F 34 -44.31 -10.50 -12.06
C TYR F 34 -43.73 -11.90 -11.89
N ALA F 35 -42.47 -12.05 -12.30
CA ALA F 35 -41.75 -13.31 -12.14
C ALA F 35 -40.25 -13.10 -12.27
N ALA F 36 -39.49 -13.57 -11.30
CA ALA F 36 -38.04 -13.36 -11.32
C ALA F 36 -37.37 -14.34 -12.28
N ASP F 37 -36.21 -13.93 -12.77
CA ASP F 37 -35.34 -14.79 -13.57
C ASP F 37 -34.28 -15.38 -12.65
N GLN F 38 -34.24 -16.71 -12.57
CA GLN F 38 -33.43 -17.39 -11.57
C GLN F 38 -31.97 -17.58 -11.96
N LYS F 39 -31.69 -17.80 -13.24
CA LYS F 39 -30.31 -18.04 -13.65
C LYS F 39 -29.46 -16.78 -13.49
N SER F 40 -29.97 -15.63 -13.93
CA SER F 40 -29.23 -14.39 -13.81
C SER F 40 -29.00 -14.03 -12.35
N THR F 41 -30.04 -14.17 -11.52
CA THR F 41 -29.92 -13.87 -10.10
C THR F 41 -28.93 -14.80 -9.42
N GLN F 42 -28.96 -16.09 -9.78
CA GLN F 42 -28.02 -17.04 -9.20
C GLN F 42 -26.58 -16.70 -9.56
N ASN F 43 -26.32 -16.37 -10.83
CA ASN F 43 -24.96 -16.00 -11.23
C ASN F 43 -24.49 -14.74 -10.53
N ALA F 44 -25.37 -13.73 -10.42
CA ALA F 44 -25.00 -12.50 -9.74
C ALA F 44 -24.71 -12.74 -8.27
N ILE F 45 -25.51 -13.59 -7.62
CA ILE F 45 -25.29 -13.90 -6.20
C ILE F 45 -23.95 -14.61 -6.02
N ASN F 46 -23.64 -15.57 -6.89
CA ASN F 46 -22.35 -16.24 -6.83
C ASN F 46 -21.20 -15.24 -6.92
N GLY F 47 -21.26 -14.35 -7.92
CA GLY F 47 -20.19 -13.37 -8.10
C GLY F 47 -20.04 -12.45 -6.90
N ILE F 48 -21.16 -11.94 -6.38
CA ILE F 48 -21.10 -10.98 -5.28
C ILE F 48 -20.55 -11.65 -4.02
N THR F 49 -21.00 -12.86 -3.71
CA THR F 49 -20.48 -13.56 -2.54
C THR F 49 -18.99 -13.87 -2.69
N ASN F 50 -18.56 -14.24 -3.90
CA ASN F 50 -17.13 -14.43 -4.14
C ASN F 50 -16.34 -13.16 -3.85
N LYS F 51 -16.84 -12.02 -4.32
CA LYS F 51 -16.15 -10.76 -4.09
C LYS F 51 -16.05 -10.43 -2.60
N VAL F 52 -17.15 -10.60 -1.87
CA VAL F 52 -17.13 -10.29 -0.44
C VAL F 52 -16.19 -11.22 0.31
N ASN F 53 -16.21 -12.52 -0.03
CA ASN F 53 -15.30 -13.47 0.63
C ASN F 53 -13.85 -13.15 0.33
N SER F 54 -13.52 -12.75 -0.90
CA SER F 54 -12.15 -12.38 -1.21
C SER F 54 -11.71 -11.16 -0.42
N VAL F 55 -12.58 -10.15 -0.31
CA VAL F 55 -12.24 -8.96 0.45
C VAL F 55 -11.99 -9.32 1.91
N ILE F 56 -12.84 -10.19 2.48
CA ILE F 56 -12.63 -10.64 3.85
C ILE F 56 -11.32 -11.38 4.01
N GLU F 57 -11.01 -12.27 3.05
CA GLU F 57 -9.82 -13.11 3.15
C GLU F 57 -8.51 -12.34 3.01
N LYS F 58 -8.48 -11.26 2.23
CA LYS F 58 -7.22 -10.55 2.04
C LYS F 58 -6.76 -9.77 3.27
N MET F 59 -7.60 -9.63 4.28
CA MET F 59 -7.21 -8.96 5.53
C MET F 59 -7.10 -10.01 6.63
N ASN F 60 -5.93 -10.08 7.26
CA ASN F 60 -5.65 -11.08 8.28
C ASN F 60 -5.92 -10.54 9.67
N THR F 61 -6.11 -11.46 10.61
CA THR F 61 -6.45 -11.08 11.98
C THR F 61 -5.25 -10.45 12.68
N GLN F 62 -5.53 -9.47 13.55
CA GLN F 62 -4.50 -8.74 14.27
C GLN F 62 -4.29 -9.38 15.64
N PHE F 63 -3.04 -9.69 15.97
CA PHE F 63 -2.70 -10.30 17.23
C PHE F 63 -2.23 -9.25 18.23
N THR F 64 -1.82 -9.73 19.41
CA THR F 64 -1.47 -8.85 20.53
C THR F 64 -0.38 -7.86 20.14
N ALA F 65 -0.61 -6.59 20.49
CA ALA F 65 0.36 -5.53 20.19
C ALA F 65 0.15 -4.41 21.21
N VAL F 66 1.09 -4.28 22.14
CA VAL F 66 1.03 -3.28 23.20
C VAL F 66 2.27 -2.41 23.10
N GLY F 67 2.25 -1.28 23.82
CA GLY F 67 3.32 -0.30 23.73
C GLY F 67 4.51 -0.62 24.62
N LYS F 68 5.56 0.19 24.45
CA LYS F 68 6.81 0.08 25.18
C LYS F 68 7.03 1.31 26.05
N GLU F 69 8.14 1.31 26.77
CA GLU F 69 8.47 2.41 27.66
C GLU F 69 9.94 2.79 27.50
N PHE F 70 10.21 4.09 27.62
CA PHE F 70 11.55 4.65 27.49
C PHE F 70 11.74 5.71 28.58
N ASN F 71 13.00 6.01 28.89
CA ASN F 71 13.32 7.00 29.90
C ASN F 71 13.68 8.33 29.25
N ASN F 72 14.15 9.27 30.08
CA ASN F 72 14.38 10.64 29.61
C ASN F 72 15.58 10.76 28.68
N LEU F 73 16.42 9.73 28.58
CA LEU F 73 17.60 9.77 27.72
C LEU F 73 17.46 8.84 26.52
N GLU F 74 16.23 8.52 26.11
CA GLU F 74 15.98 7.65 24.97
C GLU F 74 14.88 8.23 24.09
N LYS F 75 14.99 9.52 23.76
CA LYS F 75 13.98 10.18 22.95
C LYS F 75 14.01 9.76 21.48
N ARG F 76 15.18 9.45 20.94
CA ARG F 76 15.28 9.10 19.52
C ARG F 76 14.57 7.78 19.22
N MET F 77 14.78 6.76 20.05
CA MET F 77 14.11 5.48 19.85
C MET F 77 12.60 5.58 20.07
N GLU F 78 12.18 6.39 21.04
CA GLU F 78 10.75 6.61 21.25
C GLU F 78 10.11 7.27 20.03
N ASN F 79 10.79 8.27 19.46
CA ASN F 79 10.29 8.91 18.26
C ASN F 79 10.25 7.95 17.08
N LEU F 80 11.25 7.09 16.94
CA LEU F 80 11.24 6.09 15.88
C LEU F 80 10.07 5.12 16.03
N ASN F 81 9.80 4.70 17.27
CA ASN F 81 8.66 3.82 17.53
C ASN F 81 7.34 4.48 17.14
N LYS F 82 7.17 5.76 17.53
CA LYS F 82 5.96 6.49 17.13
C LYS F 82 5.83 6.60 15.62
N LYS F 83 6.95 6.89 14.96
CA LYS F 83 6.97 6.98 13.50
C LYS F 83 6.48 5.70 12.85
N VAL F 84 7.01 4.56 13.31
CA VAL F 84 6.62 3.28 12.72
C VAL F 84 5.13 3.02 12.92
N ASP F 85 4.63 3.24 14.14
CA ASP F 85 3.21 2.99 14.41
C ASP F 85 2.31 3.85 13.53
N ASP F 86 2.60 5.15 13.48
CA ASP F 86 1.76 6.06 12.70
C ASP F 86 1.81 5.72 11.22
N GLY F 87 2.98 5.40 10.70
CA GLY F 87 3.08 5.08 9.28
C GLY F 87 2.28 3.86 8.90
N PHE F 88 2.37 2.79 9.71
CA PHE F 88 1.59 1.59 9.38
C PHE F 88 0.10 1.85 9.48
N LEU F 89 -0.34 2.60 10.50
CA LEU F 89 -1.76 2.92 10.60
C LEU F 89 -2.26 3.69 9.38
N ASP F 90 -1.49 4.70 8.94
CA ASP F 90 -1.90 5.48 7.78
C ASP F 90 -1.99 4.62 6.53
N ILE F 91 -1.00 3.75 6.32
CA ILE F 91 -1.00 2.91 5.12
C ILE F 91 -2.23 2.01 5.09
N TRP F 92 -2.54 1.37 6.21
CA TRP F 92 -3.68 0.44 6.19
C TRP F 92 -5.02 1.17 6.08
N THR F 93 -5.14 2.36 6.68
CA THR F 93 -6.36 3.14 6.50
C THR F 93 -6.57 3.50 5.03
N TYR F 94 -5.51 3.95 4.35
CA TYR F 94 -5.60 4.27 2.94
C TYR F 94 -6.02 3.05 2.13
N ASN F 95 -5.40 1.90 2.41
CA ASN F 95 -5.72 0.68 1.68
C ASN F 95 -7.19 0.32 1.79
N ALA F 96 -7.71 0.31 3.03
CA ALA F 96 -9.10 -0.10 3.23
C ALA F 96 -10.07 0.85 2.54
N GLU F 97 -9.87 2.16 2.72
CA GLU F 97 -10.80 3.11 2.12
C GLU F 97 -10.79 3.03 0.59
N LEU F 98 -9.60 2.94 0.00
CA LEU F 98 -9.52 2.85 -1.45
C LEU F 98 -10.17 1.58 -1.97
N LEU F 99 -9.96 0.45 -1.30
CA LEU F 99 -10.57 -0.80 -1.75
C LEU F 99 -12.08 -0.71 -1.75
N VAL F 100 -12.68 -0.20 -0.68
CA VAL F 100 -14.14 -0.11 -0.65
C VAL F 100 -14.65 0.83 -1.74
N LEU F 101 -14.01 2.01 -1.88
CA LEU F 101 -14.46 2.99 -2.85
C LEU F 101 -14.40 2.45 -4.27
N LEU F 102 -13.34 1.69 -4.60
CA LEU F 102 -13.21 1.17 -5.95
C LEU F 102 -14.11 -0.02 -6.21
N GLU F 103 -14.40 -0.85 -5.20
CA GLU F 103 -15.25 -2.01 -5.44
C GLU F 103 -16.72 -1.62 -5.59
N ASN F 104 -17.16 -0.55 -4.92
CA ASN F 104 -18.58 -0.18 -5.02
C ASN F 104 -19.00 0.14 -6.46
N GLU F 105 -18.15 0.85 -7.20
CA GLU F 105 -18.48 1.25 -8.57
C GLU F 105 -18.60 0.05 -9.50
N ARG F 106 -17.66 -0.89 -9.39
CA ARG F 106 -17.73 -2.10 -10.20
C ARG F 106 -18.99 -2.90 -9.87
N THR F 107 -19.33 -2.99 -8.58
CA THR F 107 -20.55 -3.70 -8.22
C THR F 107 -21.78 -3.04 -8.84
N LEU F 108 -21.83 -1.70 -8.85
CA LEU F 108 -22.96 -1.03 -9.47
C LEU F 108 -23.01 -1.21 -10.98
N ASP F 109 -21.87 -1.32 -11.66
CA ASP F 109 -21.89 -1.57 -13.10
C ASP F 109 -22.27 -3.01 -13.46
N PHE F 110 -21.99 -3.95 -12.56
CA PHE F 110 -22.31 -5.36 -12.80
C PHE F 110 -23.80 -5.57 -13.05
N HIS F 111 -24.65 -4.97 -12.21
CA HIS F 111 -26.09 -5.16 -12.34
C HIS F 111 -26.64 -4.53 -13.60
N ASP F 112 -26.11 -3.37 -13.97
CA ASP F 112 -26.49 -2.72 -15.23
C ASP F 112 -26.19 -3.62 -16.42
N SER F 113 -25.00 -4.22 -16.42
CA SER F 113 -24.65 -5.15 -17.49
C SER F 113 -25.61 -6.33 -17.54
N ASN F 114 -25.95 -6.89 -16.37
CA ASN F 114 -26.86 -8.03 -16.35
C ASN F 114 -28.25 -7.69 -16.89
N VAL F 115 -28.79 -6.53 -16.53
CA VAL F 115 -30.09 -6.12 -17.04
C VAL F 115 -30.04 -5.94 -18.55
N LYS F 116 -28.98 -5.32 -19.06
CA LYS F 116 -28.85 -5.14 -20.51
C LYS F 116 -28.79 -6.47 -21.23
N ASN F 117 -28.03 -7.44 -20.68
CA ASN F 117 -27.94 -8.76 -21.30
C ASN F 117 -29.30 -9.45 -21.36
N LEU F 118 -30.08 -9.36 -20.28
CA LEU F 118 -31.42 -9.97 -20.30
C LEU F 118 -32.30 -9.32 -21.37
N TYR F 119 -32.27 -7.99 -21.46
CA TYR F 119 -33.08 -7.31 -22.48
C TYR F 119 -32.70 -7.74 -23.88
N GLU F 120 -31.39 -7.83 -24.17
CA GLU F 120 -30.96 -8.24 -25.51
C GLU F 120 -31.34 -9.69 -25.78
N LYS F 121 -31.25 -10.56 -24.78
CA LYS F 121 -31.63 -11.95 -24.96
C LYS F 121 -33.09 -12.07 -25.38
N VAL F 122 -33.98 -11.30 -24.76
CA VAL F 122 -35.38 -11.35 -25.16
C VAL F 122 -35.58 -10.74 -26.55
N LYS F 123 -34.89 -9.62 -26.82
CA LYS F 123 -35.09 -8.92 -28.08
C LYS F 123 -34.68 -9.77 -29.28
N ILE F 124 -33.57 -10.50 -29.19
CA ILE F 124 -33.19 -11.35 -30.32
C ILE F 124 -34.15 -12.51 -30.50
N GLN F 125 -34.81 -12.96 -29.42
CA GLN F 125 -35.80 -14.03 -29.58
C GLN F 125 -37.04 -13.53 -30.31
N LEU F 126 -37.59 -12.38 -29.91
CA LEU F 126 -38.84 -11.94 -30.52
C LEU F 126 -38.63 -11.41 -31.93
N LYS F 127 -37.51 -10.74 -32.18
CA LYS F 127 -37.10 -10.15 -33.47
C LYS F 127 -38.24 -9.53 -34.28
N ASN F 128 -39.20 -10.32 -34.75
CA ASN F 128 -40.16 -9.83 -35.73
C ASN F 128 -41.63 -9.93 -35.31
N ASN F 129 -41.98 -10.84 -34.40
CA ASN F 129 -43.37 -10.99 -33.96
C ASN F 129 -43.71 -10.10 -32.77
N ALA F 130 -42.96 -9.02 -32.57
CA ALA F 130 -43.22 -8.12 -31.46
C ALA F 130 -42.68 -6.74 -31.79
N LYS F 131 -43.33 -5.73 -31.25
CA LYS F 131 -42.94 -4.34 -31.43
C LYS F 131 -42.25 -3.84 -30.17
N GLU F 132 -41.10 -3.19 -30.36
CA GLU F 132 -40.36 -2.56 -29.26
C GLU F 132 -41.02 -1.23 -28.92
N ILE F 133 -41.40 -1.05 -27.66
CA ILE F 133 -42.10 0.16 -27.26
C ILE F 133 -41.14 1.23 -26.73
N GLY F 134 -40.15 0.85 -25.91
CA GLY F 134 -39.14 1.80 -25.50
C GLY F 134 -38.73 1.74 -24.04
N ASN F 135 -39.63 1.31 -23.16
CA ASN F 135 -39.36 1.24 -21.73
C ASN F 135 -38.96 -0.16 -21.29
N GLY F 136 -38.26 -0.91 -22.13
CA GLY F 136 -37.99 -2.31 -21.87
C GLY F 136 -39.18 -3.20 -22.14
N CYS F 137 -40.04 -2.83 -23.07
CA CYS F 137 -41.36 -3.41 -23.22
C CYS F 137 -41.55 -3.91 -24.65
N PHE F 138 -42.20 -5.07 -24.79
CA PHE F 138 -42.47 -5.68 -26.08
C PHE F 138 -43.96 -5.98 -26.19
N GLU F 139 -44.54 -5.64 -27.33
CA GLU F 139 -45.97 -5.87 -27.57
C GLU F 139 -46.12 -6.86 -28.72
N PHE F 140 -46.76 -8.00 -28.44
CA PHE F 140 -46.85 -9.06 -29.44
C PHE F 140 -47.83 -8.69 -30.56
N TYR F 141 -47.60 -9.29 -31.73
CA TYR F 141 -48.50 -9.14 -32.86
C TYR F 141 -49.60 -10.21 -32.89
N HIS F 142 -49.30 -11.41 -32.42
CA HIS F 142 -50.24 -12.50 -32.36
C HIS F 142 -50.75 -12.64 -30.93
N LYS F 143 -51.51 -13.71 -30.67
CA LYS F 143 -52.04 -13.99 -29.34
C LYS F 143 -51.07 -14.91 -28.61
N CYS F 144 -50.64 -14.50 -27.42
CA CYS F 144 -49.64 -15.21 -26.63
C CYS F 144 -50.27 -15.63 -25.32
N ASP F 145 -50.64 -16.91 -25.21
CA ASP F 145 -51.18 -17.45 -23.97
C ASP F 145 -50.04 -17.79 -23.00
N ASN F 146 -50.36 -18.48 -21.91
CA ASN F 146 -49.38 -18.80 -20.89
C ASN F 146 -48.28 -19.74 -21.36
N GLU F 147 -48.58 -20.65 -22.29
CA GLU F 147 -47.52 -21.50 -22.84
C GLU F 147 -46.51 -20.67 -23.62
N CYS F 148 -46.99 -19.72 -24.43
CA CYS F 148 -46.10 -18.84 -25.17
C CYS F 148 -45.26 -17.97 -24.22
N MET F 149 -45.89 -17.45 -23.15
CA MET F 149 -45.14 -16.66 -22.18
C MET F 149 -44.06 -17.49 -21.50
N GLU F 150 -44.42 -18.70 -21.06
CA GLU F 150 -43.45 -19.54 -20.36
C GLU F 150 -42.34 -20.02 -21.28
N SER F 151 -42.60 -20.15 -22.58
CA SER F 151 -41.54 -20.44 -23.53
C SER F 151 -40.67 -19.23 -23.83
N VAL F 152 -41.23 -18.02 -23.77
CA VAL F 152 -40.41 -16.82 -23.92
C VAL F 152 -39.48 -16.66 -22.73
N ARG F 153 -39.97 -16.93 -21.52
CA ARG F 153 -39.14 -16.81 -20.32
C ARG F 153 -38.32 -18.06 -20.07
N ASN F 154 -38.08 -18.85 -21.12
CA ASN F 154 -37.23 -20.02 -21.03
C ASN F 154 -36.13 -20.06 -22.08
N GLY F 155 -36.23 -19.28 -23.16
CA GLY F 155 -35.26 -19.30 -24.23
C GLY F 155 -35.62 -20.20 -25.39
N THR F 156 -36.77 -20.88 -25.33
CA THR F 156 -37.19 -21.82 -26.36
C THR F 156 -38.42 -21.34 -27.12
N TYR F 157 -38.56 -20.03 -27.29
CA TYR F 157 -39.67 -19.50 -28.06
C TYR F 157 -39.53 -19.90 -29.53
N ASP F 158 -40.61 -20.43 -30.09
CA ASP F 158 -40.60 -21.00 -31.44
C ASP F 158 -41.04 -19.93 -32.43
N TYR F 159 -40.08 -19.32 -33.11
CA TYR F 159 -40.37 -18.25 -34.07
C TYR F 159 -41.24 -18.70 -35.24
N PRO F 160 -40.93 -19.80 -35.96
CA PRO F 160 -41.70 -20.09 -37.18
C PRO F 160 -43.17 -20.37 -36.95
N LYS F 161 -43.54 -20.96 -35.81
CA LYS F 161 -44.94 -21.36 -35.60
C LYS F 161 -45.86 -20.15 -35.62
N TYR F 162 -45.44 -19.04 -35.01
CA TYR F 162 -46.20 -17.80 -34.98
C TYR F 162 -45.82 -16.87 -36.13
N SER F 163 -45.44 -17.42 -37.27
CA SER F 163 -44.98 -16.65 -38.44
C SER F 163 -43.72 -15.88 -38.12
N VAL G 21 14.62 0.39 -31.56
CA VAL G 21 14.98 -0.93 -31.05
C VAL G 21 16.37 -1.32 -31.55
N GLN G 22 17.22 -1.76 -30.63
CA GLN G 22 18.57 -2.22 -30.95
C GLN G 22 18.69 -3.70 -30.65
N LEU G 23 19.26 -4.44 -31.59
CA LEU G 23 19.47 -5.87 -31.46
C LEU G 23 20.96 -6.15 -31.36
N VAL G 24 21.37 -6.89 -30.34
CA VAL G 24 22.78 -7.19 -30.08
C VAL G 24 22.93 -8.70 -30.01
N GLU G 25 23.80 -9.26 -30.84
CA GLU G 25 24.08 -10.69 -30.80
C GLU G 25 25.19 -10.97 -29.79
N SER G 26 25.56 -12.24 -29.66
CA SER G 26 26.65 -12.64 -28.79
C SER G 26 27.97 -12.51 -29.52
N GLY G 27 29.05 -13.04 -28.95
CA GLY G 27 30.37 -12.93 -29.54
C GLY G 27 30.57 -13.90 -30.68
N ALA G 28 31.75 -13.80 -31.30
CA ALA G 28 32.13 -14.67 -32.40
C ALA G 28 32.67 -15.99 -31.87
N GLU G 29 32.38 -17.07 -32.58
CA GLU G 29 32.73 -18.42 -32.13
C GLU G 29 33.43 -19.19 -33.24
N VAL G 30 34.35 -20.05 -32.81
CA VAL G 30 35.06 -20.96 -33.71
C VAL G 30 35.00 -22.36 -33.11
N LYS G 31 34.53 -23.32 -33.91
CA LYS G 31 34.40 -24.71 -33.48
C LYS G 31 35.00 -25.62 -34.54
N LYS G 32 34.91 -26.91 -34.31
CA LYS G 32 35.36 -27.93 -35.23
C LYS G 32 34.21 -28.88 -35.57
N PRO G 33 34.24 -29.54 -36.74
CA PRO G 33 33.06 -30.25 -37.23
C PRO G 33 32.52 -31.32 -36.29
N GLY G 34 31.23 -31.60 -36.40
CA GLY G 34 30.57 -32.60 -35.59
C GLY G 34 29.93 -32.09 -34.32
N SER G 35 30.14 -30.82 -33.97
CA SER G 35 29.61 -30.27 -32.74
C SER G 35 28.39 -29.39 -33.03
N SER G 36 27.87 -28.77 -31.97
CA SER G 36 26.75 -27.86 -32.05
C SER G 36 27.15 -26.49 -31.51
N VAL G 37 26.33 -25.48 -31.78
CA VAL G 37 26.59 -24.12 -31.36
C VAL G 37 25.27 -23.47 -30.96
N LYS G 38 25.36 -22.47 -30.08
CA LYS G 38 24.18 -21.76 -29.60
C LYS G 38 24.47 -20.27 -29.59
N VAL G 39 23.78 -19.52 -30.43
CA VAL G 39 23.93 -18.09 -30.50
C VAL G 39 22.73 -17.44 -29.83
N SER G 40 22.87 -16.17 -29.45
CA SER G 40 21.84 -15.47 -28.70
C SER G 40 21.65 -14.07 -29.28
N CYS G 41 20.53 -13.46 -28.90
CA CYS G 41 20.13 -12.15 -29.40
C CYS G 41 19.38 -11.43 -28.29
N LYS G 42 19.75 -10.18 -28.05
CA LYS G 42 19.17 -9.36 -26.98
C LYS G 42 18.62 -8.08 -27.57
N ALA G 43 17.38 -7.76 -27.23
CA ALA G 43 16.70 -6.58 -27.75
C ALA G 43 16.46 -5.57 -26.63
N SER G 44 16.56 -4.30 -26.97
CA SER G 44 16.36 -3.22 -26.01
C SER G 44 14.87 -2.92 -25.83
N GLY G 45 14.55 -2.30 -24.71
CA GLY G 45 13.17 -1.99 -24.37
C GLY G 45 12.63 -2.94 -23.32
N GLY G 46 11.30 -2.98 -23.25
CA GLY G 46 10.63 -3.84 -22.31
C GLY G 46 10.89 -5.31 -22.60
N PRO G 47 10.85 -6.14 -21.56
CA PRO G 47 11.15 -7.58 -21.77
C PRO G 47 10.23 -8.25 -22.77
N PHE G 48 8.95 -7.87 -22.79
CA PHE G 48 7.97 -8.49 -23.67
C PHE G 48 7.79 -7.65 -24.92
N ARG G 49 7.77 -8.32 -26.07
CA ARG G 49 7.74 -7.66 -27.37
C ARG G 49 6.47 -8.05 -28.13
N SER G 50 6.09 -7.21 -29.08
CA SER G 50 4.90 -7.44 -29.90
C SER G 50 5.25 -7.72 -31.35
N TYR G 51 6.49 -8.12 -31.65
CA TYR G 51 6.92 -8.43 -32.99
C TYR G 51 7.62 -9.79 -33.00
N ALA G 52 7.62 -10.42 -34.17
CA ALA G 52 8.31 -11.69 -34.37
C ALA G 52 9.79 -11.44 -34.59
N ILE G 53 10.59 -12.49 -34.43
CA ILE G 53 12.05 -12.37 -34.55
C ILE G 53 12.57 -13.50 -35.42
N SER G 54 13.45 -13.18 -36.37
CA SER G 54 13.99 -14.16 -37.31
C SER G 54 15.52 -14.20 -37.24
N TRP G 55 16.07 -15.31 -37.74
CA TRP G 55 17.51 -15.50 -37.84
C TRP G 55 17.87 -15.69 -39.30
N VAL G 56 18.90 -14.97 -39.75
CA VAL G 56 19.30 -14.97 -41.16
C VAL G 56 20.77 -15.35 -41.27
N ARG G 57 21.09 -16.15 -42.28
CA ARG G 57 22.44 -16.63 -42.53
C ARG G 57 22.96 -16.08 -43.85
N GLN G 58 24.25 -15.72 -43.88
CA GLN G 58 24.86 -15.22 -45.11
C GLN G 58 26.29 -15.73 -45.21
N ALA G 59 26.53 -16.63 -46.16
CA ALA G 59 27.88 -17.10 -46.41
C ALA G 59 28.67 -16.05 -47.17
N PRO G 60 29.99 -16.01 -47.01
CA PRO G 60 30.81 -15.02 -47.72
C PRO G 60 30.73 -15.20 -49.23
N GLY G 61 30.21 -14.19 -49.92
CA GLY G 61 30.13 -14.20 -51.36
C GLY G 61 28.79 -14.57 -51.95
N GLN G 62 27.77 -14.81 -51.13
CA GLN G 62 26.45 -15.18 -51.62
C GLN G 62 25.40 -14.35 -50.91
N GLY G 63 24.15 -14.51 -51.35
CA GLY G 63 23.04 -13.79 -50.78
C GLY G 63 22.60 -14.38 -49.46
N PRO G 64 21.73 -13.65 -48.73
CA PRO G 64 21.30 -14.13 -47.41
C PRO G 64 20.45 -15.38 -47.49
N GLU G 65 20.19 -15.99 -46.32
CA GLU G 65 19.39 -17.21 -46.25
C GLU G 65 18.55 -17.15 -44.98
N TRP G 66 17.23 -17.25 -45.14
CA TRP G 66 16.34 -17.27 -43.98
C TRP G 66 16.38 -18.65 -43.33
N MET G 67 16.61 -18.67 -42.02
CA MET G 67 16.70 -19.91 -41.26
C MET G 67 15.39 -20.23 -40.53
N GLY G 68 14.91 -19.32 -39.70
CA GLY G 68 13.67 -19.56 -38.98
C GLY G 68 13.34 -18.39 -38.08
N GLY G 69 12.10 -18.41 -37.59
CA GLY G 69 11.59 -17.32 -36.78
C GLY G 69 10.63 -17.78 -35.71
N ILE G 70 10.37 -16.87 -34.77
CA ILE G 70 9.52 -17.15 -33.62
C ILE G 70 8.55 -15.99 -33.42
N ILE G 71 7.39 -16.33 -32.86
CA ILE G 71 6.21 -15.46 -32.71
C ILE G 71 6.04 -15.07 -31.25
N PRO G 72 5.64 -13.83 -30.94
CA PRO G 72 5.75 -13.34 -29.55
C PRO G 72 4.92 -14.09 -28.52
N ILE G 73 3.61 -14.19 -28.66
CA ILE G 73 2.78 -14.68 -27.56
C ILE G 73 2.35 -16.12 -27.79
N PHE G 74 1.97 -16.45 -29.03
CA PHE G 74 1.52 -17.81 -29.31
C PHE G 74 2.65 -18.81 -29.23
N GLY G 75 3.90 -18.37 -29.38
CA GLY G 75 5.05 -19.25 -29.23
C GLY G 75 5.37 -20.12 -30.41
N THR G 76 4.69 -19.95 -31.54
CA THR G 76 4.92 -20.78 -32.71
C THR G 76 6.29 -20.49 -33.32
N THR G 77 6.96 -21.53 -33.78
CA THR G 77 8.25 -21.43 -34.44
C THR G 77 8.15 -21.98 -35.86
N LYS G 78 8.86 -21.34 -36.78
CA LYS G 78 8.90 -21.77 -38.17
C LYS G 78 10.34 -21.90 -38.63
N TYR G 79 10.63 -22.93 -39.42
CA TYR G 79 11.96 -23.18 -39.94
C TYR G 79 11.88 -23.40 -41.45
N ALA G 80 13.01 -23.18 -42.11
CA ALA G 80 13.13 -23.48 -43.53
C ALA G 80 13.21 -24.99 -43.75
N PRO G 81 12.73 -25.48 -44.89
CA PRO G 81 12.80 -26.93 -45.14
C PRO G 81 14.20 -27.49 -45.15
N LYS G 82 15.20 -26.70 -45.54
CA LYS G 82 16.59 -27.15 -45.48
C LYS G 82 17.05 -27.36 -44.04
N PHE G 83 16.83 -26.35 -43.19
CA PHE G 83 17.22 -26.42 -41.78
C PHE G 83 16.08 -26.91 -40.89
N GLN G 84 15.51 -28.09 -41.17
CA GLN G 84 14.36 -28.54 -40.42
C GLN G 84 14.71 -29.46 -39.26
N GLY G 85 15.78 -30.23 -39.37
CA GLY G 85 16.13 -31.18 -38.32
C GLY G 85 17.26 -30.73 -37.41
N ARG G 86 17.87 -29.59 -37.70
CA ARG G 86 19.06 -29.15 -36.98
C ARG G 86 18.80 -27.94 -36.09
N VAL G 87 18.04 -26.95 -36.57
CA VAL G 87 17.91 -25.69 -35.85
C VAL G 87 16.82 -25.80 -34.79
N THR G 88 17.05 -25.11 -33.67
CA THR G 88 16.05 -25.00 -32.61
C THR G 88 16.08 -23.57 -32.07
N ILE G 89 14.93 -22.90 -32.10
CA ILE G 89 14.82 -21.51 -31.69
C ILE G 89 13.95 -21.42 -30.45
N THR G 90 14.43 -20.68 -29.44
CA THR G 90 13.72 -20.54 -28.18
C THR G 90 13.79 -19.09 -27.72
N ALA G 91 12.95 -18.76 -26.73
CA ALA G 91 12.88 -17.41 -26.19
C ALA G 91 12.89 -17.47 -24.66
N ASP G 92 13.14 -16.31 -24.04
CA ASP G 92 13.17 -16.20 -22.59
C ASP G 92 12.13 -15.24 -22.02
N ASP G 93 11.64 -14.29 -22.82
CA ASP G 93 10.55 -13.40 -22.43
C ASP G 93 10.93 -12.46 -21.29
N PHE G 94 11.08 -13.01 -20.08
CA PHE G 94 11.41 -12.17 -18.92
C PHE G 94 12.83 -11.62 -19.00
N ALA G 95 13.73 -12.31 -19.69
CA ALA G 95 15.09 -11.81 -19.90
C ALA G 95 15.18 -10.92 -21.13
N GLY G 96 14.33 -11.16 -22.13
CA GLY G 96 14.36 -10.41 -23.36
C GLY G 96 15.26 -10.96 -24.44
N THR G 97 15.67 -12.22 -24.34
CA THR G 97 16.65 -12.80 -25.25
C THR G 97 16.01 -13.92 -26.08
N VAL G 98 16.65 -14.19 -27.22
CA VAL G 98 16.26 -15.26 -28.13
C VAL G 98 17.49 -16.10 -28.42
N TYR G 99 17.32 -17.42 -28.41
CA TYR G 99 18.42 -18.36 -28.60
C TYR G 99 18.20 -19.20 -29.85
N MET G 100 19.28 -19.44 -30.59
CA MET G 100 19.26 -20.35 -31.74
C MET G 100 20.35 -21.39 -31.55
N GLU G 101 19.99 -22.67 -31.68
CA GLU G 101 20.92 -23.78 -31.56
C GLU G 101 20.99 -24.52 -32.88
N LEU G 102 22.21 -24.71 -33.38
CA LEU G 102 22.46 -25.44 -34.62
C LEU G 102 23.33 -26.66 -34.29
N SER G 103 22.88 -27.84 -34.71
CA SER G 103 23.51 -29.10 -34.35
C SER G 103 24.14 -29.76 -35.56
N SER G 104 25.11 -30.64 -35.29
CA SER G 104 25.82 -31.42 -36.31
C SER G 104 26.45 -30.50 -37.36
N LEU G 105 27.39 -29.68 -36.88
CA LEU G 105 28.04 -28.69 -37.74
C LEU G 105 28.84 -29.38 -38.84
N ARG G 106 28.61 -28.94 -40.08
CA ARG G 106 29.43 -29.32 -41.21
C ARG G 106 30.47 -28.22 -41.44
N SER G 107 31.25 -28.36 -42.51
CA SER G 107 32.22 -27.34 -42.87
C SER G 107 31.60 -26.21 -43.67
N GLU G 108 30.30 -26.29 -43.98
CA GLU G 108 29.61 -25.24 -44.71
C GLU G 108 28.78 -24.35 -43.81
N ASP G 109 28.67 -24.66 -42.52
CA ASP G 109 28.00 -23.78 -41.56
C ASP G 109 28.98 -22.75 -41.01
N THR G 110 29.64 -22.05 -41.93
CA THR G 110 30.60 -20.99 -41.61
C THR G 110 30.17 -19.74 -42.37
N ALA G 111 29.45 -18.86 -41.68
CA ALA G 111 28.83 -17.70 -42.33
C ALA G 111 28.63 -16.62 -41.26
N MET G 112 27.91 -15.57 -41.64
CA MET G 112 27.52 -14.52 -40.71
C MET G 112 26.04 -14.68 -40.37
N TYR G 113 25.72 -14.52 -39.08
CA TYR G 113 24.39 -14.76 -38.56
C TYR G 113 23.81 -13.45 -38.04
N TYR G 114 22.61 -13.11 -38.50
CA TYR G 114 21.93 -11.87 -38.15
C TYR G 114 20.62 -12.15 -37.45
N CYS G 115 20.26 -11.24 -36.55
CA CYS G 115 19.00 -11.23 -35.82
C CYS G 115 18.13 -10.12 -36.39
N ALA G 116 16.89 -10.44 -36.75
CA ALA G 116 16.07 -9.50 -37.51
C ALA G 116 14.70 -9.32 -36.89
N LYS G 117 14.30 -8.05 -36.74
CA LYS G 117 12.95 -7.66 -36.36
C LYS G 117 11.98 -7.94 -37.52
N HIS G 118 10.69 -7.77 -37.27
CA HIS G 118 9.72 -8.20 -38.27
C HIS G 118 8.59 -7.22 -38.55
N MET G 119 8.36 -6.26 -37.65
CA MET G 119 7.32 -5.23 -37.70
C MET G 119 6.07 -5.67 -36.95
N GLY G 120 5.41 -6.72 -37.43
CA GLY G 120 4.25 -7.27 -36.78
C GLY G 120 4.54 -8.55 -36.03
N TYR G 121 3.47 -9.17 -35.53
CA TYR G 121 3.60 -10.39 -34.75
C TYR G 121 3.72 -11.65 -35.59
N GLN G 122 3.67 -11.53 -36.91
CA GLN G 122 3.76 -12.67 -37.81
C GLN G 122 5.08 -12.66 -38.55
N VAL G 123 5.53 -13.84 -38.96
CA VAL G 123 6.82 -13.98 -39.63
C VAL G 123 6.54 -13.79 -41.13
N ARG G 124 6.52 -12.52 -41.54
CA ARG G 124 6.34 -12.17 -42.94
C ARG G 124 7.69 -11.98 -43.62
N GLU G 125 7.68 -11.38 -44.81
CA GLU G 125 8.90 -11.19 -45.60
C GLU G 125 9.57 -9.84 -45.37
N THR G 126 9.03 -9.00 -44.49
CA THR G 126 9.53 -7.65 -44.28
C THR G 126 10.24 -7.56 -42.94
N MET G 127 11.57 -7.52 -42.96
CA MET G 127 12.38 -7.33 -41.77
C MET G 127 12.99 -5.93 -41.83
N ASP G 128 12.60 -5.07 -40.88
CA ASP G 128 12.95 -3.66 -40.93
C ASP G 128 14.13 -3.28 -40.06
N VAL G 129 14.51 -4.09 -39.07
CA VAL G 129 15.63 -3.80 -38.19
C VAL G 129 16.51 -5.04 -38.12
N TRP G 130 17.82 -4.85 -38.35
CA TRP G 130 18.79 -5.93 -38.30
C TRP G 130 19.79 -5.66 -37.18
N GLY G 131 20.52 -6.70 -36.80
CA GLY G 131 21.53 -6.56 -35.79
C GLY G 131 22.85 -6.04 -36.35
N LYS G 132 23.95 -6.66 -35.97
CA LYS G 132 25.25 -6.30 -36.51
C LYS G 132 26.03 -7.46 -37.11
N GLY G 133 25.84 -8.69 -36.64
CA GLY G 133 26.50 -9.85 -37.19
C GLY G 133 27.27 -10.61 -36.14
N THR G 134 27.54 -11.87 -36.45
CA THR G 134 28.33 -12.74 -35.59
C THR G 134 28.87 -13.90 -36.41
N THR G 135 30.19 -14.05 -36.45
CA THR G 135 30.82 -15.05 -37.30
C THR G 135 31.01 -16.35 -36.53
N VAL G 136 30.57 -17.45 -37.15
CA VAL G 136 30.77 -18.79 -36.60
C VAL G 136 31.63 -19.55 -37.60
N THR G 137 32.85 -19.88 -37.20
CA THR G 137 33.78 -20.60 -38.06
C THR G 137 33.82 -22.06 -37.67
N VAL G 138 34.00 -22.94 -38.65
CA VAL G 138 34.04 -24.38 -38.44
C VAL G 138 35.38 -24.89 -38.94
N SER G 139 36.24 -25.33 -38.02
CA SER G 139 37.53 -25.92 -38.36
C SER G 139 38.17 -26.56 -37.13
N VAL H 21 -23.14 26.34 -0.70
CA VAL H 21 -21.76 26.69 -0.40
C VAL H 21 -21.69 28.12 0.13
N GLN H 22 -20.53 28.48 0.68
CA GLN H 22 -20.28 29.82 1.19
C GLN H 22 -19.20 30.50 0.37
N LEU H 23 -19.44 31.76 -0.01
CA LEU H 23 -18.48 32.56 -0.76
C LEU H 23 -18.00 33.70 0.12
N VAL H 24 -16.68 33.85 0.24
CA VAL H 24 -16.08 34.87 1.10
C VAL H 24 -15.11 35.68 0.25
N GLU H 25 -15.32 37.00 0.21
CA GLU H 25 -14.40 37.88 -0.50
C GLU H 25 -13.25 38.29 0.42
N SER H 26 -12.34 39.11 -0.13
CA SER H 26 -11.23 39.64 0.65
C SER H 26 -11.68 40.89 1.40
N GLY H 27 -10.73 41.62 1.98
CA GLY H 27 -11.04 42.80 2.75
C GLY H 27 -11.34 44.01 1.88
N ALA H 28 -11.73 45.10 2.55
CA ALA H 28 -12.02 46.36 1.89
C ALA H 28 -10.74 47.11 1.59
N GLU H 29 -10.73 47.81 0.45
CA GLU H 29 -9.54 48.49 -0.03
C GLU H 29 -9.85 49.93 -0.40
N VAL H 30 -8.87 50.80 -0.17
CA VAL H 30 -8.94 52.20 -0.58
C VAL H 30 -7.66 52.55 -1.31
N LYS H 31 -7.79 53.11 -2.51
CA LYS H 31 -6.67 53.49 -3.35
C LYS H 31 -6.89 54.88 -3.89
N LYS H 32 -5.97 55.32 -4.74
CA LYS H 32 -6.04 56.61 -5.41
C LYS H 32 -5.98 56.42 -6.92
N PRO H 33 -6.52 57.35 -7.70
CA PRO H 33 -6.71 57.11 -9.15
C PRO H 33 -5.43 56.81 -9.90
N GLY H 34 -5.57 56.07 -11.01
CA GLY H 34 -4.44 55.71 -11.84
C GLY H 34 -3.82 54.37 -11.54
N SER H 35 -4.24 53.70 -10.46
CA SER H 35 -3.67 52.42 -10.06
C SER H 35 -4.60 51.28 -10.45
N SER H 36 -4.24 50.08 -10.02
CA SER H 36 -5.03 48.87 -10.23
C SER H 36 -5.33 48.23 -8.88
N VAL H 37 -6.23 47.24 -8.90
CA VAL H 37 -6.64 46.54 -7.68
C VAL H 37 -6.92 45.09 -8.03
N LYS H 38 -6.79 44.22 -7.02
CA LYS H 38 -7.00 42.79 -7.21
C LYS H 38 -7.81 42.26 -6.03
N VAL H 39 -9.02 41.81 -6.31
CA VAL H 39 -9.89 41.24 -5.29
C VAL H 39 -9.93 39.73 -5.48
N SER H 40 -10.32 39.01 -4.44
CA SER H 40 -10.32 37.55 -4.47
C SER H 40 -11.63 37.02 -3.89
N CYS H 41 -11.88 35.74 -4.13
CA CYS H 41 -13.10 35.08 -3.72
C CYS H 41 -12.79 33.63 -3.41
N LYS H 42 -13.21 33.16 -2.23
CA LYS H 42 -12.92 31.81 -1.76
C LYS H 42 -14.23 31.09 -1.49
N ALA H 43 -14.36 29.87 -2.01
CA ALA H 43 -15.57 29.07 -1.87
C ALA H 43 -15.29 27.84 -1.03
N SER H 44 -16.30 27.44 -0.26
CA SER H 44 -16.18 26.28 0.62
C SER H 44 -16.45 24.99 -0.16
N GLY H 45 -16.01 23.88 0.41
CA GLY H 45 -16.13 22.59 -0.22
C GLY H 45 -14.84 22.15 -0.87
N GLY H 46 -14.97 21.19 -1.79
CA GLY H 46 -13.84 20.66 -2.51
C GLY H 46 -13.18 21.72 -3.37
N PRO H 47 -11.86 21.59 -3.59
CA PRO H 47 -11.16 22.62 -4.37
C PRO H 47 -11.71 22.81 -5.77
N PHE H 48 -12.17 21.74 -6.42
CA PHE H 48 -12.66 21.79 -7.78
C PHE H 48 -14.19 21.86 -7.78
N ARG H 49 -14.73 22.74 -8.62
CA ARG H 49 -16.14 23.05 -8.64
C ARG H 49 -16.73 22.74 -10.00
N SER H 50 -18.05 22.55 -10.04
CA SER H 50 -18.76 22.24 -11.28
C SER H 50 -19.70 23.36 -11.69
N TYR H 51 -19.48 24.58 -11.21
CA TYR H 51 -20.32 25.73 -11.54
C TYR H 51 -19.43 26.90 -11.91
N ALA H 52 -19.98 27.79 -12.73
CA ALA H 52 -19.30 29.00 -13.14
C ALA H 52 -19.36 30.05 -12.04
N ILE H 53 -18.49 31.06 -12.12
CA ILE H 53 -18.42 32.09 -11.09
C ILE H 53 -18.37 33.45 -11.75
N SER H 54 -19.17 34.39 -11.24
CA SER H 54 -19.28 35.73 -11.81
C SER H 54 -18.93 36.79 -10.76
N TRP H 55 -18.61 37.98 -11.27
CA TRP H 55 -18.33 39.16 -10.45
C TRP H 55 -19.35 40.24 -10.79
N VAL H 56 -19.94 40.85 -9.77
CA VAL H 56 -21.00 41.84 -9.95
C VAL H 56 -20.61 43.12 -9.23
N ARG H 57 -20.90 44.27 -9.85
CA ARG H 57 -20.60 45.57 -9.30
C ARG H 57 -21.89 46.34 -9.03
N GLN H 58 -21.92 47.07 -7.92
CA GLN H 58 -23.10 47.88 -7.58
C GLN H 58 -22.63 49.19 -6.95
N ALA H 59 -22.83 50.29 -7.67
CA ALA H 59 -22.54 51.63 -7.16
C ALA H 59 -23.63 52.06 -6.19
N PRO H 60 -23.30 52.91 -5.22
CA PRO H 60 -24.32 53.36 -4.25
C PRO H 60 -25.41 54.16 -4.93
N GLY H 61 -26.64 53.64 -4.86
CA GLY H 61 -27.80 54.32 -5.39
C GLY H 61 -28.28 53.83 -6.74
N GLN H 62 -27.64 52.82 -7.32
CA GLN H 62 -28.04 52.31 -8.63
C GLN H 62 -28.12 50.79 -8.57
N GLY H 63 -28.61 50.21 -9.66
CA GLY H 63 -28.75 48.77 -9.76
C GLY H 63 -27.42 48.09 -10.02
N PRO H 64 -27.40 46.76 -9.91
CA PRO H 64 -26.14 46.02 -10.08
C PRO H 64 -25.61 46.07 -11.50
N GLU H 65 -24.38 45.61 -11.69
CA GLU H 65 -23.76 45.58 -13.01
C GLU H 65 -22.93 44.31 -13.12
N TRP H 66 -23.16 43.54 -14.20
CA TRP H 66 -22.39 42.33 -14.43
C TRP H 66 -21.06 42.68 -15.09
N MET H 67 -19.97 42.18 -14.52
CA MET H 67 -18.65 42.48 -15.03
C MET H 67 -18.07 41.36 -15.87
N GLY H 68 -18.01 40.14 -15.31
CA GLY H 68 -17.51 39.02 -16.08
C GLY H 68 -17.55 37.75 -15.25
N GLY H 69 -17.35 36.64 -15.96
CA GLY H 69 -17.42 35.33 -15.35
C GLY H 69 -16.45 34.34 -15.94
N ILE H 70 -16.29 33.22 -15.23
CA ILE H 70 -15.34 32.17 -15.61
C ILE H 70 -16.00 30.81 -15.46
N ILE H 71 -15.56 29.88 -16.32
CA ILE H 71 -16.14 28.55 -16.51
C ILE H 71 -15.22 27.50 -15.88
N PRO H 72 -15.77 26.45 -15.25
CA PRO H 72 -14.92 25.60 -14.39
C PRO H 72 -13.79 24.86 -15.11
N ILE H 73 -14.07 24.06 -16.13
CA ILE H 73 -13.06 23.15 -16.65
C ILE H 73 -12.48 23.65 -17.96
N PHE H 74 -13.33 24.18 -18.84
CA PHE H 74 -12.84 24.68 -20.12
C PHE H 74 -12.01 25.93 -19.98
N GLY H 75 -12.15 26.67 -18.88
CA GLY H 75 -11.34 27.83 -18.61
C GLY H 75 -11.72 29.10 -19.34
N THR H 76 -12.83 29.09 -20.05
CA THR H 76 -13.23 30.28 -20.81
C THR H 76 -13.66 31.40 -19.87
N THR H 77 -13.37 32.63 -20.27
CA THR H 77 -13.74 33.82 -19.52
C THR H 77 -14.55 34.75 -20.40
N LYS H 78 -15.56 35.38 -19.82
CA LYS H 78 -16.40 36.33 -20.54
C LYS H 78 -16.45 37.64 -19.77
N TYR H 79 -16.41 38.75 -20.51
CA TYR H 79 -16.47 40.08 -19.92
C TYR H 79 -17.55 40.91 -20.60
N ALA H 80 -18.04 41.91 -19.89
CA ALA H 80 -18.98 42.87 -20.46
C ALA H 80 -18.25 43.77 -21.46
N PRO H 81 -18.95 44.24 -22.49
CA PRO H 81 -18.29 45.10 -23.49
C PRO H 81 -17.73 46.40 -22.91
N LYS H 82 -18.33 46.92 -21.83
CA LYS H 82 -17.79 48.12 -21.19
C LYS H 82 -16.44 47.82 -20.52
N PHE H 83 -16.38 46.74 -19.75
CA PHE H 83 -15.16 46.36 -19.06
C PHE H 83 -14.34 45.38 -19.87
N GLN H 84 -13.95 45.77 -21.09
CA GLN H 84 -13.25 44.84 -21.97
C GLN H 84 -11.74 44.86 -21.77
N GLY H 85 -11.12 46.02 -21.79
CA GLY H 85 -9.69 46.13 -21.70
C GLY H 85 -9.11 46.28 -20.31
N ARG H 86 -9.93 46.30 -19.27
CA ARG H 86 -9.46 46.56 -17.91
C ARG H 86 -9.51 45.33 -17.01
N VAL H 87 -10.59 44.55 -17.07
CA VAL H 87 -10.79 43.46 -16.11
C VAL H 87 -10.05 42.21 -16.58
N THR H 88 -9.54 41.46 -15.61
CA THR H 88 -8.92 40.16 -15.88
C THR H 88 -9.30 39.21 -14.76
N ILE H 89 -9.92 38.09 -15.11
CA ILE H 89 -10.41 37.12 -14.15
C ILE H 89 -9.61 35.83 -14.29
N THR H 90 -9.13 35.30 -13.17
CA THR H 90 -8.33 34.08 -13.16
C THR H 90 -8.80 33.18 -12.02
N ALA H 91 -8.32 31.94 -12.03
CA ALA H 91 -8.68 30.95 -11.03
C ALA H 91 -7.44 30.20 -10.56
N ASP H 92 -7.57 29.48 -9.44
CA ASP H 92 -6.48 28.70 -8.88
C ASP H 92 -6.76 27.20 -8.79
N ASP H 93 -8.03 26.79 -8.75
CA ASP H 93 -8.42 25.39 -8.80
C ASP H 93 -7.99 24.62 -7.56
N PHE H 94 -6.68 24.40 -7.40
CA PHE H 94 -6.19 23.64 -6.26
C PHE H 94 -6.33 24.38 -4.95
N ALA H 95 -6.43 25.71 -4.99
CA ALA H 95 -6.66 26.50 -3.78
C ALA H 95 -8.14 26.77 -3.56
N GLY H 96 -8.93 26.83 -4.62
CA GLY H 96 -10.33 27.18 -4.52
C GLY H 96 -10.63 28.65 -4.61
N THR H 97 -9.73 29.46 -5.18
CA THR H 97 -9.85 30.90 -5.17
C THR H 97 -10.01 31.42 -6.59
N VAL H 98 -10.75 32.53 -6.71
CA VAL H 98 -10.95 33.22 -7.98
C VAL H 98 -10.51 34.67 -7.79
N TYR H 99 -9.72 35.18 -8.74
CA TYR H 99 -9.15 36.52 -8.65
C TYR H 99 -9.70 37.40 -9.76
N MET H 100 -9.94 38.66 -9.41
CA MET H 100 -10.34 39.69 -10.36
C MET H 100 -9.42 40.90 -10.23
N GLU H 101 -8.86 41.33 -11.37
CA GLU H 101 -7.96 42.48 -11.40
C GLU H 101 -8.58 43.56 -12.26
N LEU H 102 -8.65 44.77 -11.72
CA LEU H 102 -9.17 45.95 -12.43
C LEU H 102 -8.07 46.99 -12.53
N SER H 103 -7.78 47.44 -13.75
CA SER H 103 -6.66 48.33 -14.01
C SER H 103 -7.15 49.72 -14.39
N SER H 104 -6.26 50.71 -14.24
CA SER H 104 -6.53 52.10 -14.59
C SER H 104 -7.75 52.63 -13.85
N LEU H 105 -7.68 52.63 -12.53
CA LEU H 105 -8.81 53.02 -11.70
C LEU H 105 -9.15 54.49 -11.93
N ARG H 106 -10.42 54.76 -12.16
CA ARG H 106 -10.96 56.11 -12.26
C ARG H 106 -11.56 56.49 -10.91
N SER H 107 -12.29 57.60 -10.87
CA SER H 107 -13.06 57.97 -9.69
C SER H 107 -14.45 57.36 -9.68
N GLU H 108 -14.80 56.57 -10.70
CA GLU H 108 -16.09 55.93 -10.79
C GLU H 108 -16.06 54.45 -10.41
N ASP H 109 -14.88 53.86 -10.29
CA ASP H 109 -14.75 52.47 -9.82
C ASP H 109 -14.74 52.44 -8.30
N THR H 110 -15.80 53.01 -7.72
CA THR H 110 -16.00 53.03 -6.26
C THR H 110 -17.40 52.49 -5.99
N ALA H 111 -17.48 51.20 -5.70
CA ALA H 111 -18.76 50.52 -5.56
C ALA H 111 -18.56 49.30 -4.66
N MET H 112 -19.59 48.47 -4.58
CA MET H 112 -19.52 47.21 -3.87
C MET H 112 -19.41 46.06 -4.85
N TYR H 113 -18.52 45.12 -4.56
CA TYR H 113 -18.20 44.02 -5.47
C TYR H 113 -18.63 42.70 -4.85
N TYR H 114 -19.40 41.92 -5.60
CA TYR H 114 -19.95 40.65 -5.14
C TYR H 114 -19.45 39.50 -6.00
N CYS H 115 -19.33 38.35 -5.36
CA CYS H 115 -18.95 37.09 -5.99
C CYS H 115 -20.19 36.20 -6.05
N ALA H 116 -20.49 35.66 -7.22
CA ALA H 116 -21.78 34.99 -7.42
C ALA H 116 -21.62 33.61 -8.05
N LYS H 117 -22.30 32.63 -7.46
CA LYS H 117 -22.44 31.29 -8.03
C LYS H 117 -23.38 31.34 -9.24
N HIS H 118 -23.50 30.21 -9.94
CA HIS H 118 -24.23 30.24 -11.19
C HIS H 118 -25.23 29.11 -11.39
N MET H 119 -25.05 27.99 -10.69
CA MET H 119 -25.85 26.76 -10.74
C MET H 119 -25.16 25.71 -11.62
N GLY H 120 -25.08 25.98 -12.93
CA GLY H 120 -24.41 25.10 -13.86
C GLY H 120 -23.04 25.61 -14.24
N TYR H 121 -22.46 24.93 -15.23
CA TYR H 121 -21.09 25.24 -15.67
C TYR H 121 -21.04 26.38 -16.68
N GLN H 122 -22.18 26.95 -17.06
CA GLN H 122 -22.24 28.03 -18.03
C GLN H 122 -22.62 29.34 -17.35
N VAL H 123 -22.19 30.45 -17.95
CA VAL H 123 -22.44 31.78 -17.38
C VAL H 123 -23.79 32.23 -17.93
N ARG H 124 -24.84 31.80 -17.25
CA ARG H 124 -26.21 32.21 -17.59
C ARG H 124 -26.64 33.41 -16.76
N GLU H 125 -27.94 33.71 -16.76
CA GLU H 125 -28.46 34.87 -16.05
C GLU H 125 -28.94 34.56 -14.64
N THR H 126 -28.84 33.32 -14.19
CA THR H 126 -29.37 32.89 -12.89
C THR H 126 -28.22 32.68 -11.92
N MET H 127 -28.03 33.63 -11.01
CA MET H 127 -27.06 33.51 -9.94
C MET H 127 -27.81 33.26 -8.63
N ASP H 128 -27.62 32.08 -8.05
CA ASP H 128 -28.43 31.64 -6.92
C ASP H 128 -27.76 31.82 -5.57
N VAL H 129 -26.45 32.02 -5.52
CA VAL H 129 -25.74 32.24 -4.27
C VAL H 129 -24.81 33.43 -4.44
N TRP H 130 -24.88 34.37 -3.50
CA TRP H 130 -24.04 35.57 -3.50
C TRP H 130 -23.15 35.56 -2.28
N GLY H 131 -22.11 36.39 -2.32
CA GLY H 131 -21.21 36.53 -1.20
C GLY H 131 -21.75 37.49 -0.15
N LYS H 132 -20.88 38.37 0.35
CA LYS H 132 -21.32 39.40 1.29
C LYS H 132 -20.99 40.81 0.85
N GLY H 133 -19.90 41.04 0.11
CA GLY H 133 -19.57 42.37 -0.35
C GLY H 133 -18.17 42.80 0.01
N THR H 134 -17.64 43.77 -0.74
CA THR H 134 -16.33 44.33 -0.47
C THR H 134 -16.23 45.70 -1.13
N THR H 135 -15.98 46.73 -0.32
CA THR H 135 -15.96 48.10 -0.82
C THR H 135 -14.57 48.49 -1.28
N VAL H 136 -14.49 49.04 -2.49
CA VAL H 136 -13.25 49.56 -3.05
C VAL H 136 -13.45 51.04 -3.28
N THR H 137 -12.73 51.87 -2.55
CA THR H 137 -12.82 53.32 -2.67
C THR H 137 -11.64 53.85 -3.46
N VAL H 138 -11.87 54.89 -4.25
CA VAL H 138 -10.85 55.50 -5.09
C VAL H 138 -10.74 56.97 -4.74
N SER H 139 -9.60 57.36 -4.16
CA SER H 139 -9.32 58.75 -3.80
C SER H 139 -7.86 58.93 -3.45
N VAL I 21 -19.60 -29.07 1.00
CA VAL I 21 -19.38 -28.39 2.26
C VAL I 21 -19.76 -29.31 3.43
N GLN I 22 -19.35 -28.93 4.63
CA GLN I 22 -19.67 -29.67 5.84
C GLN I 22 -20.56 -28.82 6.75
N LEU I 23 -21.61 -29.44 7.28
CA LEU I 23 -22.53 -28.78 8.21
C LEU I 23 -22.41 -29.44 9.57
N VAL I 24 -22.17 -28.63 10.60
CA VAL I 24 -21.98 -29.14 11.96
C VAL I 24 -22.96 -28.44 12.88
N GLU I 25 -23.80 -29.20 13.57
CA GLU I 25 -24.72 -28.63 14.53
C GLU I 25 -24.04 -28.50 15.89
N SER I 26 -24.78 -27.98 16.87
CA SER I 26 -24.29 -27.86 18.23
C SER I 26 -24.48 -29.18 18.97
N GLY I 27 -24.28 -29.17 20.29
CA GLY I 27 -24.40 -30.38 21.08
C GLY I 27 -25.85 -30.74 21.37
N ALA I 28 -26.01 -31.88 22.04
CA ALA I 28 -27.33 -32.37 22.44
C ALA I 28 -27.79 -31.68 23.72
N GLU I 29 -29.09 -31.45 23.81
CA GLU I 29 -29.67 -30.69 24.90
C GLU I 29 -30.86 -31.43 25.51
N VAL I 30 -31.01 -31.28 26.82
CA VAL I 30 -32.16 -31.81 27.53
C VAL I 30 -32.73 -30.69 28.40
N LYS I 31 -34.04 -30.46 28.29
CA LYS I 31 -34.73 -29.43 29.05
C LYS I 31 -36.01 -30.01 29.63
N LYS I 32 -36.81 -29.16 30.24
CA LYS I 32 -38.09 -29.53 30.82
C LYS I 32 -39.17 -28.61 30.26
N PRO I 33 -40.43 -29.08 30.21
CA PRO I 33 -41.46 -28.36 29.46
C PRO I 33 -41.68 -26.92 29.89
N GLY I 34 -42.17 -26.09 28.97
CA GLY I 34 -42.43 -24.69 29.22
C GLY I 34 -41.31 -23.75 28.87
N SER I 35 -40.14 -24.26 28.51
CA SER I 35 -38.98 -23.43 28.21
C SER I 35 -38.78 -23.33 26.70
N SER I 36 -37.68 -22.68 26.29
CA SER I 36 -37.29 -22.52 24.91
C SER I 36 -35.88 -23.05 24.70
N VAL I 37 -35.50 -23.25 23.45
CA VAL I 37 -34.19 -23.81 23.11
C VAL I 37 -33.67 -23.13 21.86
N LYS I 38 -32.35 -23.11 21.71
CA LYS I 38 -31.71 -22.45 20.58
C LYS I 38 -30.61 -23.36 20.06
N VAL I 39 -30.79 -23.89 18.85
CA VAL I 39 -29.82 -24.75 18.22
C VAL I 39 -29.06 -23.97 17.16
N SER I 40 -27.89 -24.48 16.78
CA SER I 40 -26.96 -23.75 15.93
C SER I 40 -26.48 -24.65 14.80
N CYS I 41 -25.96 -24.02 13.75
CA CYS I 41 -25.47 -24.73 12.58
C CYS I 41 -24.32 -23.93 11.97
N LYS I 42 -23.19 -24.58 11.75
CA LYS I 42 -21.99 -23.94 11.21
C LYS I 42 -21.58 -24.66 9.93
N ALA I 43 -21.31 -23.89 8.89
CA ALA I 43 -20.94 -24.42 7.59
C ALA I 43 -19.49 -24.06 7.25
N SER I 44 -18.82 -24.95 6.55
CA SER I 44 -17.44 -24.75 6.16
C SER I 44 -17.35 -23.91 4.89
N GLY I 45 -16.17 -23.35 4.66
CA GLY I 45 -15.95 -22.48 3.52
C GLY I 45 -15.99 -21.02 3.91
N GLY I 46 -16.19 -20.18 2.90
CA GLY I 46 -16.26 -18.75 3.10
C GLY I 46 -17.45 -18.37 3.96
N PRO I 47 -17.34 -17.27 4.69
CA PRO I 47 -18.44 -16.86 5.59
C PRO I 47 -19.75 -16.64 4.86
N PHE I 48 -19.72 -16.09 3.65
CA PHE I 48 -20.92 -15.80 2.89
C PHE I 48 -21.22 -16.92 1.91
N ARG I 49 -22.49 -17.30 1.84
CA ARG I 49 -22.92 -18.45 1.07
C ARG I 49 -23.93 -18.02 0.03
N SER I 50 -24.06 -18.84 -1.02
CA SER I 50 -24.99 -18.57 -2.12
C SER I 50 -26.11 -19.60 -2.19
N TYR I 51 -26.42 -20.26 -1.09
CA TYR I 51 -27.49 -21.25 -1.03
C TYR I 51 -28.34 -21.00 0.22
N ALA I 52 -29.59 -21.44 0.15
CA ALA I 52 -30.51 -21.34 1.27
C ALA I 52 -30.24 -22.47 2.26
N ILE I 53 -30.74 -22.31 3.49
CA ILE I 53 -30.49 -23.29 4.55
C ILE I 53 -31.80 -23.60 5.25
N SER I 54 -32.08 -24.89 5.46
CA SER I 54 -33.32 -25.34 6.08
C SER I 54 -33.05 -26.14 7.34
N TRP I 55 -34.09 -26.24 8.18
CA TRP I 55 -34.05 -27.04 9.40
C TRP I 55 -35.11 -28.12 9.30
N VAL I 56 -34.75 -29.36 9.62
CA VAL I 56 -35.64 -30.51 9.48
C VAL I 56 -35.74 -31.23 10.82
N ARG I 57 -36.94 -31.71 11.14
CA ARG I 57 -37.20 -32.40 12.40
C ARG I 57 -37.67 -33.82 12.11
N GLN I 58 -37.20 -34.78 12.92
CA GLN I 58 -37.60 -36.17 12.73
C GLN I 58 -37.78 -36.82 14.10
N ALA I 59 -39.01 -37.13 14.44
CA ALA I 59 -39.30 -37.85 15.68
C ALA I 59 -38.96 -39.33 15.53
N PRO I 60 -38.62 -40.02 16.62
CA PRO I 60 -38.31 -41.45 16.53
C PRO I 60 -39.50 -42.25 16.02
N GLY I 61 -39.27 -42.98 14.93
CA GLY I 61 -40.31 -43.81 14.36
C GLY I 61 -41.25 -43.12 13.39
N GLN I 62 -40.89 -41.93 12.91
CA GLN I 62 -41.73 -41.19 11.99
C GLN I 62 -40.88 -40.56 10.90
N GLY I 63 -41.55 -40.11 9.84
CA GLY I 63 -40.89 -39.45 8.73
C GLY I 63 -40.44 -38.04 9.10
N PRO I 64 -39.56 -37.46 8.29
CA PRO I 64 -39.03 -36.13 8.60
C PRO I 64 -40.09 -35.04 8.50
N GLU I 65 -39.79 -33.86 9.04
CA GLU I 65 -40.71 -32.74 9.00
C GLU I 65 -39.92 -31.46 8.71
N TRP I 66 -40.37 -30.71 7.71
CA TRP I 66 -39.73 -29.45 7.37
C TRP I 66 -40.23 -28.35 8.29
N MET I 67 -39.31 -27.63 8.92
CA MET I 67 -39.69 -26.58 9.86
C MET I 67 -39.60 -25.19 9.24
N GLY I 68 -38.47 -24.83 8.66
CA GLY I 68 -38.33 -23.54 8.01
C GLY I 68 -36.95 -23.36 7.45
N GLY I 69 -36.83 -22.32 6.62
CA GLY I 69 -35.59 -22.04 5.92
C GLY I 69 -35.34 -20.56 5.77
N ILE I 70 -34.09 -20.24 5.39
CA ILE I 70 -33.63 -18.86 5.25
C ILE I 70 -32.84 -18.73 3.94
N ILE I 71 -32.91 -17.53 3.37
CA ILE I 71 -32.39 -17.18 2.04
C ILE I 71 -31.13 -16.33 2.19
N PRO I 72 -30.11 -16.51 1.34
CA PRO I 72 -28.79 -15.92 1.65
C PRO I 72 -28.75 -14.40 1.71
N ILE I 73 -29.14 -13.70 0.66
CA ILE I 73 -28.85 -12.26 0.60
C ILE I 73 -30.10 -11.43 0.89
N PHE I 74 -31.25 -11.86 0.37
CA PHE I 74 -32.48 -11.12 0.59
C PHE I 74 -32.95 -11.21 2.03
N GLY I 75 -32.52 -12.23 2.77
CA GLY I 75 -32.84 -12.35 4.19
C GLY I 75 -34.22 -12.86 4.50
N THR I 76 -34.98 -13.32 3.51
CA THR I 76 -36.32 -13.81 3.75
C THR I 76 -36.29 -15.14 4.48
N THR I 77 -37.28 -15.34 5.35
CA THR I 77 -37.43 -16.57 6.11
C THR I 77 -38.82 -17.15 5.87
N LYS I 78 -38.88 -18.47 5.80
CA LYS I 78 -40.14 -19.18 5.59
C LYS I 78 -40.31 -20.26 6.65
N TYR I 79 -41.53 -20.40 7.16
CA TYR I 79 -41.86 -21.39 8.17
C TYR I 79 -43.06 -22.22 7.73
N ALA I 80 -43.18 -23.40 8.32
CA ALA I 80 -44.34 -24.25 8.10
C ALA I 80 -45.54 -23.70 8.85
N PRO I 81 -46.75 -23.93 8.36
CA PRO I 81 -47.95 -23.43 9.07
C PRO I 81 -48.09 -23.98 10.47
N LYS I 82 -47.61 -25.19 10.73
CA LYS I 82 -47.65 -25.75 12.08
C LYS I 82 -46.78 -24.94 13.03
N PHE I 83 -45.51 -24.73 12.66
CA PHE I 83 -44.58 -23.99 13.49
C PHE I 83 -44.54 -22.52 13.11
N GLN I 84 -45.68 -21.83 13.24
CA GLN I 84 -45.74 -20.44 12.80
C GLN I 84 -45.32 -19.46 13.88
N GLY I 85 -45.87 -19.60 15.08
CA GLY I 85 -45.60 -18.67 16.16
C GLY I 85 -44.49 -19.03 17.11
N ARG I 86 -43.81 -20.17 16.91
CA ARG I 86 -42.80 -20.65 17.84
C ARG I 86 -41.38 -20.52 17.32
N VAL I 87 -41.14 -20.92 16.08
CA VAL I 87 -39.77 -20.95 15.54
C VAL I 87 -39.33 -19.55 15.12
N THR I 88 -38.03 -19.30 15.26
CA THR I 88 -37.41 -18.09 14.75
C THR I 88 -36.03 -18.47 14.23
N ILE I 89 -35.76 -18.17 12.96
CA ILE I 89 -34.51 -18.54 12.30
C ILE I 89 -33.74 -17.27 11.96
N THR I 90 -32.46 -17.25 12.33
CA THR I 90 -31.60 -16.09 12.10
C THR I 90 -30.25 -16.55 11.57
N ALA I 91 -29.47 -15.59 11.07
CA ALA I 91 -28.15 -15.87 10.51
C ALA I 91 -27.15 -14.84 11.02
N ASP I 92 -25.85 -15.16 10.87
CA ASP I 92 -24.78 -14.28 11.29
C ASP I 92 -23.89 -13.78 10.16
N ASP I 93 -23.85 -14.47 9.03
CA ASP I 93 -23.14 -14.03 7.82
C ASP I 93 -21.63 -13.98 8.03
N PHE I 94 -21.15 -13.03 8.83
CA PHE I 94 -19.71 -12.88 9.04
C PHE I 94 -19.12 -14.02 9.86
N ALA I 95 -19.93 -14.73 10.63
CA ALA I 95 -19.47 -15.89 11.37
C ALA I 95 -19.71 -17.19 10.61
N GLY I 96 -20.68 -17.20 9.70
CA GLY I 96 -21.03 -18.41 9.00
C GLY I 96 -22.00 -19.31 9.73
N THR I 97 -22.82 -18.77 10.63
CA THR I 97 -23.64 -19.56 11.53
C THR I 97 -25.12 -19.24 11.32
N VAL I 98 -25.96 -20.26 11.53
CA VAL I 98 -27.41 -20.12 11.45
C VAL I 98 -27.99 -20.62 12.77
N TYR I 99 -28.95 -19.86 13.31
CA TYR I 99 -29.55 -20.16 14.61
C TYR I 99 -31.04 -20.43 14.44
N MET I 100 -31.53 -21.41 15.19
CA MET I 100 -32.96 -21.71 15.26
C MET I 100 -33.42 -21.69 16.71
N GLU I 101 -34.52 -20.99 16.98
CA GLU I 101 -35.06 -20.89 18.33
C GLU I 101 -36.48 -21.43 18.34
N LEU I 102 -36.74 -22.36 19.26
CA LEU I 102 -38.06 -22.95 19.45
C LEU I 102 -38.56 -22.60 20.85
N SER I 103 -39.74 -22.01 20.93
CA SER I 103 -40.28 -21.51 22.19
C SER I 103 -41.47 -22.33 22.64
N SER I 104 -41.75 -22.27 23.94
CA SER I 104 -42.89 -22.96 24.56
C SER I 104 -42.83 -24.46 24.28
N LEU I 105 -41.77 -25.08 24.77
CA LEU I 105 -41.55 -26.50 24.53
C LEU I 105 -42.65 -27.33 25.17
N ARG I 106 -43.02 -28.42 24.49
CA ARG I 106 -43.95 -29.40 24.98
C ARG I 106 -43.22 -30.73 25.14
N SER I 107 -43.97 -31.80 25.41
CA SER I 107 -43.41 -33.13 25.47
C SER I 107 -43.29 -33.78 24.10
N GLU I 108 -43.76 -33.10 23.05
CA GLU I 108 -43.68 -33.62 21.69
C GLU I 108 -42.53 -33.02 20.90
N ASP I 109 -41.86 -31.99 21.42
CA ASP I 109 -40.68 -31.41 20.78
C ASP I 109 -39.43 -32.17 21.21
N THR I 110 -39.48 -33.48 21.04
CA THR I 110 -38.34 -34.37 21.34
C THR I 110 -38.07 -35.20 20.09
N ALA I 111 -37.08 -34.78 19.32
CA ALA I 111 -36.79 -35.40 18.04
C ALA I 111 -35.33 -35.13 17.69
N MET I 112 -34.94 -35.50 16.48
CA MET I 112 -33.62 -35.19 15.94
C MET I 112 -33.74 -34.04 14.96
N TYR I 113 -32.81 -33.09 15.06
CA TYR I 113 -32.85 -31.86 14.29
C TYR I 113 -31.67 -31.83 13.33
N TYR I 114 -31.94 -31.61 12.05
CA TYR I 114 -30.94 -31.60 11.00
C TYR I 114 -30.88 -30.24 10.32
N CYS I 115 -29.68 -29.89 9.87
CA CYS I 115 -29.39 -28.71 9.08
C CYS I 115 -29.16 -29.14 7.64
N ALA I 116 -29.82 -28.46 6.69
CA ALA I 116 -29.84 -28.95 5.32
C ALA I 116 -29.49 -27.84 4.34
N LYS I 117 -28.54 -28.15 3.44
CA LYS I 117 -28.23 -27.31 2.29
C LYS I 117 -29.36 -27.38 1.26
N HIS I 118 -29.28 -26.54 0.23
CA HIS I 118 -30.44 -26.42 -0.65
C HIS I 118 -30.13 -26.42 -2.14
N MET I 119 -28.88 -26.19 -2.58
CA MET I 119 -28.42 -26.10 -3.97
C MET I 119 -28.37 -24.66 -4.44
N GLY I 120 -29.54 -24.04 -4.61
CA GLY I 120 -29.61 -22.65 -5.03
C GLY I 120 -30.00 -21.72 -3.91
N TYR I 121 -30.30 -20.47 -4.25
CA TYR I 121 -30.62 -19.46 -3.25
C TYR I 121 -32.07 -19.49 -2.79
N GLN I 122 -32.89 -20.39 -3.34
CA GLN I 122 -34.30 -20.48 -3.01
C GLN I 122 -34.58 -21.74 -2.21
N VAL I 123 -35.63 -21.70 -1.40
CA VAL I 123 -35.98 -22.81 -0.51
C VAL I 123 -36.91 -23.72 -1.31
N ARG I 124 -36.30 -24.60 -2.11
CA ARG I 124 -37.03 -25.58 -2.90
C ARG I 124 -37.15 -26.91 -2.17
N GLU I 125 -37.55 -27.97 -2.88
CA GLU I 125 -37.76 -29.27 -2.27
C GLU I 125 -36.50 -30.13 -2.22
N THR I 126 -35.39 -29.67 -2.80
CA THR I 126 -34.21 -30.49 -3.03
C THR I 126 -33.10 -30.06 -2.07
N MET I 127 -32.91 -30.84 -1.00
CA MET I 127 -31.82 -30.64 -0.06
C MET I 127 -30.77 -31.73 -0.32
N ASP I 128 -29.59 -31.30 -0.78
CA ASP I 128 -28.58 -32.23 -1.25
C ASP I 128 -27.48 -32.53 -0.23
N VAL I 129 -27.32 -31.72 0.80
CA VAL I 129 -26.32 -31.96 1.84
C VAL I 129 -26.99 -31.82 3.19
N TRP I 130 -26.81 -32.80 4.06
CA TRP I 130 -27.36 -32.79 5.41
C TRP I 130 -26.23 -32.79 6.42
N GLY I 131 -26.57 -32.43 7.66
CA GLY I 131 -25.60 -32.44 8.73
C GLY I 131 -25.42 -33.81 9.32
N LYS I 132 -25.38 -33.90 10.65
CA LYS I 132 -25.30 -35.19 11.33
C LYS I 132 -26.42 -35.44 12.33
N GLY I 133 -26.96 -34.40 12.97
CA GLY I 133 -28.05 -34.58 13.90
C GLY I 133 -27.78 -34.00 15.27
N THR I 134 -28.84 -33.76 16.03
CA THR I 134 -28.73 -33.24 17.39
C THR I 134 -30.03 -33.52 18.14
N THR I 135 -29.95 -34.22 19.26
CA THR I 135 -31.14 -34.62 19.99
C THR I 135 -31.50 -33.58 21.04
N VAL I 136 -32.78 -33.24 21.09
CA VAL I 136 -33.32 -32.33 22.09
C VAL I 136 -34.41 -33.07 22.84
N THR I 137 -34.17 -33.33 24.12
CA THR I 137 -35.13 -34.03 24.97
C THR I 137 -35.87 -33.03 25.85
N VAL I 138 -37.12 -33.34 26.16
CA VAL I 138 -37.99 -32.45 26.92
C VAL I 138 -38.55 -33.22 28.12
N SER I 139 -37.93 -33.06 29.27
CA SER I 139 -38.40 -33.69 30.51
C SER I 139 -37.76 -33.05 31.73
N VAL J 22 -32.01 46.81 -23.39
CA VAL J 22 -32.22 47.43 -22.09
C VAL J 22 -33.61 47.06 -21.56
N LEU J 23 -33.69 46.77 -20.27
CA LEU J 23 -34.95 46.41 -19.62
C LEU J 23 -35.45 47.60 -18.81
N THR J 24 -36.70 47.99 -19.03
CA THR J 24 -37.30 49.14 -18.37
C THR J 24 -38.47 48.69 -17.53
N GLN J 25 -38.49 49.10 -16.27
CA GLN J 25 -39.53 48.76 -15.31
C GLN J 25 -40.17 50.03 -14.75
N PRO J 26 -41.38 49.94 -14.22
CA PRO J 26 -41.97 51.07 -13.50
C PRO J 26 -41.12 51.44 -12.30
N PRO J 27 -40.68 52.71 -12.21
CA PRO J 27 -39.75 53.09 -11.14
C PRO J 27 -40.29 52.88 -9.72
N SER J 28 -41.60 53.01 -9.51
CA SER J 28 -42.15 52.92 -8.17
C SER J 28 -43.48 52.19 -8.21
N VAL J 29 -43.83 51.57 -7.09
CA VAL J 29 -45.12 50.90 -6.93
C VAL J 29 -45.62 51.18 -5.51
N SER J 30 -46.91 51.47 -5.37
CA SER J 30 -47.50 51.78 -4.08
C SER J 30 -48.78 50.98 -3.91
N ALA J 31 -48.92 50.30 -2.77
CA ALA J 31 -50.10 49.50 -2.49
C ALA J 31 -50.25 49.36 -0.97
N ALA J 32 -51.34 48.71 -0.56
CA ALA J 32 -51.72 48.53 0.83
C ALA J 32 -51.48 47.09 1.26
N PRO J 33 -51.28 46.84 2.56
CA PRO J 33 -51.05 45.47 3.02
C PRO J 33 -52.23 44.56 2.70
N GLY J 34 -51.90 43.33 2.31
CA GLY J 34 -52.90 42.35 1.93
C GLY J 34 -53.32 42.40 0.48
N GLN J 35 -52.87 43.40 -0.27
CA GLN J 35 -53.23 43.53 -1.68
C GLN J 35 -52.27 42.70 -2.55
N LYS J 36 -52.58 42.67 -3.85
CA LYS J 36 -51.76 41.98 -4.83
C LYS J 36 -51.19 43.00 -5.80
N VAL J 37 -49.90 42.90 -6.07
CA VAL J 37 -49.21 43.84 -6.96
C VAL J 37 -48.43 43.08 -8.01
N THR J 38 -48.21 43.74 -9.14
CA THR J 38 -47.47 43.18 -10.26
C THR J 38 -46.51 44.22 -10.81
N ILE J 39 -45.27 43.80 -11.07
CA ILE J 39 -44.26 44.64 -11.71
C ILE J 39 -43.94 44.05 -13.07
N SER J 40 -43.87 44.90 -14.09
CA SER J 40 -43.66 44.47 -15.46
C SER J 40 -42.26 44.85 -15.92
N CYS J 41 -41.49 43.86 -16.34
CA CYS J 41 -40.22 44.05 -17.04
C CYS J 41 -40.46 43.97 -18.55
N SER J 42 -40.28 45.10 -19.22
CA SER J 42 -40.41 45.16 -20.67
C SER J 42 -39.05 45.39 -21.31
N GLY J 43 -38.81 44.73 -22.43
CA GLY J 43 -37.55 44.84 -23.13
C GLY J 43 -37.69 44.98 -24.63
N SER J 44 -36.98 44.13 -25.38
CA SER J 44 -37.02 44.19 -26.83
C SER J 44 -36.79 42.79 -27.37
N SER J 45 -36.98 42.65 -28.69
CA SER J 45 -36.77 41.36 -29.34
C SER J 45 -35.32 40.91 -29.29
N SER J 46 -34.38 41.80 -28.98
CA SER J 46 -32.98 41.43 -28.87
C SER J 46 -32.71 40.58 -27.63
N ASN J 47 -33.33 40.90 -26.49
CA ASN J 47 -33.02 40.19 -25.24
C ASN J 47 -34.21 39.41 -24.71
N ILE J 48 -35.33 40.10 -24.49
CA ILE J 48 -36.47 39.48 -23.83
C ILE J 48 -37.16 38.44 -24.73
N GLY J 49 -37.20 38.69 -26.03
CA GLY J 49 -37.98 37.86 -26.93
C GLY J 49 -37.44 36.48 -27.20
N ASN J 50 -36.18 36.20 -26.86
CA ASN J 50 -35.58 34.91 -27.18
C ASN J 50 -34.75 34.38 -26.01
N ASP J 51 -35.19 34.63 -24.79
CA ASP J 51 -34.50 34.06 -23.63
C ASP J 51 -35.46 34.04 -22.44
N TYR J 52 -34.91 33.79 -21.25
CA TYR J 52 -35.67 33.73 -20.00
C TYR J 52 -35.43 35.02 -19.21
N VAL J 53 -36.16 35.16 -18.11
CA VAL J 53 -36.06 36.32 -17.22
C VAL J 53 -36.01 35.82 -15.78
N SER J 54 -35.12 36.40 -14.99
CA SER J 54 -34.99 36.06 -13.57
C SER J 54 -35.22 37.30 -12.72
N TRP J 55 -35.67 37.06 -11.49
CA TRP J 55 -36.07 38.13 -10.59
C TRP J 55 -35.25 38.09 -9.32
N TYR J 56 -34.80 39.26 -8.87
CA TYR J 56 -33.98 39.41 -7.67
C TYR J 56 -34.60 40.46 -6.76
N GLN J 57 -34.48 40.25 -5.46
CA GLN J 57 -35.01 41.17 -4.45
C GLN J 57 -33.88 41.54 -3.51
N GLN J 58 -33.59 42.83 -3.38
CA GLN J 58 -32.50 43.30 -2.54
C GLN J 58 -33.04 44.16 -1.42
N LEU J 59 -32.96 43.63 -0.19
CA LEU J 59 -33.27 44.44 0.98
C LEU J 59 -32.20 45.52 1.14
N PRO J 60 -32.53 46.63 1.80
CA PRO J 60 -31.53 47.69 1.99
C PRO J 60 -30.41 47.26 2.91
N GLY J 61 -29.22 47.06 2.35
CA GLY J 61 -28.05 46.67 3.12
C GLY J 61 -27.57 45.25 2.95
N THR J 62 -28.19 44.46 2.07
CA THR J 62 -27.78 43.08 1.83
C THR J 62 -27.61 42.85 0.34
N ALA J 63 -27.09 41.67 0.00
CA ALA J 63 -26.90 41.26 -1.38
C ALA J 63 -28.23 40.80 -1.98
N PRO J 64 -28.37 40.86 -3.32
CA PRO J 64 -29.61 40.42 -3.95
C PRO J 64 -29.93 38.96 -3.69
N LYS J 65 -31.20 38.58 -3.86
CA LYS J 65 -31.65 37.23 -3.61
C LYS J 65 -32.56 36.78 -4.74
N LEU J 66 -32.35 35.56 -5.22
CA LEU J 66 -33.10 35.04 -6.36
C LEU J 66 -34.51 34.68 -5.94
N LEU J 67 -35.50 35.17 -6.70
CA LEU J 67 -36.90 34.86 -6.45
C LEU J 67 -37.47 33.91 -7.50
N ILE J 68 -37.38 34.28 -8.77
CA ILE J 68 -37.98 33.52 -9.86
C ILE J 68 -36.93 33.33 -10.95
N TYR J 69 -36.80 32.11 -11.45
CA TYR J 69 -35.93 31.80 -12.57
C TYR J 69 -36.67 30.93 -13.57
N ASP J 70 -36.10 30.80 -14.77
CA ASP J 70 -36.67 30.00 -15.86
C ASP J 70 -38.09 30.44 -16.18
N ASN J 71 -38.33 31.74 -15.96
CA ASN J 71 -39.52 32.49 -16.35
C ASN J 71 -40.77 32.17 -15.53
N ASN J 72 -40.80 31.05 -14.82
CA ASN J 72 -41.90 30.84 -13.87
C ASN J 72 -41.53 29.94 -12.68
N LYS J 73 -40.25 29.72 -12.41
CA LYS J 73 -39.85 28.72 -11.43
C LYS J 73 -39.38 29.38 -10.14
N ARG J 74 -39.35 28.58 -9.08
CA ARG J 74 -39.00 29.05 -7.75
C ARG J 74 -37.95 28.14 -7.12
N PRO J 75 -36.98 28.71 -6.39
CA PRO J 75 -36.01 27.88 -5.69
C PRO J 75 -36.60 27.25 -4.44
N SER J 76 -35.77 26.56 -3.66
CA SER J 76 -36.19 25.99 -2.39
C SER J 76 -36.13 27.06 -1.32
N GLY J 77 -37.21 27.18 -0.55
CA GLY J 77 -37.29 28.19 0.48
C GLY J 77 -37.97 29.48 0.07
N ILE J 78 -38.64 29.50 -1.08
CA ILE J 78 -39.35 30.69 -1.54
C ILE J 78 -40.85 30.42 -1.44
N PRO J 79 -41.63 31.32 -0.85
CA PRO J 79 -43.06 31.07 -0.66
C PRO J 79 -43.80 31.03 -1.98
N ASP J 80 -45.07 30.63 -1.89
CA ASP J 80 -45.96 30.58 -3.04
C ASP J 80 -46.56 31.94 -3.34
N ARG J 81 -46.39 32.92 -2.45
CA ARG J 81 -46.91 34.27 -2.68
C ARG J 81 -46.25 34.95 -3.87
N PHE J 82 -45.04 34.54 -4.25
CA PHE J 82 -44.32 35.10 -5.37
C PHE J 82 -44.54 34.23 -6.61
N SER J 83 -44.83 34.87 -7.73
CA SER J 83 -44.93 34.13 -8.98
C SER J 83 -44.60 35.06 -10.13
N GLY J 84 -44.52 34.51 -11.34
CA GLY J 84 -44.21 35.34 -12.48
C GLY J 84 -44.50 34.61 -13.77
N SER J 85 -44.49 35.38 -14.86
CA SER J 85 -44.70 34.83 -16.19
C SER J 85 -44.12 35.80 -17.22
N LYS J 86 -44.21 35.41 -18.49
CA LYS J 86 -43.71 36.23 -19.60
C LYS J 86 -44.74 36.22 -20.73
N SER J 87 -44.91 37.37 -21.38
CA SER J 87 -45.93 37.52 -22.42
C SER J 87 -45.31 38.23 -23.63
N GLY J 88 -44.76 37.44 -24.54
CA GLY J 88 -44.31 37.93 -25.82
C GLY J 88 -42.96 38.62 -25.80
N THR J 89 -42.94 39.87 -25.35
CA THR J 89 -41.70 40.63 -25.19
C THR J 89 -41.79 41.42 -23.89
N SER J 90 -42.41 40.82 -22.88
CA SER J 90 -42.54 41.44 -21.56
C SER J 90 -42.90 40.39 -20.52
N ALA J 91 -42.29 40.48 -19.34
CA ALA J 91 -42.55 39.57 -18.24
C ALA J 91 -43.18 40.35 -17.08
N THR J 92 -43.75 39.62 -16.13
CA THR J 92 -44.43 40.24 -15.00
C THR J 92 -44.23 39.36 -13.76
N LEU J 93 -43.92 40.00 -12.64
CA LEU J 93 -43.81 39.36 -11.35
C LEU J 93 -44.97 39.80 -10.46
N GLY J 94 -45.66 38.82 -9.88
CA GLY J 94 -46.79 39.08 -9.01
C GLY J 94 -46.58 38.64 -7.59
N ILE J 95 -46.84 39.54 -6.65
CA ILE J 95 -46.78 39.28 -5.22
C ILE J 95 -48.18 39.48 -4.64
N THR J 96 -48.72 38.44 -4.03
CA THR J 96 -50.03 38.49 -3.39
C THR J 96 -49.89 38.03 -1.95
N GLY J 97 -50.49 38.77 -1.02
CA GLY J 97 -50.32 38.50 0.40
C GLY J 97 -49.27 39.43 0.98
N LEU J 98 -49.30 40.69 0.53
CA LEU J 98 -48.25 41.64 0.84
C LEU J 98 -48.22 41.97 2.33
N GLN J 99 -47.00 42.11 2.87
CA GLN J 99 -46.77 42.54 4.24
C GLN J 99 -45.66 43.57 4.29
N THR J 100 -45.18 43.89 5.49
CA THR J 100 -44.13 44.88 5.68
C THR J 100 -42.73 44.36 5.32
N GLY J 101 -42.54 43.04 5.34
CA GLY J 101 -41.25 42.46 5.08
C GLY J 101 -40.91 42.38 3.60
N ASP J 102 -41.71 43.04 2.77
CA ASP J 102 -41.50 43.07 1.33
C ASP J 102 -41.01 44.43 0.85
N GLU J 103 -40.39 45.21 1.74
CA GLU J 103 -39.83 46.51 1.40
C GLU J 103 -38.43 46.30 0.81
N ALA J 104 -38.32 46.47 -0.52
CA ALA J 104 -37.04 46.26 -1.20
C ALA J 104 -37.06 46.79 -2.62
N ASN J 105 -35.97 46.54 -3.34
CA ASN J 105 -35.89 46.82 -4.77
C ASN J 105 -35.87 45.50 -5.53
N TYR J 106 -36.60 45.47 -6.64
CA TYR J 106 -36.79 44.25 -7.42
C TYR J 106 -36.21 44.45 -8.81
N TYR J 107 -35.37 43.52 -9.25
CA TYR J 107 -34.65 43.62 -10.50
C TYR J 107 -34.96 42.41 -11.39
N CYS J 108 -35.07 42.67 -12.68
CA CYS J 108 -35.26 41.66 -13.71
C CYS J 108 -34.00 41.55 -14.56
N ALA J 109 -33.60 40.32 -14.88
CA ALA J 109 -32.35 40.07 -15.57
C ALA J 109 -32.56 39.05 -16.68
N THR J 110 -31.87 39.25 -17.81
CA THR J 110 -31.92 38.32 -18.93
C THR J 110 -30.56 38.29 -19.62
N TRP J 111 -30.22 37.14 -20.18
CA TRP J 111 -28.93 36.93 -20.84
C TRP J 111 -29.05 37.38 -22.29
N ASP J 112 -28.66 38.62 -22.55
CA ASP J 112 -28.67 39.15 -23.91
C ASP J 112 -27.61 38.43 -24.75
N ARG J 113 -27.91 38.25 -26.04
CA ARG J 113 -26.95 37.59 -26.93
C ARG J 113 -27.25 38.01 -28.37
N ARG J 114 -26.41 38.91 -28.90
CA ARG J 114 -26.37 39.08 -30.35
C ARG J 114 -24.97 39.55 -30.79
N PRO J 115 -24.55 40.83 -30.59
CA PRO J 115 -23.18 41.19 -30.98
C PRO J 115 -22.15 40.53 -30.08
N THR J 116 -22.32 40.76 -28.77
CA THR J 116 -21.50 40.12 -27.75
C THR J 116 -22.39 39.85 -26.55
N ALA J 117 -22.59 38.57 -26.24
CA ALA J 117 -23.54 38.18 -25.20
C ALA J 117 -23.04 38.57 -23.82
N TYR J 118 -23.95 39.08 -23.00
CA TYR J 118 -23.63 39.46 -21.63
C TYR J 118 -24.92 39.64 -20.84
N VAL J 119 -24.82 39.41 -19.53
CA VAL J 119 -25.99 39.55 -18.66
C VAL J 119 -26.40 41.02 -18.57
N VAL J 120 -27.71 41.26 -18.55
CA VAL J 120 -28.25 42.61 -18.50
C VAL J 120 -29.24 42.68 -17.35
N PHE J 121 -29.13 43.71 -16.52
CA PHE J 121 -29.99 43.90 -15.36
C PHE J 121 -31.01 45.00 -15.63
N GLY J 122 -32.04 45.03 -14.80
CA GLY J 122 -33.10 46.00 -14.93
C GLY J 122 -32.73 47.36 -14.35
N GLY J 123 -33.75 48.18 -14.17
CA GLY J 123 -33.55 49.54 -13.69
C GLY J 123 -33.85 49.72 -12.21
N GLY J 124 -34.84 49.00 -11.70
CA GLY J 124 -35.21 49.10 -10.30
C GLY J 124 -36.69 49.40 -10.11
N THR J 125 -37.23 48.96 -8.98
CA THR J 125 -38.65 49.16 -8.69
C THR J 125 -38.83 49.27 -7.18
N LYS J 126 -39.46 50.34 -6.72
CA LYS J 126 -39.65 50.59 -5.29
C LYS J 126 -41.10 50.29 -4.94
N LEU J 127 -41.34 49.04 -4.55
CA LEU J 127 -42.65 48.58 -4.11
C LEU J 127 -42.93 49.16 -2.73
N THR J 128 -43.74 50.21 -2.68
CA THR J 128 -44.05 50.90 -1.44
C THR J 128 -45.32 50.31 -0.83
N VAL J 129 -45.26 49.96 0.45
CA VAL J 129 -46.39 49.38 1.16
C VAL J 129 -46.97 50.43 2.10
N LEU J 130 -48.30 50.43 2.21
CA LEU J 130 -48.99 51.35 3.10
C LEU J 130 -49.07 50.79 4.52
N VAL K 22 -51.07 -33.93 0.66
CA VAL K 22 -50.40 -35.03 1.35
C VAL K 22 -49.99 -36.11 0.34
N LEU K 23 -48.82 -36.69 0.56
CA LEU K 23 -48.28 -37.74 -0.30
C LEU K 23 -48.43 -39.08 0.41
N THR K 24 -49.02 -40.06 -0.29
CA THR K 24 -49.27 -41.38 0.27
C THR K 24 -48.51 -42.42 -0.54
N GLN K 25 -47.73 -43.24 0.15
CA GLN K 25 -46.94 -44.31 -0.45
C GLN K 25 -47.40 -45.66 0.09
N PRO K 26 -47.09 -46.75 -0.62
CA PRO K 26 -47.30 -48.09 -0.07
C PRO K 26 -46.44 -48.28 1.17
N PRO K 27 -47.06 -48.59 2.32
CA PRO K 27 -46.30 -48.65 3.58
C PRO K 27 -45.18 -49.67 3.58
N SER K 28 -45.36 -50.82 2.92
CA SER K 28 -44.35 -51.88 2.96
C SER K 28 -44.12 -52.42 1.57
N VAL K 29 -42.89 -52.89 1.35
CA VAL K 29 -42.49 -53.50 0.08
C VAL K 29 -41.59 -54.69 0.38
N SER K 30 -41.86 -55.82 -0.27
CA SER K 30 -41.07 -57.03 -0.09
C SER K 30 -40.70 -57.60 -1.45
N ALA K 31 -39.42 -57.89 -1.64
CA ALA K 31 -38.92 -58.43 -2.90
C ALA K 31 -37.81 -59.44 -2.60
N ALA K 32 -37.07 -59.82 -3.63
CA ALA K 32 -36.01 -60.80 -3.55
C ALA K 32 -34.73 -60.22 -4.14
N PRO K 33 -33.56 -60.74 -3.75
CA PRO K 33 -32.31 -60.25 -4.33
C PRO K 33 -32.28 -60.39 -5.84
N GLY K 34 -31.76 -59.37 -6.51
CA GLY K 34 -31.59 -59.39 -7.95
C GLY K 34 -32.79 -58.98 -8.77
N GLN K 35 -33.95 -58.78 -8.15
CA GLN K 35 -35.14 -58.39 -8.88
C GLN K 35 -35.21 -56.87 -9.03
N LYS K 36 -36.33 -56.39 -9.60
CA LYS K 36 -36.57 -54.97 -9.80
C LYS K 36 -37.84 -54.58 -9.07
N VAL K 37 -37.79 -53.47 -8.34
CA VAL K 37 -38.91 -53.00 -7.53
C VAL K 37 -39.25 -51.58 -7.96
N THR K 38 -40.51 -51.20 -7.70
CA THR K 38 -41.00 -49.87 -8.04
C THR K 38 -41.91 -49.38 -6.93
N ILE K 39 -41.60 -48.21 -6.37
CA ILE K 39 -42.43 -47.58 -5.36
C ILE K 39 -43.12 -46.38 -5.98
N SER K 40 -44.39 -46.19 -5.64
CA SER K 40 -45.21 -45.14 -6.24
C SER K 40 -45.61 -44.12 -5.18
N CYS K 41 -45.35 -42.85 -5.48
CA CYS K 41 -45.76 -41.74 -4.63
C CYS K 41 -46.94 -41.05 -5.29
N SER K 42 -48.11 -41.10 -4.65
CA SER K 42 -49.32 -40.51 -5.17
C SER K 42 -49.71 -39.29 -4.36
N GLY K 43 -50.16 -38.24 -5.05
CA GLY K 43 -50.50 -37.00 -4.40
C GLY K 43 -51.84 -36.42 -4.82
N SER K 44 -51.83 -35.16 -5.25
CA SER K 44 -53.05 -34.47 -5.64
C SER K 44 -52.67 -33.34 -6.58
N SER K 45 -53.68 -32.75 -7.22
CA SER K 45 -53.46 -31.63 -8.12
C SER K 45 -52.89 -30.41 -7.41
N SER K 46 -53.00 -30.35 -6.08
CA SER K 46 -52.43 -29.23 -5.34
C SER K 46 -50.92 -29.24 -5.31
N ASN K 47 -50.29 -30.41 -5.17
CA ASN K 47 -48.85 -30.48 -4.98
C ASN K 47 -48.12 -31.21 -6.09
N ILE K 48 -48.53 -32.45 -6.40
CA ILE K 48 -47.81 -33.25 -7.37
C ILE K 48 -48.14 -32.82 -8.80
N GLY K 49 -49.34 -32.31 -9.03
CA GLY K 49 -49.77 -31.98 -10.38
C GLY K 49 -49.06 -30.81 -11.01
N ASN K 50 -48.44 -29.94 -10.22
CA ASN K 50 -47.83 -28.73 -10.77
C ASN K 50 -46.47 -28.46 -10.11
N ASP K 51 -45.70 -29.51 -9.85
CA ASP K 51 -44.35 -29.32 -9.33
C ASP K 51 -43.53 -30.58 -9.59
N TYR K 52 -42.36 -30.66 -8.98
CA TYR K 52 -41.44 -31.80 -9.11
C TYR K 52 -41.53 -32.66 -7.85
N VAL K 53 -40.86 -33.82 -7.90
CA VAL K 53 -40.82 -34.75 -6.79
C VAL K 53 -39.38 -35.22 -6.59
N SER K 54 -38.92 -35.24 -5.35
CA SER K 54 -37.57 -35.68 -5.02
C SER K 54 -37.63 -36.91 -4.12
N TRP K 55 -36.59 -37.73 -4.20
CA TRP K 55 -36.55 -39.02 -3.50
C TRP K 55 -35.37 -39.05 -2.54
N TYR K 56 -35.62 -39.53 -1.33
CA TYR K 56 -34.61 -39.64 -0.29
C TYR K 56 -34.60 -41.06 0.27
N GLN K 57 -33.41 -41.53 0.65
CA GLN K 57 -33.23 -42.85 1.22
C GLN K 57 -32.50 -42.71 2.54
N GLN K 58 -33.09 -43.23 3.62
CA GLN K 58 -32.52 -43.09 4.96
C GLN K 58 -32.20 -44.48 5.51
N LEU K 59 -30.91 -44.78 5.63
CA LEU K 59 -30.49 -45.97 6.34
C LEU K 59 -30.79 -45.83 7.82
N PRO K 60 -30.97 -46.94 8.54
CA PRO K 60 -31.26 -46.85 9.97
C PRO K 60 -30.08 -46.28 10.76
N GLY K 61 -30.25 -45.07 11.30
CA GLY K 61 -29.23 -44.43 12.09
C GLY K 61 -28.46 -43.31 11.43
N THR K 62 -28.82 -42.93 10.20
CA THR K 62 -28.12 -41.87 9.49
C THR K 62 -29.15 -40.86 8.96
N ALA K 63 -28.63 -39.76 8.42
CA ALA K 63 -29.44 -38.72 7.81
C ALA K 63 -29.88 -39.13 6.41
N PRO K 64 -30.98 -38.58 5.91
CA PRO K 64 -31.44 -38.93 4.56
C PRO K 64 -30.41 -38.57 3.50
N LYS K 65 -30.58 -39.17 2.33
CA LYS K 65 -29.66 -38.97 1.21
C LYS K 65 -30.49 -38.80 -0.06
N LEU K 66 -30.11 -37.81 -0.87
CA LEU K 66 -30.85 -37.50 -2.09
C LEU K 66 -30.56 -38.54 -3.16
N LEU K 67 -31.63 -39.10 -3.74
CA LEU K 67 -31.48 -40.07 -4.82
C LEU K 67 -31.85 -39.47 -6.17
N ILE K 68 -33.06 -38.94 -6.28
CA ILE K 68 -33.59 -38.45 -7.55
C ILE K 68 -34.19 -37.07 -7.32
N TYR K 69 -33.84 -36.12 -8.16
CA TYR K 69 -34.42 -34.78 -8.14
C TYR K 69 -34.85 -34.39 -9.56
N ASP K 70 -35.63 -33.31 -9.64
CA ASP K 70 -36.12 -32.78 -10.92
C ASP K 70 -36.88 -33.84 -11.72
N ASN K 71 -37.48 -34.76 -10.96
CA ASN K 71 -38.42 -35.79 -11.42
C ASN K 71 -37.78 -36.92 -12.21
N ASN K 72 -36.55 -36.74 -12.72
CA ASN K 72 -35.84 -37.88 -13.28
C ASN K 72 -34.32 -37.77 -13.20
N LYS K 73 -33.79 -36.84 -12.42
CA LYS K 73 -32.36 -36.54 -12.47
C LYS K 73 -31.62 -37.23 -11.33
N ARG K 74 -30.30 -37.29 -11.48
CA ARG K 74 -29.42 -38.00 -10.56
C ARG K 74 -28.23 -37.14 -10.17
N PRO K 75 -27.87 -37.12 -8.89
CA PRO K 75 -26.66 -36.38 -8.48
C PRO K 75 -25.40 -37.13 -8.87
N SER K 76 -24.24 -36.60 -8.49
CA SER K 76 -22.97 -37.27 -8.72
C SER K 76 -22.74 -38.32 -7.65
N GLY K 77 -22.25 -39.49 -8.09
CA GLY K 77 -22.01 -40.58 -7.17
C GLY K 77 -23.21 -41.45 -6.88
N ILE K 78 -24.25 -41.38 -7.70
CA ILE K 78 -25.44 -42.21 -7.53
C ILE K 78 -25.45 -43.25 -8.65
N PRO K 79 -25.68 -44.53 -8.33
CA PRO K 79 -25.61 -45.57 -9.37
C PRO K 79 -26.73 -45.43 -10.39
N ASP K 80 -26.53 -46.10 -11.53
CA ASP K 80 -27.53 -46.13 -12.59
C ASP K 80 -28.70 -47.05 -12.26
N ARG K 81 -28.57 -47.86 -11.21
CA ARG K 81 -29.65 -48.76 -10.81
C ARG K 81 -30.89 -48.02 -10.33
N PHE K 82 -30.74 -46.77 -9.89
CA PHE K 82 -31.84 -45.96 -9.41
C PHE K 82 -32.36 -45.08 -10.54
N SER K 83 -33.67 -45.02 -10.69
CA SER K 83 -34.26 -44.08 -11.64
C SER K 83 -35.66 -43.74 -11.17
N GLY K 84 -36.30 -42.81 -11.89
CA GLY K 84 -37.65 -42.43 -11.52
C GLY K 84 -38.32 -41.63 -12.61
N SER K 85 -39.62 -41.45 -12.45
CA SER K 85 -40.42 -40.66 -13.39
C SER K 85 -41.70 -40.23 -12.68
N LYS K 86 -42.54 -39.49 -13.41
CA LYS K 86 -43.82 -39.02 -12.89
C LYS K 86 -44.89 -39.16 -13.97
N SER K 87 -46.08 -39.59 -13.57
CA SER K 87 -47.16 -39.87 -14.51
C SER K 87 -48.41 -39.12 -14.08
N GLY K 88 -48.53 -37.87 -14.53
CA GLY K 88 -49.74 -37.08 -14.34
C GLY K 88 -49.89 -36.48 -12.97
N THR K 89 -50.29 -37.31 -11.99
CA THR K 89 -50.41 -36.88 -10.60
C THR K 89 -49.88 -38.02 -9.72
N SER K 90 -48.79 -38.65 -10.17
CA SER K 90 -48.18 -39.76 -9.46
C SER K 90 -46.78 -40.03 -10.00
N ALA K 91 -45.82 -40.20 -9.09
CA ALA K 91 -44.44 -40.47 -9.47
C ALA K 91 -44.08 -41.89 -9.06
N THR K 92 -42.96 -42.38 -9.58
CA THR K 92 -42.53 -43.75 -9.34
C THR K 92 -41.01 -43.80 -9.36
N LEU K 93 -40.44 -44.40 -8.31
CA LEU K 93 -39.02 -44.69 -8.22
C LEU K 93 -38.78 -46.16 -8.51
N GLY K 94 -37.86 -46.43 -9.43
CA GLY K 94 -37.53 -47.78 -9.83
C GLY K 94 -36.11 -48.17 -9.48
N ILE K 95 -35.97 -49.29 -8.78
CA ILE K 95 -34.69 -49.87 -8.41
C ILE K 95 -34.54 -51.19 -9.15
N THR K 96 -33.36 -51.42 -9.73
CA THR K 96 -33.07 -52.67 -10.43
C THR K 96 -31.67 -53.13 -10.06
N GLY K 97 -31.54 -54.40 -9.66
CA GLY K 97 -30.26 -54.92 -9.23
C GLY K 97 -30.16 -54.98 -7.72
N LEU K 98 -31.22 -55.50 -7.09
CA LEU K 98 -31.35 -55.43 -5.64
C LEU K 98 -30.26 -56.22 -4.94
N GLN K 99 -29.72 -55.65 -3.88
CA GLN K 99 -28.72 -56.33 -3.04
C GLN K 99 -29.07 -56.08 -1.58
N THR K 100 -28.16 -56.42 -0.67
CA THR K 100 -28.41 -56.35 0.76
C THR K 100 -28.09 -54.99 1.37
N GLY K 101 -27.61 -54.05 0.58
CA GLY K 101 -27.35 -52.70 1.08
C GLY K 101 -28.42 -51.72 0.68
N ASP K 102 -29.65 -52.21 0.48
CA ASP K 102 -30.70 -51.38 -0.11
C ASP K 102 -31.97 -51.28 0.73
N GLU K 103 -32.15 -52.09 1.77
CA GLU K 103 -33.38 -52.07 2.56
C GLU K 103 -33.33 -50.88 3.53
N ALA K 104 -34.20 -49.91 3.31
CA ALA K 104 -34.28 -48.72 4.13
C ALA K 104 -35.64 -48.07 3.98
N ASN K 105 -35.78 -46.82 4.43
CA ASN K 105 -36.99 -46.05 4.24
C ASN K 105 -36.77 -45.02 3.13
N TYR K 106 -37.74 -44.97 2.21
CA TYR K 106 -37.66 -44.10 1.05
C TYR K 106 -38.80 -43.10 1.09
N TYR K 107 -38.47 -41.82 0.92
CA TYR K 107 -39.43 -40.73 1.07
C TYR K 107 -39.50 -39.90 -0.20
N CYS K 108 -40.71 -39.49 -0.56
CA CYS K 108 -40.95 -38.57 -1.67
C CYS K 108 -41.35 -37.21 -1.12
N ALA K 109 -40.76 -36.17 -1.70
CA ALA K 109 -40.95 -34.81 -1.20
C ALA K 109 -41.30 -33.88 -2.35
N THR K 110 -42.14 -32.88 -2.05
CA THR K 110 -42.54 -31.89 -3.04
C THR K 110 -42.86 -30.57 -2.36
N TRP K 111 -42.63 -29.47 -3.07
CA TRP K 111 -42.85 -28.12 -2.54
C TRP K 111 -44.27 -27.70 -2.84
N ASP K 112 -45.18 -27.93 -1.89
CA ASP K 112 -46.56 -27.54 -2.07
C ASP K 112 -46.70 -26.03 -2.04
N ARG K 113 -47.54 -25.50 -2.93
CA ARG K 113 -47.72 -24.05 -3.01
C ARG K 113 -49.06 -23.64 -3.57
N ARG K 114 -50.01 -23.26 -2.70
CA ARG K 114 -51.16 -22.51 -3.19
C ARG K 114 -51.62 -21.51 -2.12
N PRO K 115 -52.26 -21.93 -0.99
CA PRO K 115 -52.60 -20.92 0.03
C PRO K 115 -51.34 -20.38 0.69
N THR K 116 -50.55 -21.30 1.25
CA THR K 116 -49.22 -21.00 1.72
C THR K 116 -48.29 -22.15 1.34
N ALA K 117 -47.06 -21.82 0.99
CA ALA K 117 -46.15 -22.78 0.39
C ALA K 117 -45.17 -23.33 1.41
N TYR K 118 -44.94 -24.64 1.34
CA TYR K 118 -43.98 -25.30 2.22
C TYR K 118 -43.64 -26.66 1.65
N VAL K 119 -42.52 -27.22 2.11
CA VAL K 119 -42.10 -28.54 1.67
C VAL K 119 -42.94 -29.60 2.38
N VAL K 120 -43.28 -30.66 1.65
CA VAL K 120 -44.12 -31.74 2.17
C VAL K 120 -43.42 -33.06 1.87
N PHE K 121 -43.30 -33.91 2.88
CA PHE K 121 -42.64 -35.19 2.78
C PHE K 121 -43.67 -36.31 2.69
N GLY K 122 -43.20 -37.49 2.29
CA GLY K 122 -44.03 -38.66 2.17
C GLY K 122 -44.29 -39.33 3.51
N GLY K 123 -44.90 -40.50 3.44
CA GLY K 123 -45.24 -41.25 4.63
C GLY K 123 -44.21 -42.29 5.03
N GLY K 124 -43.53 -42.86 4.04
CA GLY K 124 -42.52 -43.87 4.30
C GLY K 124 -42.78 -45.18 3.59
N THR K 125 -41.72 -45.88 3.20
CA THR K 125 -41.85 -47.16 2.51
C THR K 125 -40.71 -48.06 2.98
N LYS K 126 -41.07 -49.18 3.61
CA LYS K 126 -40.10 -50.10 4.19
C LYS K 126 -39.78 -51.19 3.16
N LEU K 127 -38.77 -50.92 2.33
CA LEU K 127 -38.31 -51.90 1.36
C LEU K 127 -37.67 -53.07 2.10
N THR K 128 -38.15 -54.27 1.83
CA THR K 128 -37.69 -55.48 2.49
C THR K 128 -37.12 -56.46 1.46
N VAL K 129 -35.91 -56.95 1.73
CA VAL K 129 -35.30 -58.00 0.92
C VAL K 129 -35.06 -59.20 1.82
N LEU K 130 -35.10 -60.39 1.20
CA LEU K 130 -34.95 -61.63 1.94
C LEU K 130 -33.74 -62.43 1.47
N VAL L 22 11.75 -19.68 -56.88
CA VAL L 22 13.06 -19.04 -56.93
C VAL L 22 12.94 -17.71 -57.67
N LEU L 23 13.62 -16.68 -57.15
CA LEU L 23 13.63 -15.35 -57.75
C LEU L 23 14.94 -15.15 -58.50
N THR L 24 14.84 -14.76 -59.77
CA THR L 24 16.00 -14.58 -60.63
C THR L 24 16.12 -13.11 -61.01
N GLN L 25 17.30 -12.54 -60.80
CA GLN L 25 17.60 -11.15 -61.09
C GLN L 25 18.71 -11.04 -62.12
N PRO L 26 18.82 -9.91 -62.81
CA PRO L 26 19.99 -9.66 -63.64
C PRO L 26 21.25 -9.58 -62.79
N PRO L 27 22.24 -10.43 -63.06
CA PRO L 27 23.41 -10.50 -62.17
C PRO L 27 24.18 -9.20 -62.04
N SER L 28 24.29 -8.41 -63.11
CA SER L 28 25.09 -7.19 -63.06
C SER L 28 24.36 -6.07 -63.79
N VAL L 29 24.62 -4.84 -63.33
CA VAL L 29 24.03 -3.64 -63.89
C VAL L 29 25.10 -2.55 -63.92
N SER L 30 25.16 -1.80 -65.02
CA SER L 30 26.11 -0.70 -65.14
C SER L 30 25.41 0.49 -65.79
N ALA L 31 25.46 1.64 -65.14
CA ALA L 31 24.85 2.87 -65.66
C ALA L 31 25.75 4.05 -65.29
N ALA L 32 25.30 5.25 -65.63
CA ALA L 32 26.09 6.47 -65.47
C ALA L 32 25.54 7.34 -64.35
N PRO L 33 26.38 8.14 -63.69
CA PRO L 33 25.90 9.03 -62.63
C PRO L 33 24.85 10.01 -63.17
N GLY L 34 23.78 10.19 -62.39
CA GLY L 34 22.70 11.07 -62.76
C GLY L 34 21.62 10.43 -63.60
N GLN L 35 21.83 9.20 -64.07
CA GLN L 35 20.82 8.51 -64.87
C GLN L 35 19.84 7.75 -63.97
N LYS L 36 18.91 7.05 -64.61
CA LYS L 36 17.90 6.26 -63.92
C LYS L 36 18.06 4.81 -64.30
N VAL L 37 17.99 3.92 -63.30
CA VAL L 37 18.22 2.50 -63.49
C VAL L 37 17.04 1.72 -62.95
N THR L 38 16.87 0.51 -63.49
CA THR L 38 15.73 -0.35 -63.17
C THR L 38 16.20 -1.80 -63.09
N ILE L 39 15.91 -2.45 -61.97
CA ILE L 39 16.22 -3.87 -61.78
C ILE L 39 14.92 -4.64 -61.66
N SER L 40 14.85 -5.79 -62.31
CA SER L 40 13.64 -6.59 -62.37
C SER L 40 13.82 -7.89 -61.60
N CYS L 41 12.91 -8.16 -60.68
CA CYS L 41 12.84 -9.44 -59.98
C CYS L 41 11.73 -10.28 -60.61
N SER L 42 12.11 -11.37 -61.24
CA SER L 42 11.16 -12.28 -61.89
C SER L 42 11.08 -13.58 -61.11
N GLY L 43 9.86 -14.10 -61.00
CA GLY L 43 9.64 -15.32 -60.23
C GLY L 43 8.71 -16.31 -60.90
N SER L 44 7.68 -16.74 -60.17
CA SER L 44 6.75 -17.74 -60.68
C SER L 44 5.40 -17.54 -60.00
N SER L 45 4.39 -18.20 -60.54
CA SER L 45 3.05 -18.12 -59.97
C SER L 45 2.96 -18.70 -58.56
N SER L 46 3.96 -19.47 -58.14
CA SER L 46 3.97 -20.01 -56.79
C SER L 46 4.27 -18.96 -55.73
N ASN L 47 5.17 -18.02 -56.01
CA ASN L 47 5.60 -17.06 -54.99
C ASN L 47 5.27 -15.62 -55.36
N ILE L 48 5.71 -15.17 -56.53
CA ILE L 48 5.54 -13.76 -56.91
C ILE L 48 4.08 -13.43 -57.22
N GLY L 49 3.35 -14.35 -57.83
CA GLY L 49 2.02 -14.05 -58.32
C GLY L 49 0.94 -13.92 -57.27
N ASN L 50 1.22 -14.28 -56.02
CA ASN L 50 0.17 -14.27 -55.00
C ASN L 50 0.71 -13.72 -53.67
N ASP L 51 1.68 -12.82 -53.73
CA ASP L 51 2.16 -12.19 -52.51
C ASP L 51 2.84 -10.85 -52.86
N TYR L 52 3.54 -10.27 -51.90
CA TYR L 52 4.23 -8.99 -52.05
C TYR L 52 5.72 -9.25 -52.27
N VAL L 53 6.45 -8.18 -52.58
CA VAL L 53 7.89 -8.23 -52.79
C VAL L 53 8.54 -7.10 -52.02
N SER L 54 9.64 -7.40 -51.33
CA SER L 54 10.39 -6.41 -50.57
C SER L 54 11.80 -6.31 -51.12
N TRP L 55 12.40 -5.13 -50.97
CA TRP L 55 13.71 -4.83 -51.54
C TRP L 55 14.69 -4.46 -50.43
N TYR L 56 15.90 -5.00 -50.53
CA TYR L 56 16.96 -4.76 -49.56
C TYR L 56 18.23 -4.32 -50.27
N GLN L 57 18.99 -3.45 -49.62
CA GLN L 57 20.24 -2.93 -50.17
C GLN L 57 21.35 -3.18 -49.15
N GLN L 58 22.38 -3.90 -49.56
CA GLN L 58 23.52 -4.21 -48.69
C GLN L 58 24.78 -3.59 -49.28
N LEU L 59 25.36 -2.63 -48.55
CA LEU L 59 26.67 -2.12 -48.86
C LEU L 59 27.72 -3.16 -48.45
N PRO L 60 28.91 -3.11 -49.02
CA PRO L 60 29.95 -4.07 -48.62
C PRO L 60 30.40 -3.87 -47.18
N GLY L 61 30.08 -4.82 -46.31
CA GLY L 61 30.51 -4.80 -44.94
C GLY L 61 29.45 -4.47 -43.89
N THR L 62 28.19 -4.31 -44.30
CA THR L 62 27.12 -3.99 -43.36
C THR L 62 25.95 -4.95 -43.58
N ALA L 63 24.97 -4.89 -42.68
CA ALA L 63 23.76 -5.67 -42.77
C ALA L 63 22.81 -5.06 -43.81
N PRO L 64 21.91 -5.88 -44.37
CA PRO L 64 20.96 -5.35 -45.36
C PRO L 64 20.07 -4.26 -44.77
N LYS L 65 19.47 -3.48 -45.66
CA LYS L 65 18.62 -2.37 -45.28
C LYS L 65 17.37 -2.37 -46.13
N LEU L 66 16.21 -2.22 -45.50
CA LEU L 66 14.94 -2.25 -46.21
C LEU L 66 14.75 -0.98 -47.03
N LEU L 67 14.36 -1.15 -48.29
CA LEU L 67 14.10 -0.02 -49.19
C LEU L 67 12.61 0.07 -49.51
N ILE L 68 12.01 -0.99 -50.04
CA ILE L 68 10.63 -0.98 -50.51
C ILE L 68 9.93 -2.20 -49.94
N TYR L 69 8.75 -2.00 -49.35
CA TYR L 69 7.90 -3.09 -48.89
C TYR L 69 6.48 -2.87 -49.38
N ASP L 70 5.67 -3.93 -49.25
CA ASP L 70 4.26 -3.90 -49.66
C ASP L 70 4.11 -3.50 -51.13
N ASN L 71 5.16 -3.85 -51.89
CA ASN L 71 5.22 -3.77 -53.34
C ASN L 71 5.35 -2.36 -53.91
N ASN L 72 5.05 -1.32 -53.12
CA ASN L 72 5.38 0.03 -53.54
C ASN L 72 5.62 1.01 -52.40
N LYS L 73 5.79 0.53 -51.17
CA LYS L 73 5.82 1.42 -50.02
C LYS L 73 7.25 1.72 -49.59
N ARG L 74 7.39 2.75 -48.76
CA ARG L 74 8.67 3.26 -48.33
C ARG L 74 8.69 3.48 -46.83
N PRO L 75 9.75 3.06 -46.14
CA PRO L 75 9.87 3.36 -44.71
C PRO L 75 10.20 4.82 -44.45
N SER L 76 10.40 5.18 -43.19
CA SER L 76 10.82 6.52 -42.82
C SER L 76 12.32 6.67 -43.04
N GLY L 77 12.73 7.83 -43.55
CA GLY L 77 14.13 8.07 -43.80
C GLY L 77 14.66 7.52 -45.10
N ILE L 78 13.78 7.12 -46.02
CA ILE L 78 14.20 6.62 -47.33
C ILE L 78 13.90 7.69 -48.37
N PRO L 79 14.85 8.02 -49.24
CA PRO L 79 14.63 9.10 -50.21
C PRO L 79 13.56 8.75 -51.22
N ASP L 80 13.03 9.80 -51.84
CA ASP L 80 12.04 9.65 -52.91
C ASP L 80 12.66 9.12 -54.20
N ARG L 81 13.98 9.07 -54.30
CA ARG L 81 14.65 8.58 -55.50
C ARG L 81 14.40 7.10 -55.74
N PHE L 82 14.07 6.34 -54.70
CA PHE L 82 13.81 4.91 -54.80
C PHE L 82 12.32 4.68 -54.95
N SER L 83 11.95 3.78 -55.86
CA SER L 83 10.54 3.38 -55.98
C SER L 83 10.49 1.99 -56.57
N GLY L 84 9.28 1.43 -56.62
CA GLY L 84 9.11 0.09 -57.15
C GLY L 84 7.66 -0.20 -57.47
N SER L 85 7.45 -1.29 -58.19
CA SER L 85 6.11 -1.75 -58.56
C SER L 85 6.18 -3.23 -58.89
N LYS L 86 5.03 -3.81 -59.24
CA LYS L 86 4.93 -5.22 -59.58
C LYS L 86 3.99 -5.38 -60.77
N SER L 87 4.35 -6.24 -61.72
CA SER L 87 3.60 -6.42 -62.96
C SER L 87 3.35 -7.90 -63.21
N GLY L 88 2.27 -8.41 -62.64
CA GLY L 88 1.80 -9.76 -62.94
C GLY L 88 2.55 -10.86 -62.22
N THR L 89 3.74 -11.19 -62.70
CA THR L 89 4.60 -12.18 -62.08
C THR L 89 6.04 -11.66 -62.14
N SER L 90 6.19 -10.36 -61.96
CA SER L 90 7.50 -9.71 -62.01
C SER L 90 7.44 -8.32 -61.40
N ALA L 91 8.38 -8.01 -60.52
CA ALA L 91 8.45 -6.72 -59.86
C ALA L 91 9.67 -5.96 -60.37
N THR L 92 9.70 -4.66 -60.08
CA THR L 92 10.76 -3.80 -60.60
C THR L 92 11.06 -2.69 -59.59
N LEU L 93 12.35 -2.46 -59.35
CA LEU L 93 12.84 -1.37 -58.53
C LEU L 93 13.54 -0.35 -59.40
N GLY L 94 13.15 0.92 -59.24
CA GLY L 94 13.72 2.00 -60.00
C GLY L 94 14.40 3.05 -59.14
N ILE L 95 15.63 3.38 -59.49
CA ILE L 95 16.41 4.41 -58.82
C ILE L 95 16.72 5.53 -59.82
N THR L 96 16.27 6.74 -59.51
CA THR L 96 16.52 7.89 -60.36
C THR L 96 17.27 8.95 -59.55
N GLY L 97 18.29 9.54 -60.16
CA GLY L 97 19.19 10.42 -59.48
C GLY L 97 20.46 9.75 -58.98
N LEU L 98 21.17 9.04 -59.85
CA LEU L 98 22.25 8.16 -59.42
C LEU L 98 23.39 8.95 -58.79
N GLN L 99 24.07 8.31 -57.85
CA GLN L 99 25.19 8.92 -57.14
C GLN L 99 26.24 7.83 -56.96
N THR L 100 27.30 8.11 -56.19
CA THR L 100 28.32 7.12 -55.89
C THR L 100 28.04 6.33 -54.63
N GLY L 101 27.10 6.78 -53.80
CA GLY L 101 26.75 6.08 -52.59
C GLY L 101 25.70 5.01 -52.83
N ASP L 102 25.49 4.69 -54.11
CA ASP L 102 24.56 3.63 -54.51
C ASP L 102 25.30 2.36 -54.93
N GLU L 103 26.59 2.27 -54.62
CA GLU L 103 27.40 1.08 -54.93
C GLU L 103 27.10 0.01 -53.88
N ALA L 104 26.29 -0.98 -54.26
CA ALA L 104 25.88 -2.02 -53.32
C ALA L 104 25.27 -3.22 -54.03
N ASN L 105 24.72 -4.16 -53.26
CA ASN L 105 23.96 -5.27 -53.80
C ASN L 105 22.50 -5.13 -53.42
N TYR L 106 21.61 -5.53 -54.33
CA TYR L 106 20.18 -5.35 -54.14
C TYR L 106 19.48 -6.69 -54.24
N TYR L 107 18.61 -6.97 -53.27
CA TYR L 107 17.95 -8.27 -53.15
C TYR L 107 16.43 -8.08 -53.10
N CYS L 108 15.71 -9.00 -53.72
CA CYS L 108 14.26 -9.05 -53.67
C CYS L 108 13.81 -10.29 -52.91
N ALA L 109 12.80 -10.12 -52.05
CA ALA L 109 12.35 -11.19 -51.19
C ALA L 109 10.83 -11.28 -51.22
N THR L 110 10.31 -12.50 -51.11
CA THR L 110 8.87 -12.74 -51.06
C THR L 110 8.60 -13.95 -50.19
N TRP L 111 7.44 -13.95 -49.53
CA TRP L 111 7.04 -15.01 -48.62
C TRP L 111 6.33 -16.10 -49.41
N ASP L 112 7.08 -17.12 -49.83
CA ASP L 112 6.49 -18.24 -50.55
C ASP L 112 5.61 -19.06 -49.60
N ARG L 113 4.51 -19.57 -50.15
CA ARG L 113 3.60 -20.39 -49.34
C ARG L 113 2.80 -21.30 -50.28
N ARG L 114 3.20 -22.58 -50.34
CA ARG L 114 2.30 -23.59 -50.90
C ARG L 114 2.51 -24.92 -50.18
N PRO L 115 3.59 -25.71 -50.43
CA PRO L 115 3.74 -26.97 -49.68
C PRO L 115 4.07 -26.69 -48.22
N THR L 116 5.14 -25.94 -48.00
CA THR L 116 5.48 -25.38 -46.71
C THR L 116 6.02 -23.98 -46.92
N ALA L 117 5.60 -23.05 -46.08
CA ALA L 117 5.87 -21.64 -46.31
C ALA L 117 7.19 -21.22 -45.65
N TYR L 118 7.95 -20.40 -46.38
CA TYR L 118 9.21 -19.87 -45.87
C TYR L 118 9.63 -18.70 -46.73
N VAL L 119 10.39 -17.78 -46.13
CA VAL L 119 10.88 -16.61 -46.85
C VAL L 119 11.92 -17.03 -47.89
N VAL L 120 11.87 -16.38 -49.04
CA VAL L 120 12.77 -16.69 -50.15
C VAL L 120 13.44 -15.40 -50.60
N PHE L 121 14.76 -15.45 -50.76
CA PHE L 121 15.54 -14.29 -51.17
C PHE L 121 15.97 -14.42 -52.63
N GLY L 122 16.40 -13.29 -53.19
CA GLY L 122 16.83 -13.25 -54.58
C GLY L 122 18.25 -13.73 -54.77
N GLY L 123 18.79 -13.42 -55.94
CA GLY L 123 20.12 -13.88 -56.30
C GLY L 123 21.20 -12.83 -56.14
N GLY L 124 20.87 -11.58 -56.42
CA GLY L 124 21.84 -10.50 -56.30
C GLY L 124 21.94 -9.66 -57.56
N THR L 125 22.35 -8.40 -57.41
CA THR L 125 22.45 -7.49 -58.54
C THR L 125 23.53 -6.47 -58.23
N LYS L 126 24.53 -6.36 -59.10
CA LYS L 126 25.65 -5.45 -58.91
C LYS L 126 25.41 -4.20 -59.76
N LEU L 127 24.73 -3.23 -59.19
CA LEU L 127 24.50 -1.96 -59.88
C LEU L 127 25.82 -1.18 -59.87
N THR L 128 26.39 -0.96 -61.05
CA THR L 128 27.70 -0.33 -61.19
C THR L 128 27.52 1.09 -61.73
N VAL L 129 28.21 2.04 -61.13
CA VAL L 129 28.20 3.42 -61.58
C VAL L 129 29.54 3.74 -62.22
N LEU L 130 29.56 4.70 -63.12
CA LEU L 130 30.80 5.15 -63.74
C LEU L 130 31.40 6.31 -62.94
C1 NAG M . -9.34 -24.43 -7.64
C2 NAG M . -10.30 -24.75 -6.49
C3 NAG M . -9.52 -25.24 -5.29
C4 NAG M . -8.65 -26.43 -5.67
C5 NAG M . -7.75 -26.05 -6.84
C6 NAG M . -6.92 -27.20 -7.35
C7 NAG M . -12.44 -23.63 -6.06
C8 NAG M . -13.11 -22.34 -5.69
N2 NAG M . -11.11 -23.59 -6.15
O3 NAG M . -10.46 -25.61 -4.27
O4 NAG M . -7.83 -26.83 -4.57
O5 NAG M . -8.55 -25.59 -7.94
O6 NAG M . -7.69 -28.08 -8.16
O7 NAG M . -13.07 -24.66 -6.26
C1 NAG M . -8.49 -27.88 -3.84
C2 NAG M . -7.47 -28.71 -3.08
C3 NAG M . -8.16 -29.78 -2.22
C4 NAG M . -9.21 -29.13 -1.33
C5 NAG M . -10.17 -28.29 -2.16
C6 NAG M . -11.17 -27.53 -1.32
C7 NAG M . -5.24 -28.98 -4.07
C8 NAG M . -4.40 -29.73 -5.06
N2 NAG M . -6.52 -29.34 -3.99
O3 NAG M . -7.20 -30.46 -1.44
O4 NAG M . -9.95 -30.14 -0.64
O5 NAG M . -9.43 -27.32 -2.91
O6 NAG M . -11.50 -26.29 -1.93
O7 NAG M . -4.76 -28.10 -3.36
C1 NAG N . 35.57 -25.67 21.12
C2 NAG N . 35.97 -25.54 22.59
C3 NAG N . 36.00 -26.92 23.26
C4 NAG N . 34.70 -27.66 23.02
C5 NAG N . 34.35 -27.69 21.54
C6 NAG N . 32.99 -28.28 21.26
C7 NAG N . 38.42 -25.32 22.35
C8 NAG N . 39.60 -24.44 22.61
N2 NAG N . 37.23 -24.84 22.75
O3 NAG N . 36.25 -26.77 24.65
O4 NAG N . 34.83 -28.99 23.51
O5 NAG N . 34.33 -26.35 21.02
O6 NAG N . 31.97 -27.53 21.89
O7 NAG N . 38.54 -26.41 21.81
C1 NAG N . 33.83 -29.27 24.51
C2 NAG N . 34.00 -30.74 24.94
C3 NAG N . 32.99 -31.09 26.02
C4 NAG N . 33.08 -30.10 27.18
C5 NAG N . 32.96 -28.67 26.67
C6 NAG N . 33.17 -27.64 27.74
C7 NAG N . 32.79 -31.78 23.05
C8 NAG N . 32.89 -32.77 21.92
N2 NAG N . 33.89 -31.64 23.80
O3 NAG N . 33.25 -32.42 26.49
O4 NAG N . 32.01 -30.35 28.10
O5 NAG N . 33.95 -28.43 25.66
O6 NAG N . 34.24 -28.00 28.62
O7 NAG N . 31.76 -31.15 23.26
C1 BMA N . 32.54 -30.91 29.32
C2 BMA N . 31.33 -31.15 30.26
C3 BMA N . 31.76 -31.95 31.50
C4 BMA N . 32.60 -33.19 31.11
C5 BMA N . 33.78 -32.75 30.25
C6 BMA N . 34.66 -33.90 29.82
O2 BMA N . 30.33 -31.91 29.61
O3 BMA N . 30.64 -32.35 32.27
O4 BMA N . 33.07 -33.84 32.27
O5 BMA N . 33.25 -32.12 29.07
O6 BMA N . 33.83 -35.03 29.62
C1 NAG O . -8.50 -3.17 -48.58
C2 NAG O . -8.31 -2.92 -50.07
C3 NAG O . -7.18 -1.93 -50.30
C4 NAG O . -7.42 -0.64 -49.51
C5 NAG O . -7.66 -0.98 -48.04
C6 NAG O . -8.03 0.22 -47.20
C7 NAG O . -8.78 -4.55 -51.83
C8 NAG O . -8.40 -5.86 -52.46
N2 NAG O . -8.06 -4.16 -50.78
O3 NAG O . -7.09 -1.65 -51.69
O4 NAG O . -6.29 0.22 -49.61
O5 NAG O . -8.73 -1.93 -47.91
O6 NAG O . -9.07 0.98 -47.82
O7 NAG O . -9.72 -3.89 -52.26
C1 NAG O . -6.44 1.14 -50.70
C2 NAG O . -5.62 2.40 -50.43
C3 NAG O . -5.67 3.34 -51.63
C4 NAG O . -5.27 2.61 -52.90
C5 NAG O . -6.11 1.35 -53.08
C6 NAG O . -5.69 0.51 -54.26
C7 NAG O . -5.38 3.18 -48.12
C8 NAG O . -6.03 3.91 -46.98
N2 NAG O . -6.10 3.08 -49.24
O3 NAG O . -4.80 4.44 -51.41
O4 NAG O . -5.45 3.46 -54.04
O5 NAG O . -5.98 0.52 -51.92
O6 NAG O . -6.41 -0.71 -54.31
O7 NAG O . -4.25 2.71 -48.02
C1 NAG P . 6.47 9.32 -24.76
C2 NAG P . 7.40 8.23 -25.29
C3 NAG P . 8.79 8.39 -24.68
C4 NAG P . 9.32 9.80 -24.95
C5 NAG P . 8.32 10.84 -24.45
C6 NAG P . 8.70 12.26 -24.78
C7 NAG P . 6.79 5.94 -25.91
C8 NAG P . 6.22 4.63 -25.44
N2 NAG P . 6.89 6.90 -24.99
O3 NAG P . 9.66 7.42 -25.25
O4 NAG P . 10.56 10.01 -24.29
O5 NAG P . 7.04 10.61 -25.06
O6 NAG P . 8.47 12.55 -26.15
O7 NAG P . 7.14 6.12 -27.08
C1 NAG P . 11.64 9.70 -25.18
C2 NAG P . 12.90 10.46 -24.76
C3 NAG P . 14.08 10.07 -25.65
C4 NAG P . 14.26 8.55 -25.66
C5 NAG P . 12.95 7.88 -26.05
C6 NAG P . 13.02 6.36 -25.96
C7 NAG P . 12.64 12.66 -23.72
C8 NAG P . 12.41 14.13 -23.96
N2 NAG P . 12.69 11.89 -24.81
O3 NAG P . 15.27 10.68 -25.16
O4 NAG P . 15.27 8.18 -26.59
O5 NAG P . 11.91 8.29 -25.16
O6 NAG P . 11.77 5.82 -25.55
O7 NAG P . 12.79 12.21 -22.59
C1 NAG Q . 37.62 27.19 14.71
C2 NAG Q . 38.79 26.66 15.54
C3 NAG Q . 40.12 27.03 14.89
C4 NAG Q . 40.15 26.58 13.43
C5 NAG Q . 38.93 27.11 12.69
C6 NAG Q . 38.82 26.59 11.28
C7 NAG Q . 38.89 28.41 17.29
C8 NAG Q . 38.78 28.68 18.75
N2 NAG Q . 38.73 27.13 16.91
O3 NAG Q . 41.20 26.42 15.61
O4 NAG Q . 41.33 27.09 12.82
O5 NAG Q . 37.73 26.70 13.37
O6 NAG Q . 38.75 25.16 11.26
O7 NAG Q . 39.10 29.30 16.48
C1 NAG Q . 42.12 26.01 12.27
C2 NAG Q . 43.34 26.64 11.58
C3 NAG Q . 44.24 25.55 11.00
C4 NAG Q . 44.61 24.54 12.08
C5 NAG Q . 43.35 24.01 12.77
C6 NAG Q . 43.65 23.10 13.93
C7 NAG Q . 42.23 27.26 9.45
C8 NAG Q . 41.94 28.39 8.52
N2 NAG Q . 42.94 27.58 10.54
O3 NAG Q . 45.42 26.15 10.47
O4 NAG Q . 45.31 23.44 11.49
O5 NAG Q . 42.57 25.10 13.28
O6 NAG Q . 44.75 23.57 14.69
O7 NAG Q . 41.86 26.12 9.22
C1 BMA Q . 46.69 23.47 11.89
C2 BMA Q . 47.39 22.27 11.20
C3 BMA Q . 48.90 22.35 11.37
C4 BMA Q . 49.44 23.75 11.04
C5 BMA Q . 48.69 24.80 11.88
C6 BMA Q . 49.17 26.21 11.62
O2 BMA Q . 47.13 22.28 9.80
O3 BMA Q . 49.57 21.37 10.57
O4 BMA Q . 50.83 23.82 11.32
O5 BMA Q . 47.30 24.71 11.54
O6 BMA Q . 49.57 26.29 10.25
C1 NAG R . -38.23 20.15 -23.91
C2 NAG R . -39.56 20.90 -24.12
C3 NAG R . -40.14 21.32 -22.78
C4 NAG R . -40.27 20.13 -21.85
C5 NAG R . -38.93 19.40 -21.74
C6 NAG R . -39.02 18.13 -20.93
C7 NAG R . -40.16 22.30 -26.05
C8 NAG R . -39.83 23.52 -26.84
N2 NAG R . -39.37 22.05 -25.00
O3 NAG R . -41.39 21.94 -23.01
O4 NAG R . -40.66 20.54 -20.55
O5 NAG R . -38.45 19.04 -23.04
O6 NAG R . -40.25 17.46 -21.14
O7 NAG R . -41.09 21.56 -26.35
C1 NAG R . -42.11 20.53 -20.42
C2 NAG R . -42.48 20.34 -18.95
C3 NAG R . -44.00 20.42 -18.77
C4 NAG R . -44.53 21.70 -19.38
C5 NAG R . -44.09 21.82 -20.84
C6 NAG R . -44.49 23.13 -21.48
C7 NAG R . -41.13 18.96 -17.43
C8 NAG R . -40.72 17.57 -17.04
N2 NAG R . -41.98 19.07 -18.45
O3 NAG R . -44.31 20.37 -17.38
O4 NAG R . -45.96 21.72 -19.33
O5 NAG R . -42.66 21.76 -20.90
O6 NAG R . -43.95 23.25 -22.79
O7 NAG R . -40.69 19.95 -16.84
C1 NAG S . -24.09 12.52 2.37
C2 NAG S . -23.69 13.97 2.15
C3 NAG S . -23.09 14.57 3.41
C4 NAG S . -24.04 14.38 4.58
C5 NAG S . -24.43 12.92 4.73
C6 NAG S . -25.46 12.68 5.80
C7 NAG S . -22.96 14.95 0.02
C8 NAG S . -21.90 14.95 -1.05
N2 NAG S . -22.77 14.10 1.02
O3 NAG S . -22.81 15.94 3.19
O4 NAG S . -23.43 14.82 5.80
O5 NAG S . -24.98 12.44 3.49
O6 NAG S . -26.77 12.98 5.33
O7 NAG S . -23.93 15.68 -0.04
C1 NAG S . -23.79 16.19 6.04
C2 NAG S . -23.68 16.49 7.54
C3 NAG S . -23.97 17.98 7.81
C4 NAG S . -23.08 18.86 6.94
C5 NAG S . -23.22 18.46 5.47
C6 NAG S . -22.29 19.21 4.56
C7 NAG S . -24.15 14.68 9.12
C8 NAG S . -25.22 13.91 9.84
N2 NAG S . -24.58 15.65 8.32
O3 NAG S . -23.75 18.26 9.19
O4 NAG S . -23.46 20.22 7.09
O5 NAG S . -22.93 17.07 5.31
O6 NAG S . -21.83 18.39 3.50
O7 NAG S . -22.96 14.43 9.27
C1 NAG T . 2.25 5.78 48.31
C2 NAG T . 3.41 6.45 49.04
C3 NAG T . 2.90 7.53 49.98
C4 NAG T . 2.00 8.52 49.24
C5 NAG T . 0.90 7.76 48.49
C6 NAG T . 0.05 8.65 47.61
C7 NAG T . 3.81 4.76 50.81
C8 NAG T . 4.81 3.81 51.39
N2 NAG T . 4.23 5.48 49.75
O3 NAG T . 4.00 8.22 50.55
O4 NAG T . 1.41 9.40 50.16
O5 NAG T . 1.48 6.76 47.63
O6 NAG T . 0.85 9.31 46.62
O7 NAG T . 2.68 4.88 51.27
C1 NAG T . 1.73 10.78 49.83
C2 NAG T . 1.01 11.68 50.85
C3 NAG T . 1.34 13.15 50.56
C4 NAG T . 2.85 13.36 50.51
C5 NAG T . 3.49 12.38 49.52
C6 NAG T . 5.00 12.45 49.52
C7 NAG T . -1.23 11.67 49.80
C8 NAG T . -2.68 11.36 50.02
N2 NAG T . -0.42 11.46 50.85
O3 NAG T . 0.77 13.96 51.59
O4 NAG T . 3.13 14.68 50.08
O5 NAG T . 3.13 11.03 49.88
O6 NAG T . 5.52 12.57 50.83
O7 NAG T . -0.82 12.08 48.72
C1 BMA T . 3.66 15.46 51.17
C2 BMA T . 3.94 16.89 50.64
C3 BMA T . 4.30 17.83 51.78
C4 BMA T . 3.32 17.71 52.95
C5 BMA T . 3.24 16.25 53.40
C6 BMA T . 2.28 16.04 54.55
O2 BMA T . 2.78 17.42 50.02
O3 BMA T . 4.35 19.19 51.33
O4 BMA T . 3.74 18.51 54.04
O5 BMA T . 2.77 15.47 52.28
O6 BMA T . 1.17 16.91 54.38
C1 NAG U . -37.07 -24.94 -21.08
C2 NAG U . -37.89 -26.13 -21.56
C3 NAG U . -37.16 -27.43 -21.24
C4 NAG U . -35.75 -27.40 -21.82
C5 NAG U . -35.02 -26.15 -21.35
C6 NAG U . -33.66 -25.98 -21.99
C7 NAG U . -40.34 -26.27 -21.68
C8 NAG U . -41.62 -26.25 -20.91
N2 NAG U . -39.22 -26.14 -20.96
O3 NAG U . -37.91 -28.52 -21.78
O4 NAG U . -35.02 -28.54 -21.39
O5 NAG U . -35.78 -24.97 -21.68
O6 NAG U . -33.67 -26.35 -23.36
O7 NAG U . -40.32 -26.40 -22.90
C1 NAG U . -35.14 -29.64 -22.32
C2 NAG U . -33.91 -30.54 -22.22
C3 NAG U . -34.07 -31.76 -23.13
C4 NAG U . -35.39 -32.47 -22.85
C5 NAG U . -36.55 -31.48 -22.95
C6 NAG U . -37.88 -32.09 -22.58
C7 NAG U . -31.68 -29.66 -21.69
C8 NAG U . -30.51 -28.88 -22.21
N2 NAG U . -32.70 -29.81 -22.55
O3 NAG U . -32.98 -32.65 -22.91
O4 NAG U . -35.58 -33.52 -23.79
O5 NAG U . -36.32 -30.39 -22.05
O6 NAG U . -38.91 -31.11 -22.56
O7 NAG U . -31.71 -30.12 -20.56
C1 NAG V . -1.80 -29.84 -26.81
C2 NAG V . -1.01 -30.44 -25.65
C3 NAG V . 0.49 -30.41 -25.96
C4 NAG V . 0.77 -31.08 -27.30
C5 NAG V . -0.08 -30.45 -28.39
C6 NAG V . 0.06 -31.15 -29.73
C7 NAG V . -1.57 -30.37 -23.26
C8 NAG V . -1.83 -29.49 -22.08
N2 NAG V . -1.29 -29.74 -24.41
O3 NAG V . 1.20 -31.08 -24.92
O4 NAG V . 2.15 -30.93 -27.63
O5 NAG V . -1.47 -30.53 -28.03
O6 NAG V . 1.35 -31.75 -29.86
O7 NAG V . -1.61 -31.59 -23.20
C1 NAG W . 21.33 -21.38 -13.98
C2 NAG W . 20.82 -21.36 -15.42
C3 NAG W . 21.94 -21.79 -16.38
C4 NAG W . 23.20 -20.96 -16.13
C5 NAG W . 23.58 -20.96 -14.66
C6 NAG W . 24.73 -20.03 -14.33
C7 NAG W . 19.59 -23.50 -15.36
C8 NAG W . 18.27 -24.16 -15.60
N2 NAG W . 19.65 -22.18 -15.60
O3 NAG W . 21.51 -21.63 -17.72
O4 NAG W . 24.28 -21.48 -16.90
O5 NAG W . 22.46 -20.53 -13.86
O6 NAG W . 24.48 -19.28 -13.16
O7 NAG W . 20.57 -24.14 -14.97
C1 NAG X . -4.40 27.03 -29.36
C2 NAG X . -2.99 27.30 -28.82
C3 NAG X . -3.01 28.49 -27.87
C4 NAG X . -3.64 29.70 -28.55
C5 NAG X . -5.02 29.34 -29.10
C6 NAG X . -5.65 30.46 -29.88
C7 NAG X . -1.24 25.64 -28.39
C8 NAG X . -0.84 24.42 -27.60
N2 NAG X . -2.45 26.12 -28.15
O3 NAG X . -1.68 28.80 -27.47
O4 NAG X . -3.78 30.77 -27.62
O5 NAG X . -4.91 28.22 -29.99
O6 NAG X . -5.14 31.73 -29.50
O7 NAG X . -0.48 26.16 -29.21
C1 NAG Y . 4.89 32.76 -3.91
C2 NAG Y . 3.61 33.10 -4.67
C3 NAG Y . 3.26 34.58 -4.50
C4 NAG Y . 3.21 34.94 -3.02
C5 NAG Y . 4.49 34.51 -2.31
C6 NAG Y . 4.44 34.72 -0.82
C7 NAG Y . 4.64 33.27 -6.92
C8 NAG Y . 4.59 32.76 -8.33
N2 NAG Y . 3.73 32.76 -6.08
O3 NAG Y . 2.01 34.84 -5.11
O4 NAG Y . 3.05 36.35 -2.88
O5 NAG Y . 4.73 33.11 -2.52
O6 NAG Y . 4.73 33.52 -0.11
O7 NAG Y . 5.48 34.10 -6.56
C1 NAG Z . -39.83 -1.65 4.87
C2 NAG Z . -39.32 -1.04 6.19
C3 NAG Z . -39.26 -2.12 7.26
C4 NAG Z . -40.61 -2.82 7.39
C5 NAG Z . -41.06 -3.35 6.03
C6 NAG Z . -42.45 -3.96 6.07
C7 NAG Z . -37.73 0.80 6.47
C8 NAG Z . -36.34 1.29 6.22
N2 NAG Z . -38.02 -0.43 6.02
O3 NAG Z . -38.90 -1.53 8.51
O4 NAG Z . -40.51 -3.91 8.31
O5 NAG Z . -41.09 -2.27 5.09
O6 NAG Z . -42.77 -4.43 7.37
O7 NAG Z . -38.56 1.49 7.07
C1 NAG AA . -21.25 -10.74 23.33
C2 NAG AA . -22.27 -11.43 22.42
C3 NAG AA . -23.04 -12.49 23.19
C4 NAG AA . -22.08 -13.45 23.88
C5 NAG AA . -21.06 -12.69 24.72
C6 NAG AA . -19.99 -13.57 25.31
C7 NAG AA . -23.98 -9.64 22.48
C8 NAG AA . -24.83 -8.72 21.65
N2 NAG AA . -23.17 -10.46 21.81
O3 NAG AA . -23.89 -13.19 22.30
O4 NAG AA . -22.80 -14.33 24.73
O5 NAG AA . -20.37 -11.73 23.89
O6 NAG AA . -18.68 -13.15 24.94
O7 NAG AA . -24.04 -9.65 23.72
#